data_4QYW
# 
_entry.id   4QYW 
# 
_audit_conform.dict_name       mmcif_pdbx.dic 
_audit_conform.dict_version    5.403 
_audit_conform.dict_location   http://mmcif.pdb.org/dictionaries/ascii/mmcif_pdbx.dic 
# 
loop_
_database_2.database_id 
_database_2.database_code 
_database_2.pdbx_database_accession 
_database_2.pdbx_DOI 
PDB   4QYW         pdb_00004qyw 10.2210/pdb4qyw/pdb 
RCSB  RCSB086687   ?            ?                   
WWPDB D_1000086687 ?            ?                   
# 
loop_
_pdbx_audit_revision_history.ordinal 
_pdbx_audit_revision_history.data_content_type 
_pdbx_audit_revision_history.major_revision 
_pdbx_audit_revision_history.minor_revision 
_pdbx_audit_revision_history.revision_date 
_pdbx_audit_revision_history.part_number 
1 'Structure model' 1 0 2015-08-19 ? 
2 'Structure model' 1 1 2019-07-17 ? 
3 'Structure model' 1 2 2025-03-26 ? 
# 
_pdbx_audit_revision_details.ordinal             1 
_pdbx_audit_revision_details.revision_ordinal    1 
_pdbx_audit_revision_details.data_content_type   'Structure model' 
_pdbx_audit_revision_details.provider            repository 
_pdbx_audit_revision_details.type                'Initial release' 
_pdbx_audit_revision_details.description         ? 
_pdbx_audit_revision_details.details             ? 
# 
loop_
_pdbx_audit_revision_group.ordinal 
_pdbx_audit_revision_group.revision_ordinal 
_pdbx_audit_revision_group.data_content_type 
_pdbx_audit_revision_group.group 
1 2 'Structure model' 'Data collection'        
2 2 'Structure model' 'Derived calculations'   
3 2 'Structure model' 'Refinement description' 
4 3 'Structure model' 'Data collection'        
5 3 'Structure model' 'Database references'    
6 3 'Structure model' 'Structure summary'      
# 
loop_
_pdbx_audit_revision_category.ordinal 
_pdbx_audit_revision_category.revision_ordinal 
_pdbx_audit_revision_category.data_content_type 
_pdbx_audit_revision_category.category 
1 2 'Structure model' software                  
2 2 'Structure model' struct_conn               
3 3 'Structure model' chem_comp_atom            
4 3 'Structure model' chem_comp_bond            
5 3 'Structure model' database_2                
6 3 'Structure model' pdbx_entry_details        
7 3 'Structure model' pdbx_modification_feature 
8 3 'Structure model' struct_ref_seq_dif        
# 
loop_
_pdbx_audit_revision_item.ordinal 
_pdbx_audit_revision_item.revision_ordinal 
_pdbx_audit_revision_item.data_content_type 
_pdbx_audit_revision_item.item 
1 2 'Structure model' '_software.classification'            
2 2 'Structure model' '_software.name'                      
3 2 'Structure model' '_software.version'                   
4 2 'Structure model' '_struct_conn.pdbx_leaving_atom_flag' 
5 3 'Structure model' '_database_2.pdbx_DOI'                
6 3 'Structure model' '_database_2.pdbx_database_accession' 
7 3 'Structure model' '_struct_ref_seq_dif.details'         
# 
_pdbx_database_status.status_code                     REL 
_pdbx_database_status.entry_id                        4QYW 
_pdbx_database_status.recvd_initial_deposition_date   2014-07-25 
_pdbx_database_status.deposit_site                    RCSB 
_pdbx_database_status.process_site                    RCSB 
_pdbx_database_status.status_code_sf                  REL 
_pdbx_database_status.status_code_mr                  ? 
_pdbx_database_status.SG_entry                        ? 
_pdbx_database_status.status_code_cs                  ? 
_pdbx_database_status.methods_development_category    ? 
_pdbx_database_status.pdb_format_compatible           Y 
_pdbx_database_status.status_code_nmr_data            ? 
# 
loop_
_audit_author.name 
_audit_author.pdbx_ordinal 
'Beyersdorf, M.S.' 1 
'Sircar, R.'       2 
'Crane, B.R.'      3 
'Halkides, C.J.'   4 
# 
_citation.id                        primary 
_citation.title                     
'Isolation, Phosphonomethylation, and Crystallization of phosphono-CheY from Thermotoga maritima' 
_citation.journal_abbrev            'To be Published' 
_citation.journal_volume            ? 
_citation.page_first                ? 
_citation.page_last                 ? 
_citation.year                      ? 
_citation.journal_id_ASTM           ? 
_citation.country                   ? 
_citation.journal_id_ISSN           ? 
_citation.journal_id_CSD            0353 
_citation.book_publisher            ? 
_citation.pdbx_database_id_PubMed   ? 
_citation.pdbx_database_id_DOI      ? 
# 
loop_
_citation_author.citation_id 
_citation_author.name 
_citation_author.ordinal 
_citation_author.identifier_ORCID 
primary 'Beyersdorf, M.S.' 1 ? 
primary 'Roebuck, J.A.'    2 ? 
primary 'Sircar, R.'       3 ? 
primary 'Pavlovsky, A.'    4 ? 
primary 'Crane, B.R.'      5 ? 
primary 'Halkides, C.J.'   6 ? 
# 
loop_
_entity.id 
_entity.type 
_entity.src_method 
_entity.pdbx_description 
_entity.formula_weight 
_entity.pdbx_number_of_molecules 
_entity.pdbx_ec 
_entity.pdbx_mutation 
_entity.pdbx_fragment 
_entity.details 
1 polymer man 'Chemotaxis protein CheY' 13153.555 1  ? 'D54(CYQ), C81A' ? ? 
2 water   nat water                     18.015    88 ? ?                ? ? 
# 
_entity_poly.entity_id                      1 
_entity_poly.type                           'polypeptide(L)' 
_entity_poly.nstd_linkage                   no 
_entity_poly.nstd_monomer                   yes 
_entity_poly.pdbx_seq_one_letter_code       
;GKRVLIVDDAAFMRMMLKDIITKAGYEVAGEATNGREAVEKYKELKPDIVTM(CYQ)ITMPEMNGIDAIKEIMKIDPNAK
IIVASAMGQQAMVIEAIKAGAKDFIVKPFQPSRVVEALNKVSK
;
_entity_poly.pdbx_seq_one_letter_code_can   
;GKRVLIVDDAAFMRMMLKDIITKAGYEVAGEATNGREAVEKYKELKPDIVTMCITMPEMNGIDAIKEIMKIDPNAKIIVA
SAMGQQAMVIEAIKAGAKDFIVKPFQPSRVVEALNKVSK
;
_entity_poly.pdbx_strand_id                 A 
_entity_poly.pdbx_target_identifier         ? 
# 
_pdbx_entity_nonpoly.entity_id   2 
_pdbx_entity_nonpoly.name        water 
_pdbx_entity_nonpoly.comp_id     HOH 
# 
loop_
_entity_poly_seq.entity_id 
_entity_poly_seq.num 
_entity_poly_seq.mon_id 
_entity_poly_seq.hetero 
1 1   GLY n 
1 2   LYS n 
1 3   ARG n 
1 4   VAL n 
1 5   LEU n 
1 6   ILE n 
1 7   VAL n 
1 8   ASP n 
1 9   ASP n 
1 10  ALA n 
1 11  ALA n 
1 12  PHE n 
1 13  MET n 
1 14  ARG n 
1 15  MET n 
1 16  MET n 
1 17  LEU n 
1 18  LYS n 
1 19  ASP n 
1 20  ILE n 
1 21  ILE n 
1 22  THR n 
1 23  LYS n 
1 24  ALA n 
1 25  GLY n 
1 26  TYR n 
1 27  GLU n 
1 28  VAL n 
1 29  ALA n 
1 30  GLY n 
1 31  GLU n 
1 32  ALA n 
1 33  THR n 
1 34  ASN n 
1 35  GLY n 
1 36  ARG n 
1 37  GLU n 
1 38  ALA n 
1 39  VAL n 
1 40  GLU n 
1 41  LYS n 
1 42  TYR n 
1 43  LYS n 
1 44  GLU n 
1 45  LEU n 
1 46  LYS n 
1 47  PRO n 
1 48  ASP n 
1 49  ILE n 
1 50  VAL n 
1 51  THR n 
1 52  MET n 
1 53  CYQ n 
1 54  ILE n 
1 55  THR n 
1 56  MET n 
1 57  PRO n 
1 58  GLU n 
1 59  MET n 
1 60  ASN n 
1 61  GLY n 
1 62  ILE n 
1 63  ASP n 
1 64  ALA n 
1 65  ILE n 
1 66  LYS n 
1 67  GLU n 
1 68  ILE n 
1 69  MET n 
1 70  LYS n 
1 71  ILE n 
1 72  ASP n 
1 73  PRO n 
1 74  ASN n 
1 75  ALA n 
1 76  LYS n 
1 77  ILE n 
1 78  ILE n 
1 79  VAL n 
1 80  ALA n 
1 81  SER n 
1 82  ALA n 
1 83  MET n 
1 84  GLY n 
1 85  GLN n 
1 86  GLN n 
1 87  ALA n 
1 88  MET n 
1 89  VAL n 
1 90  ILE n 
1 91  GLU n 
1 92  ALA n 
1 93  ILE n 
1 94  LYS n 
1 95  ALA n 
1 96  GLY n 
1 97  ALA n 
1 98  LYS n 
1 99  ASP n 
1 100 PHE n 
1 101 ILE n 
1 102 VAL n 
1 103 LYS n 
1 104 PRO n 
1 105 PHE n 
1 106 GLN n 
1 107 PRO n 
1 108 SER n 
1 109 ARG n 
1 110 VAL n 
1 111 VAL n 
1 112 GLU n 
1 113 ALA n 
1 114 LEU n 
1 115 ASN n 
1 116 LYS n 
1 117 VAL n 
1 118 SER n 
1 119 LYS n 
# 
_entity_src_gen.entity_id                          1 
_entity_src_gen.pdbx_src_id                        1 
_entity_src_gen.pdbx_alt_source_flag               sample 
_entity_src_gen.pdbx_seq_type                      ? 
_entity_src_gen.pdbx_beg_seq_num                   ? 
_entity_src_gen.pdbx_end_seq_num                   ? 
_entity_src_gen.gene_src_common_name               ? 
_entity_src_gen.gene_src_genus                     ? 
_entity_src_gen.pdbx_gene_src_gene                 'cheY, TM_0700' 
_entity_src_gen.gene_src_species                   ? 
_entity_src_gen.gene_src_strain                    ? 
_entity_src_gen.gene_src_tissue                    ? 
_entity_src_gen.gene_src_tissue_fraction           ? 
_entity_src_gen.gene_src_details                   ? 
_entity_src_gen.pdbx_gene_src_fragment             ? 
_entity_src_gen.pdbx_gene_src_scientific_name      'Thermotoga maritima' 
_entity_src_gen.pdbx_gene_src_ncbi_taxonomy_id     243274 
_entity_src_gen.pdbx_gene_src_variant              ? 
_entity_src_gen.pdbx_gene_src_cell_line            ? 
_entity_src_gen.pdbx_gene_src_atcc                 ? 
_entity_src_gen.pdbx_gene_src_organ                ? 
_entity_src_gen.pdbx_gene_src_organelle            ? 
_entity_src_gen.pdbx_gene_src_cell                 ? 
_entity_src_gen.pdbx_gene_src_cellular_location    ? 
_entity_src_gen.host_org_common_name               ? 
_entity_src_gen.pdbx_host_org_scientific_name      'Escherichia coli' 
_entity_src_gen.pdbx_host_org_ncbi_taxonomy_id     562 
_entity_src_gen.host_org_genus                     ? 
_entity_src_gen.pdbx_host_org_gene                 ? 
_entity_src_gen.pdbx_host_org_organ                ? 
_entity_src_gen.host_org_species                   ? 
_entity_src_gen.pdbx_host_org_tissue               ? 
_entity_src_gen.pdbx_host_org_tissue_fraction      ? 
_entity_src_gen.pdbx_host_org_strain               ? 
_entity_src_gen.pdbx_host_org_variant              ? 
_entity_src_gen.pdbx_host_org_cell_line            ? 
_entity_src_gen.pdbx_host_org_atcc                 ? 
_entity_src_gen.pdbx_host_org_culture_collection   ? 
_entity_src_gen.pdbx_host_org_cell                 ? 
_entity_src_gen.pdbx_host_org_organelle            ? 
_entity_src_gen.pdbx_host_org_cellular_location    ? 
_entity_src_gen.pdbx_host_org_vector_type          ? 
_entity_src_gen.pdbx_host_org_vector               ? 
_entity_src_gen.host_org_details                   ? 
_entity_src_gen.expression_system_id               ? 
_entity_src_gen.plasmid_name                       ? 
_entity_src_gen.plasmid_details                    ? 
_entity_src_gen.pdbx_description                   ? 
# 
loop_
_chem_comp.id 
_chem_comp.type 
_chem_comp.mon_nstd_flag 
_chem_comp.name 
_chem_comp.pdbx_synonyms 
_chem_comp.formula 
_chem_comp.formula_weight 
ALA 'L-peptide linking' y ALANINE                                            ?                          'C3 H7 N O2'      89.093  
ARG 'L-peptide linking' y ARGININE                                           ?                          'C6 H15 N4 O2 1'  175.209 
ASN 'L-peptide linking' y ASPARAGINE                                         ?                          'C4 H8 N2 O3'     132.118 
ASP 'L-peptide linking' y 'ASPARTIC ACID'                                    ?                          'C4 H7 N O4'      133.103 
CYQ 'L-peptide linking' n '2-AMINO-3-PHOSPHONOMETHYLSULFANYL-PROPIONIC ACID' 'S-METHYL PHOSPHOCYSTEINE' 'C4 H10 N O5 P S' 215.165 
CYS 'L-peptide linking' y CYSTEINE                                           ?                          'C3 H7 N O2 S'    121.158 
GLN 'L-peptide linking' y GLUTAMINE                                          ?                          'C5 H10 N2 O3'    146.144 
GLU 'L-peptide linking' y 'GLUTAMIC ACID'                                    ?                          'C5 H9 N O4'      147.129 
GLY 'peptide linking'   y GLYCINE                                            ?                          'C2 H5 N O2'      75.067  
HOH non-polymer         . WATER                                              ?                          'H2 O'            18.015  
ILE 'L-peptide linking' y ISOLEUCINE                                         ?                          'C6 H13 N O2'     131.173 
LEU 'L-peptide linking' y LEUCINE                                            ?                          'C6 H13 N O2'     131.173 
LYS 'L-peptide linking' y LYSINE                                             ?                          'C6 H15 N2 O2 1'  147.195 
MET 'L-peptide linking' y METHIONINE                                         ?                          'C5 H11 N O2 S'   149.211 
PHE 'L-peptide linking' y PHENYLALANINE                                      ?                          'C9 H11 N O2'     165.189 
PRO 'L-peptide linking' y PROLINE                                            ?                          'C5 H9 N O2'      115.130 
SER 'L-peptide linking' y SERINE                                             ?                          'C3 H7 N O3'      105.093 
THR 'L-peptide linking' y THREONINE                                          ?                          'C4 H9 N O3'      119.119 
TYR 'L-peptide linking' y TYROSINE                                           ?                          'C9 H11 N O3'     181.189 
VAL 'L-peptide linking' y VALINE                                             ?                          'C5 H11 N O2'     117.146 
# 
loop_
_pdbx_poly_seq_scheme.asym_id 
_pdbx_poly_seq_scheme.entity_id 
_pdbx_poly_seq_scheme.seq_id 
_pdbx_poly_seq_scheme.mon_id 
_pdbx_poly_seq_scheme.ndb_seq_num 
_pdbx_poly_seq_scheme.pdb_seq_num 
_pdbx_poly_seq_scheme.auth_seq_num 
_pdbx_poly_seq_scheme.pdb_mon_id 
_pdbx_poly_seq_scheme.auth_mon_id 
_pdbx_poly_seq_scheme.pdb_strand_id 
_pdbx_poly_seq_scheme.pdb_ins_code 
_pdbx_poly_seq_scheme.hetero 
A 1 1   GLY 1   2   2   GLY GLY A . n 
A 1 2   LYS 2   3   3   LYS LYS A . n 
A 1 3   ARG 3   4   4   ARG ARG A . n 
A 1 4   VAL 4   5   5   VAL VAL A . n 
A 1 5   LEU 5   6   6   LEU LEU A . n 
A 1 6   ILE 6   7   7   ILE ILE A . n 
A 1 7   VAL 7   8   8   VAL VAL A . n 
A 1 8   ASP 8   9   9   ASP ASP A . n 
A 1 9   ASP 9   10  10  ASP ASP A . n 
A 1 10  ALA 10  11  11  ALA ALA A . n 
A 1 11  ALA 11  12  12  ALA ALA A . n 
A 1 12  PHE 12  13  13  PHE PHE A . n 
A 1 13  MET 13  14  14  MET MET A . n 
A 1 14  ARG 14  15  15  ARG ARG A . n 
A 1 15  MET 15  16  16  MET MET A . n 
A 1 16  MET 16  17  17  MET MET A . n 
A 1 17  LEU 17  18  18  LEU LEU A . n 
A 1 18  LYS 18  19  19  LYS LYS A . n 
A 1 19  ASP 19  20  20  ASP ASP A . n 
A 1 20  ILE 20  21  21  ILE ILE A . n 
A 1 21  ILE 21  22  22  ILE ILE A . n 
A 1 22  THR 22  23  23  THR THR A . n 
A 1 23  LYS 23  24  24  LYS LYS A . n 
A 1 24  ALA 24  25  25  ALA ALA A . n 
A 1 25  GLY 25  26  26  GLY GLY A . n 
A 1 26  TYR 26  27  27  TYR TYR A . n 
A 1 27  GLU 27  28  28  GLU GLU A . n 
A 1 28  VAL 28  29  29  VAL VAL A . n 
A 1 29  ALA 29  30  30  ALA ALA A . n 
A 1 30  GLY 30  31  31  GLY GLY A . n 
A 1 31  GLU 31  32  32  GLU GLU A . n 
A 1 32  ALA 32  33  33  ALA ALA A . n 
A 1 33  THR 33  34  34  THR THR A . n 
A 1 34  ASN 34  35  35  ASN ASN A . n 
A 1 35  GLY 35  36  36  GLY GLY A . n 
A 1 36  ARG 36  37  37  ARG ARG A . n 
A 1 37  GLU 37  38  38  GLU GLU A . n 
A 1 38  ALA 38  39  39  ALA ALA A . n 
A 1 39  VAL 39  40  40  VAL VAL A . n 
A 1 40  GLU 40  41  41  GLU GLU A . n 
A 1 41  LYS 41  42  42  LYS LYS A . n 
A 1 42  TYR 42  43  43  TYR TYR A . n 
A 1 43  LYS 43  44  44  LYS LYS A . n 
A 1 44  GLU 44  45  45  GLU GLU A . n 
A 1 45  LEU 45  46  46  LEU LEU A . n 
A 1 46  LYS 46  47  47  LYS LYS A . n 
A 1 47  PRO 47  48  48  PRO PRO A . n 
A 1 48  ASP 48  49  49  ASP ASP A . n 
A 1 49  ILE 49  50  50  ILE ILE A . n 
A 1 50  VAL 50  51  51  VAL VAL A . n 
A 1 51  THR 51  52  52  THR THR A . n 
A 1 52  MET 52  53  53  MET MET A . n 
A 1 53  CYQ 53  54  54  CYQ CYQ A . n 
A 1 54  ILE 54  55  55  ILE ILE A . n 
A 1 55  THR 55  56  56  THR THR A . n 
A 1 56  MET 56  57  57  MET MET A . n 
A 1 57  PRO 57  58  58  PRO PRO A . n 
A 1 58  GLU 58  59  59  GLU GLU A . n 
A 1 59  MET 59  60  60  MET MET A . n 
A 1 60  ASN 60  61  61  ASN ASN A . n 
A 1 61  GLY 61  62  62  GLY GLY A . n 
A 1 62  ILE 62  63  63  ILE ILE A . n 
A 1 63  ASP 63  64  64  ASP ASP A . n 
A 1 64  ALA 64  65  65  ALA ALA A . n 
A 1 65  ILE 65  66  66  ILE ILE A . n 
A 1 66  LYS 66  67  67  LYS LYS A . n 
A 1 67  GLU 67  68  68  GLU GLU A . n 
A 1 68  ILE 68  69  69  ILE ILE A . n 
A 1 69  MET 69  70  70  MET MET A . n 
A 1 70  LYS 70  71  71  LYS LYS A . n 
A 1 71  ILE 71  72  72  ILE ILE A . n 
A 1 72  ASP 72  73  73  ASP ASP A . n 
A 1 73  PRO 73  74  74  PRO PRO A . n 
A 1 74  ASN 74  75  75  ASN ASN A . n 
A 1 75  ALA 75  76  76  ALA ALA A . n 
A 1 76  LYS 76  77  77  LYS LYS A . n 
A 1 77  ILE 77  78  78  ILE ILE A . n 
A 1 78  ILE 78  79  79  ILE ILE A . n 
A 1 79  VAL 79  80  80  VAL VAL A . n 
A 1 80  ALA 80  81  81  ALA ALA A . n 
A 1 81  SER 81  82  82  SER SER A . n 
A 1 82  ALA 82  83  83  ALA ALA A . n 
A 1 83  MET 83  84  84  MET MET A . n 
A 1 84  GLY 84  85  85  GLY GLY A . n 
A 1 85  GLN 85  86  86  GLN GLN A . n 
A 1 86  GLN 86  87  87  GLN GLN A . n 
A 1 87  ALA 87  88  88  ALA ALA A . n 
A 1 88  MET 88  89  89  MET MET A . n 
A 1 89  VAL 89  90  90  VAL VAL A . n 
A 1 90  ILE 90  91  91  ILE ILE A . n 
A 1 91  GLU 91  92  92  GLU GLU A . n 
A 1 92  ALA 92  93  93  ALA ALA A . n 
A 1 93  ILE 93  94  94  ILE ILE A . n 
A 1 94  LYS 94  95  95  LYS LYS A . n 
A 1 95  ALA 95  96  96  ALA ALA A . n 
A 1 96  GLY 96  97  97  GLY GLY A . n 
A 1 97  ALA 97  98  98  ALA ALA A . n 
A 1 98  LYS 98  99  99  LYS LYS A . n 
A 1 99  ASP 99  100 100 ASP ASP A . n 
A 1 100 PHE 100 101 101 PHE PHE A . n 
A 1 101 ILE 101 102 102 ILE ILE A . n 
A 1 102 VAL 102 103 103 VAL VAL A . n 
A 1 103 LYS 103 104 104 LYS LYS A . n 
A 1 104 PRO 104 105 105 PRO PRO A . n 
A 1 105 PHE 105 106 106 PHE PHE A . n 
A 1 106 GLN 106 107 107 GLN GLN A . n 
A 1 107 PRO 107 108 108 PRO PRO A . n 
A 1 108 SER 108 109 109 SER SER A . n 
A 1 109 ARG 109 110 110 ARG ARG A . n 
A 1 110 VAL 110 111 111 VAL VAL A . n 
A 1 111 VAL 111 112 112 VAL VAL A . n 
A 1 112 GLU 112 113 113 GLU GLU A . n 
A 1 113 ALA 113 114 114 ALA ALA A . n 
A 1 114 LEU 114 115 115 LEU LEU A . n 
A 1 115 ASN 115 116 116 ASN ASN A . n 
A 1 116 LYS 116 117 117 LYS LYS A . n 
A 1 117 VAL 117 118 118 VAL VAL A . n 
A 1 118 SER 118 119 119 SER SER A . n 
A 1 119 LYS 119 120 ?   ?   ?   A . n 
# 
loop_
_pdbx_nonpoly_scheme.asym_id 
_pdbx_nonpoly_scheme.entity_id 
_pdbx_nonpoly_scheme.mon_id 
_pdbx_nonpoly_scheme.ndb_seq_num 
_pdbx_nonpoly_scheme.pdb_seq_num 
_pdbx_nonpoly_scheme.auth_seq_num 
_pdbx_nonpoly_scheme.pdb_mon_id 
_pdbx_nonpoly_scheme.auth_mon_id 
_pdbx_nonpoly_scheme.pdb_strand_id 
_pdbx_nonpoly_scheme.pdb_ins_code 
B 2 HOH 1  201 1  HOH HOH A . 
B 2 HOH 2  202 2  HOH HOH A . 
B 2 HOH 3  203 3  HOH HOH A . 
B 2 HOH 4  204 4  HOH HOH A . 
B 2 HOH 5  205 5  HOH HOH A . 
B 2 HOH 6  206 6  HOH HOH A . 
B 2 HOH 7  207 7  HOH HOH A . 
B 2 HOH 8  208 8  HOH HOH A . 
B 2 HOH 9  209 9  HOH HOH A . 
B 2 HOH 10 210 10 HOH HOH A . 
B 2 HOH 11 211 11 HOH HOH A . 
B 2 HOH 12 212 12 HOH HOH A . 
B 2 HOH 13 213 13 HOH HOH A . 
B 2 HOH 14 214 14 HOH HOH A . 
B 2 HOH 15 215 16 HOH HOH A . 
B 2 HOH 16 216 17 HOH HOH A . 
B 2 HOH 17 217 18 HOH HOH A . 
B 2 HOH 18 218 19 HOH HOH A . 
B 2 HOH 19 219 20 HOH HOH A . 
B 2 HOH 20 220 21 HOH HOH A . 
B 2 HOH 21 221 22 HOH HOH A . 
B 2 HOH 22 222 23 HOH HOH A . 
B 2 HOH 23 223 24 HOH HOH A . 
B 2 HOH 24 224 25 HOH HOH A . 
B 2 HOH 25 225 26 HOH HOH A . 
B 2 HOH 26 226 27 HOH HOH A . 
B 2 HOH 27 227 29 HOH HOH A . 
B 2 HOH 28 228 30 HOH HOH A . 
B 2 HOH 29 229 31 HOH HOH A . 
B 2 HOH 30 230 32 HOH HOH A . 
B 2 HOH 31 231 33 HOH HOH A . 
B 2 HOH 32 232 35 HOH HOH A . 
B 2 HOH 33 233 36 HOH HOH A . 
B 2 HOH 34 234 37 HOH HOH A . 
B 2 HOH 35 235 38 HOH HOH A . 
B 2 HOH 36 236 39 HOH HOH A . 
B 2 HOH 37 237 40 HOH HOH A . 
B 2 HOH 38 238 41 HOH HOH A . 
B 2 HOH 39 239 42 HOH HOH A . 
B 2 HOH 40 240 43 HOH HOH A . 
B 2 HOH 41 241 44 HOH HOH A . 
B 2 HOH 42 242 45 HOH HOH A . 
B 2 HOH 43 243 46 HOH HOH A . 
B 2 HOH 44 244 47 HOH HOH A . 
B 2 HOH 45 245 48 HOH HOH A . 
B 2 HOH 46 246 49 HOH HOH A . 
B 2 HOH 47 247 50 HOH HOH A . 
B 2 HOH 48 248 51 HOH HOH A . 
B 2 HOH 49 249 52 HOH HOH A . 
B 2 HOH 50 250 53 HOH HOH A . 
B 2 HOH 51 251 54 HOH HOH A . 
B 2 HOH 52 252 55 HOH HOH A . 
B 2 HOH 53 253 56 HOH HOH A . 
B 2 HOH 54 254 57 HOH HOH A . 
B 2 HOH 55 255 58 HOH HOH A . 
B 2 HOH 56 256 59 HOH HOH A . 
B 2 HOH 57 257 60 HOH HOH A . 
B 2 HOH 58 258 61 HOH HOH A . 
B 2 HOH 59 259 62 HOH HOH A . 
B 2 HOH 60 260 63 HOH HOH A . 
B 2 HOH 61 261 64 HOH HOH A . 
B 2 HOH 62 262 65 HOH HOH A . 
B 2 HOH 63 263 66 HOH HOH A . 
B 2 HOH 64 264 67 HOH HOH A . 
B 2 HOH 65 265 68 HOH HOH A . 
B 2 HOH 66 266 69 HOH HOH A . 
B 2 HOH 67 267 70 HOH HOH A . 
B 2 HOH 68 268 71 HOH HOH A . 
B 2 HOH 69 269 72 HOH HOH A . 
B 2 HOH 70 270 73 HOH HOH A . 
B 2 HOH 71 271 74 HOH HOH A . 
B 2 HOH 72 272 75 HOH HOH A . 
B 2 HOH 73 273 76 HOH HOH A . 
B 2 HOH 74 274 77 HOH HOH A . 
B 2 HOH 75 275 78 HOH HOH A . 
B 2 HOH 76 276 79 HOH HOH A . 
B 2 HOH 77 277 80 HOH HOH A . 
B 2 HOH 78 278 81 HOH HOH A . 
B 2 HOH 79 279 82 HOH HOH A . 
B 2 HOH 80 280 83 HOH HOH A . 
B 2 HOH 81 281 84 HOH HOH A . 
B 2 HOH 82 282 85 HOH HOH A . 
B 2 HOH 83 283 86 HOH HOH A . 
B 2 HOH 84 284 87 HOH HOH A . 
B 2 HOH 85 285 88 HOH HOH A . 
B 2 HOH 86 286 89 HOH HOH A . 
B 2 HOH 87 287 90 HOH HOH A . 
B 2 HOH 88 288 91 HOH HOH A . 
# 
loop_
_software.name 
_software.classification 
_software.version 
_software.citation_id 
_software.pdbx_ordinal 
PHENIX   refinement        '(phenix.refine: 1.9_1692)' ? 1 
CNS      refinement        .                           ? 2 
HKL-2000 'data collection' .                           ? 3 
HKL-2000 'data reduction'  .                           ? 4 
HKL-2000 'data scaling'    .                           ? 5 
CNS      phasing           .                           ? 6 
# 
_cell.entry_id           4QYW 
_cell.length_a           49.729 
_cell.length_b           61.126 
_cell.length_c           33.285 
_cell.angle_alpha        90.00 
_cell.angle_beta         90.00 
_cell.angle_gamma        90.00 
_cell.Z_PDB              4 
_cell.pdbx_unique_axis   ? 
_cell.length_a_esd       ? 
_cell.length_b_esd       ? 
_cell.length_c_esd       ? 
_cell.angle_alpha_esd    ? 
_cell.angle_beta_esd     ? 
_cell.angle_gamma_esd    ? 
# 
_symmetry.entry_id                         4QYW 
_symmetry.space_group_name_H-M             'P 21 21 2' 
_symmetry.pdbx_full_space_group_name_H-M   ? 
_symmetry.cell_setting                     ? 
_symmetry.Int_Tables_number                18 
_symmetry.space_group_name_Hall            ? 
# 
_exptl.entry_id          4QYW 
_exptl.method            'X-RAY DIFFRACTION' 
_exptl.crystals_number   1 
# 
_exptl_crystal.id                    1 
_exptl_crystal.density_meas          ? 
_exptl_crystal.density_Matthews      1.92 
_exptl_crystal.density_percent_sol   36.04 
_exptl_crystal.description           ? 
_exptl_crystal.F_000                 ? 
_exptl_crystal.preparation           ? 
# 
_exptl_crystal_grow.crystal_id      1 
_exptl_crystal_grow.method          'VAPOR DIFFUSION, HANGING DROP' 
_exptl_crystal_grow.temp            298 
_exptl_crystal_grow.temp_details    ? 
_exptl_crystal_grow.pH              5.5 
_exptl_crystal_grow.pdbx_details    
;100mM acetate, pH 5.5, 350 uM Sc(ClO4)3, 0.02% azide, 150 mM sodium malonate, 19% PeEG 6000., VAPOR DIFFUSION, HANGING DROP, temperature 298K
;
_exptl_crystal_grow.pdbx_pH_range   ? 
# 
_diffrn.id                     1 
_diffrn.ambient_temp           100 
_diffrn.ambient_temp_details   ? 
_diffrn.crystal_id             1 
# 
_diffrn_detector.diffrn_id              1 
_diffrn_detector.detector               CCD 
_diffrn_detector.type                   'ADSC QUANTUM 210' 
_diffrn_detector.pdbx_collection_date   ? 
_diffrn_detector.details                ? 
# 
_diffrn_radiation.diffrn_id                        1 
_diffrn_radiation.wavelength_id                    1 
_diffrn_radiation.pdbx_monochromatic_or_laue_m_l   M 
_diffrn_radiation.monochromator                    'Si III channel' 
_diffrn_radiation.pdbx_diffrn_protocol             'SINGLE WAVELENGTH' 
_diffrn_radiation.pdbx_scattering_type             x-ray 
# 
_diffrn_radiation_wavelength.id           1 
_diffrn_radiation_wavelength.wavelength   0.97 
_diffrn_radiation_wavelength.wt           1.0 
# 
_diffrn_source.diffrn_id                   1 
_diffrn_source.source                      SYNCHROTRON 
_diffrn_source.type                        'CHESS BEAMLINE A1' 
_diffrn_source.pdbx_synchrotron_site       CHESS 
_diffrn_source.pdbx_synchrotron_beamline   A1 
_diffrn_source.pdbx_wavelength             ? 
_diffrn_source.pdbx_wavelength_list        0.97 
# 
_reflns.entry_id                     4QYW 
_reflns.observed_criterion_sigma_I   -3 
_reflns.observed_criterion_sigma_F   0.00 
_reflns.d_resolution_low             23.032 
_reflns.d_resolution_high            1.59 
_reflns.number_obs                   13499 
_reflns.number_all                   13650 
_reflns.percent_possible_obs         ? 
_reflns.pdbx_Rmerge_I_obs            ? 
_reflns.pdbx_Rsym_value              ? 
_reflns.pdbx_netI_over_sigmaI        ? 
_reflns.B_iso_Wilson_estimate        ? 
_reflns.pdbx_redundancy              ? 
_reflns.R_free_details               ? 
_reflns.limit_h_max                  ? 
_reflns.limit_h_min                  ? 
_reflns.limit_k_max                  ? 
_reflns.limit_k_min                  ? 
_reflns.limit_l_max                  ? 
_reflns.limit_l_min                  ? 
_reflns.observed_criterion_F_max     ? 
_reflns.observed_criterion_F_min     ? 
_reflns.pdbx_chi_squared             ? 
_reflns.pdbx_scaling_rejects         ? 
_reflns.pdbx_ordinal                 1 
_reflns.pdbx_diffrn_id               1 
# 
_refine.entry_id                                 4QYW 
_refine.ls_number_reflns_obs                     13499 
_refine.ls_number_reflns_all                     13649 
_refine.pdbx_ls_sigma_I                          -3 
_refine.pdbx_ls_sigma_F                          0.00 
_refine.pdbx_data_cutoff_high_absF               ? 
_refine.pdbx_data_cutoff_low_absF                ? 
_refine.pdbx_data_cutoff_high_rms_absF           ? 
_refine.ls_d_res_low                             23.032 
_refine.ls_d_res_high                            1.597 
_refine.ls_percent_reflns_obs                    96.30 
_refine.ls_R_factor_obs                          0.2232 
_refine.ls_R_factor_all                          0.050 
_refine.ls_R_factor_R_work                       0.2184 
_refine.ls_R_factor_R_free                       0.2677 
_refine.ls_R_factor_R_free_error                 ? 
_refine.ls_R_factor_R_free_error_details         ? 
_refine.ls_percent_reflns_R_free                 9.96 
_refine.ls_number_reflns_R_free                  1345 
_refine.ls_number_parameters                     ? 
_refine.ls_number_restraints                     ? 
_refine.occupancy_min                            ? 
_refine.occupancy_max                            ? 
_refine.correlation_coeff_Fo_to_Fc               ? 
_refine.correlation_coeff_Fo_to_Fc_free          ? 
_refine.B_iso_mean                               ? 
_refine.aniso_B[1][1]                            ? 
_refine.aniso_B[2][2]                            ? 
_refine.aniso_B[3][3]                            ? 
_refine.aniso_B[1][2]                            ? 
_refine.aniso_B[1][3]                            ? 
_refine.aniso_B[2][3]                            ? 
_refine.solvent_model_details                    'FLAT BULK SOLVENT MODEL' 
_refine.solvent_model_param_ksol                 ? 
_refine.solvent_model_param_bsol                 ? 
_refine.pdbx_solvent_vdw_probe_radii             1.11 
_refine.pdbx_solvent_ion_probe_radii             ? 
_refine.pdbx_solvent_shrinkage_radii             0.90 
_refine.pdbx_ls_cross_valid_method               ? 
_refine.details                                  ? 
_refine.pdbx_starting_model                      ? 
_refine.pdbx_method_to_determine_struct          'MOLECULAR REPLACEMENT' 
_refine.pdbx_isotropic_thermal_model             ? 
_refine.pdbx_stereochemistry_target_values       ML 
_refine.pdbx_stereochem_target_val_spec_case     ? 
_refine.pdbx_R_Free_selection_details            RANDOM 
_refine.pdbx_overall_ESU_R                       ? 
_refine.pdbx_overall_ESU_R_Free                  ? 
_refine.overall_SU_ML                            0.14 
_refine.pdbx_overall_phase_error                 28.49 
_refine.overall_SU_B                             ? 
_refine.overall_SU_R_Cruickshank_DPI             ? 
_refine.ls_redundancy_reflns_obs                 ? 
_refine.B_iso_min                                ? 
_refine.B_iso_max                                ? 
_refine.overall_SU_R_free                        ? 
_refine.ls_wR_factor_R_free                      ? 
_refine.ls_wR_factor_R_work                      ? 
_refine.overall_FOM_free_R_set                   ? 
_refine.overall_FOM_work_R_set                   ? 
_refine.pdbx_diffrn_id                           1 
_refine.pdbx_refine_id                           'X-RAY DIFFRACTION' 
_refine.pdbx_TLS_residual_ADP_flag               ? 
_refine.pdbx_overall_SU_R_free_Cruickshank_DPI   ? 
_refine.pdbx_overall_SU_R_Blow_DPI               ? 
_refine.pdbx_overall_SU_R_free_Blow_DPI          ? 
# 
_refine_hist.pdbx_refine_id                   'X-RAY DIFFRACTION' 
_refine_hist.cycle_id                         LAST 
_refine_hist.pdbx_number_atoms_protein        902 
_refine_hist.pdbx_number_atoms_nucleic_acid   0 
_refine_hist.pdbx_number_atoms_ligand         0 
_refine_hist.number_atoms_solvent             88 
_refine_hist.number_atoms_total               990 
_refine_hist.d_res_high                       1.597 
_refine_hist.d_res_low                        23.032 
# 
loop_
_refine_ls_restr.type 
_refine_ls_restr.dev_ideal 
_refine_ls_restr.dev_ideal_target 
_refine_ls_restr.weight 
_refine_ls_restr.number 
_refine_ls_restr.pdbx_restraint_function 
_refine_ls_restr.pdbx_refine_id 
f_bond_d           0.006  ? ? 916  ? 'X-RAY DIFFRACTION' 
f_angle_d          1.057  ? ? 1231 ? 'X-RAY DIFFRACTION' 
f_dihedral_angle_d 14.169 ? ? 359  ? 'X-RAY DIFFRACTION' 
f_chiral_restr     0.046  ? ? 144  ? 'X-RAY DIFFRACTION' 
f_plane_restr      0.004  ? ? 154  ? 'X-RAY DIFFRACTION' 
# 
loop_
_refine_ls_shell.pdbx_total_number_of_bins_used 
_refine_ls_shell.d_res_high 
_refine_ls_shell.d_res_low 
_refine_ls_shell.number_reflns_R_work 
_refine_ls_shell.R_factor_R_work 
_refine_ls_shell.percent_reflns_obs 
_refine_ls_shell.R_factor_R_free 
_refine_ls_shell.R_factor_R_free_error 
_refine_ls_shell.percent_reflns_R_free 
_refine_ls_shell.number_reflns_R_free 
_refine_ls_shell.number_reflns_all 
_refine_ls_shell.R_factor_all 
_refine_ls_shell.number_reflns_obs 
_refine_ls_shell.redundancy_reflns_obs 
_refine_ls_shell.pdbx_refine_id 
. 1.5974 1.6545  1114 0.2405 90.00  0.3202 . . 120 . . . . 'X-RAY DIFFRACTION' 
. 1.6545 1.7207  1186 0.2413 95.00  0.2905 . . 127 . . . . 'X-RAY DIFFRACTION' 
. 1.7207 1.7990  1178 0.2330 96.00  0.2835 . . 132 . . . . 'X-RAY DIFFRACTION' 
. 1.7990 1.8938  1185 0.2423 96.00  0.2919 . . 133 . . . . 'X-RAY DIFFRACTION' 
. 1.8938 2.0124  1237 0.2353 99.00  0.3107 . . 136 . . . . 'X-RAY DIFFRACTION' 
. 2.0124 2.1676  1245 0.2197 99.00  0.2603 . . 140 . . . . 'X-RAY DIFFRACTION' 
. 2.1676 2.3856  1270 0.2159 100.00 0.2524 . . 141 . . . . 'X-RAY DIFFRACTION' 
. 2.3856 2.7303  1243 0.2265 100.00 0.2753 . . 138 . . . . 'X-RAY DIFFRACTION' 
. 2.7303 3.4380  1286 0.2174 100.00 0.2772 . . 144 . . . . 'X-RAY DIFFRACTION' 
. 3.4380 23.0343 1210 0.2055 89.00  0.2488 . . 134 . . . . 'X-RAY DIFFRACTION' 
# 
_struct.entry_id                  4QYW 
_struct.title                     'Structure of phosphono-CheY from T.maritima' 
_struct.pdbx_model_details        ? 
_struct.pdbx_CASP_flag            ? 
_struct.pdbx_model_type_details   ? 
# 
_struct_keywords.entry_id        4QYW 
_struct_keywords.pdbx_keywords   'SIGNALING PROTEIN' 
_struct_keywords.text            'phosphono-CheY, alpha beta globular protein, SIGNALING PROTEIN' 
# 
loop_
_struct_asym.id 
_struct_asym.pdbx_blank_PDB_chainid_flag 
_struct_asym.pdbx_modified 
_struct_asym.entity_id 
_struct_asym.details 
A N N 1 ? 
B N N 2 ? 
# 
_struct_ref.id                         1 
_struct_ref.db_name                    UNP 
_struct_ref.db_code                    CHEY_THEMA 
_struct_ref.pdbx_db_accession          Q56312 
_struct_ref.entity_id                  1 
_struct_ref.pdbx_seq_one_letter_code   
;GKRVLIVDDAAFMRMMLKDIITKAGYEVAGEATNGREAVEKYKELKPDIVTMDITMPEMNGIDAIKEIMKIDPNAKIIVC
SAMGQQAMVIEAIKAGAKDFIVKPFQPSRVVEALNKVSK
;
_struct_ref.pdbx_align_begin           2 
_struct_ref.pdbx_db_isoform            ? 
# 
_struct_ref_seq.align_id                      1 
_struct_ref_seq.ref_id                        1 
_struct_ref_seq.pdbx_PDB_id_code              4QYW 
_struct_ref_seq.pdbx_strand_id                A 
_struct_ref_seq.seq_align_beg                 1 
_struct_ref_seq.pdbx_seq_align_beg_ins_code   ? 
_struct_ref_seq.seq_align_end                 119 
_struct_ref_seq.pdbx_seq_align_end_ins_code   ? 
_struct_ref_seq.pdbx_db_accession             Q56312 
_struct_ref_seq.db_align_beg                  2 
_struct_ref_seq.pdbx_db_align_beg_ins_code    ? 
_struct_ref_seq.db_align_end                  120 
_struct_ref_seq.pdbx_db_align_end_ins_code    ? 
_struct_ref_seq.pdbx_auth_seq_align_beg       2 
_struct_ref_seq.pdbx_auth_seq_align_end       120 
# 
loop_
_struct_ref_seq_dif.align_id 
_struct_ref_seq_dif.pdbx_pdb_id_code 
_struct_ref_seq_dif.mon_id 
_struct_ref_seq_dif.pdbx_pdb_strand_id 
_struct_ref_seq_dif.seq_num 
_struct_ref_seq_dif.pdbx_pdb_ins_code 
_struct_ref_seq_dif.pdbx_seq_db_name 
_struct_ref_seq_dif.pdbx_seq_db_accession_code 
_struct_ref_seq_dif.db_mon_id 
_struct_ref_seq_dif.pdbx_seq_db_seq_num 
_struct_ref_seq_dif.details 
_struct_ref_seq_dif.pdbx_auth_seq_num 
_struct_ref_seq_dif.pdbx_ordinal 
1 4QYW CYQ A 53 ? UNP Q56312 ASP 54 'engineered mutation' 54 1 
1 4QYW ALA A 80 ? UNP Q56312 CYS 81 'engineered mutation' 81 2 
# 
_pdbx_struct_assembly.id                   1 
_pdbx_struct_assembly.details              author_and_software_defined_assembly 
_pdbx_struct_assembly.method_details       PISA 
_pdbx_struct_assembly.oligomeric_details   monomeric 
_pdbx_struct_assembly.oligomeric_count     1 
# 
_pdbx_struct_assembly_gen.assembly_id       1 
_pdbx_struct_assembly_gen.oper_expression   1 
_pdbx_struct_assembly_gen.asym_id_list      A,B 
# 
_pdbx_struct_oper_list.id                   1 
_pdbx_struct_oper_list.type                 'identity operation' 
_pdbx_struct_oper_list.name                 1_555 
_pdbx_struct_oper_list.symmetry_operation   x,y,z 
_pdbx_struct_oper_list.matrix[1][1]         1.0000000000 
_pdbx_struct_oper_list.matrix[1][2]         0.0000000000 
_pdbx_struct_oper_list.matrix[1][3]         0.0000000000 
_pdbx_struct_oper_list.vector[1]            0.0000000000 
_pdbx_struct_oper_list.matrix[2][1]         0.0000000000 
_pdbx_struct_oper_list.matrix[2][2]         1.0000000000 
_pdbx_struct_oper_list.matrix[2][3]         0.0000000000 
_pdbx_struct_oper_list.vector[2]            0.0000000000 
_pdbx_struct_oper_list.matrix[3][1]         0.0000000000 
_pdbx_struct_oper_list.matrix[3][2]         0.0000000000 
_pdbx_struct_oper_list.matrix[3][3]         1.0000000000 
_pdbx_struct_oper_list.vector[3]            0.0000000000 
# 
_struct_biol.id        1 
_struct_biol.details   ? 
# 
loop_
_struct_conf.conf_type_id 
_struct_conf.id 
_struct_conf.pdbx_PDB_helix_id 
_struct_conf.beg_label_comp_id 
_struct_conf.beg_label_asym_id 
_struct_conf.beg_label_seq_id 
_struct_conf.pdbx_beg_PDB_ins_code 
_struct_conf.end_label_comp_id 
_struct_conf.end_label_asym_id 
_struct_conf.end_label_seq_id 
_struct_conf.pdbx_end_PDB_ins_code 
_struct_conf.beg_auth_comp_id 
_struct_conf.beg_auth_asym_id 
_struct_conf.beg_auth_seq_id 
_struct_conf.end_auth_comp_id 
_struct_conf.end_auth_asym_id 
_struct_conf.end_auth_seq_id 
_struct_conf.pdbx_PDB_helix_class 
_struct_conf.details 
_struct_conf.pdbx_PDB_helix_length 
HELX_P HELX_P1 1 ALA A 10  ? ALA A 24  ? ALA A 11  ALA A 25  1 ? 15 
HELX_P HELX_P2 2 ASN A 34  ? LYS A 46  ? ASN A 35  LYS A 47  1 ? 13 
HELX_P HELX_P3 3 ASN A 60  ? ASP A 72  ? ASN A 61  ASP A 73  1 ? 13 
HELX_P HELX_P4 4 GLN A 85  ? ALA A 95  ? GLN A 86  ALA A 96  1 ? 11 
HELX_P HELX_P5 5 GLN A 106 ? SER A 118 ? GLN A 107 SER A 119 1 ? 13 
# 
_struct_conf_type.id          HELX_P 
_struct_conf_type.criteria    ? 
_struct_conf_type.reference   ? 
# 
loop_
_struct_conn.id 
_struct_conn.conn_type_id 
_struct_conn.pdbx_leaving_atom_flag 
_struct_conn.pdbx_PDB_id 
_struct_conn.ptnr1_label_asym_id 
_struct_conn.ptnr1_label_comp_id 
_struct_conn.ptnr1_label_seq_id 
_struct_conn.ptnr1_label_atom_id 
_struct_conn.pdbx_ptnr1_label_alt_id 
_struct_conn.pdbx_ptnr1_PDB_ins_code 
_struct_conn.pdbx_ptnr1_standard_comp_id 
_struct_conn.ptnr1_symmetry 
_struct_conn.ptnr2_label_asym_id 
_struct_conn.ptnr2_label_comp_id 
_struct_conn.ptnr2_label_seq_id 
_struct_conn.ptnr2_label_atom_id 
_struct_conn.pdbx_ptnr2_label_alt_id 
_struct_conn.pdbx_ptnr2_PDB_ins_code 
_struct_conn.ptnr1_auth_asym_id 
_struct_conn.ptnr1_auth_comp_id 
_struct_conn.ptnr1_auth_seq_id 
_struct_conn.ptnr2_auth_asym_id 
_struct_conn.ptnr2_auth_comp_id 
_struct_conn.ptnr2_auth_seq_id 
_struct_conn.ptnr2_symmetry 
_struct_conn.pdbx_ptnr3_label_atom_id 
_struct_conn.pdbx_ptnr3_label_seq_id 
_struct_conn.pdbx_ptnr3_label_comp_id 
_struct_conn.pdbx_ptnr3_label_asym_id 
_struct_conn.pdbx_ptnr3_label_alt_id 
_struct_conn.pdbx_ptnr3_PDB_ins_code 
_struct_conn.details 
_struct_conn.pdbx_dist_value 
_struct_conn.pdbx_value_order 
_struct_conn.pdbx_role 
covale1 covale both ? A MET 52 C ? ? ? 1_555 A CYQ 53 N ? ? A MET 53 A CYQ 54 1_555 ? ? ? ? ? ? ? 1.330 ? ? 
covale2 covale both ? A CYQ 53 C ? ? ? 1_555 A ILE 54 N ? ? A CYQ 54 A ILE 55 1_555 ? ? ? ? ? ? ? 1.332 ? ? 
# 
_struct_conn_type.id          covale 
_struct_conn_type.criteria    ? 
_struct_conn_type.reference   ? 
# 
_struct_mon_prot_cis.pdbx_id                1 
_struct_mon_prot_cis.label_comp_id          LYS 
_struct_mon_prot_cis.label_seq_id           103 
_struct_mon_prot_cis.label_asym_id          A 
_struct_mon_prot_cis.label_alt_id           . 
_struct_mon_prot_cis.pdbx_PDB_ins_code      ? 
_struct_mon_prot_cis.auth_comp_id           LYS 
_struct_mon_prot_cis.auth_seq_id            104 
_struct_mon_prot_cis.auth_asym_id           A 
_struct_mon_prot_cis.pdbx_label_comp_id_2   PRO 
_struct_mon_prot_cis.pdbx_label_seq_id_2    104 
_struct_mon_prot_cis.pdbx_label_asym_id_2   A 
_struct_mon_prot_cis.pdbx_PDB_ins_code_2    ? 
_struct_mon_prot_cis.pdbx_auth_comp_id_2    PRO 
_struct_mon_prot_cis.pdbx_auth_seq_id_2     105 
_struct_mon_prot_cis.pdbx_auth_asym_id_2    A 
_struct_mon_prot_cis.pdbx_PDB_model_num     1 
_struct_mon_prot_cis.pdbx_omega_angle       -5.38 
# 
_struct_sheet.id               A 
_struct_sheet.type             ? 
_struct_sheet.number_strands   5 
_struct_sheet.details          ? 
# 
loop_
_struct_sheet_order.sheet_id 
_struct_sheet_order.range_id_1 
_struct_sheet_order.range_id_2 
_struct_sheet_order.offset 
_struct_sheet_order.sense 
A 1 2 ? parallel 
A 2 3 ? parallel 
A 3 4 ? parallel 
A 4 5 ? parallel 
# 
loop_
_struct_sheet_range.sheet_id 
_struct_sheet_range.id 
_struct_sheet_range.beg_label_comp_id 
_struct_sheet_range.beg_label_asym_id 
_struct_sheet_range.beg_label_seq_id 
_struct_sheet_range.pdbx_beg_PDB_ins_code 
_struct_sheet_range.end_label_comp_id 
_struct_sheet_range.end_label_asym_id 
_struct_sheet_range.end_label_seq_id 
_struct_sheet_range.pdbx_end_PDB_ins_code 
_struct_sheet_range.beg_auth_comp_id 
_struct_sheet_range.beg_auth_asym_id 
_struct_sheet_range.beg_auth_seq_id 
_struct_sheet_range.end_auth_comp_id 
_struct_sheet_range.end_auth_asym_id 
_struct_sheet_range.end_auth_seq_id 
A 1 GLU A 27 ? ALA A 32  ? GLU A 28  ALA A 33  
A 2 ARG A 3  ? VAL A 7   ? ARG A 4   VAL A 8   
A 3 ILE A 49 ? CYQ A 53  ? ILE A 50  CYQ A 54  
A 4 ILE A 77 ? ALA A 82  ? ILE A 78  ALA A 83  
A 5 ASP A 99 ? LYS A 103 ? ASP A 100 LYS A 104 
# 
loop_
_pdbx_struct_sheet_hbond.sheet_id 
_pdbx_struct_sheet_hbond.range_id_1 
_pdbx_struct_sheet_hbond.range_id_2 
_pdbx_struct_sheet_hbond.range_1_label_atom_id 
_pdbx_struct_sheet_hbond.range_1_label_comp_id 
_pdbx_struct_sheet_hbond.range_1_label_asym_id 
_pdbx_struct_sheet_hbond.range_1_label_seq_id 
_pdbx_struct_sheet_hbond.range_1_PDB_ins_code 
_pdbx_struct_sheet_hbond.range_1_auth_atom_id 
_pdbx_struct_sheet_hbond.range_1_auth_comp_id 
_pdbx_struct_sheet_hbond.range_1_auth_asym_id 
_pdbx_struct_sheet_hbond.range_1_auth_seq_id 
_pdbx_struct_sheet_hbond.range_2_label_atom_id 
_pdbx_struct_sheet_hbond.range_2_label_comp_id 
_pdbx_struct_sheet_hbond.range_2_label_asym_id 
_pdbx_struct_sheet_hbond.range_2_label_seq_id 
_pdbx_struct_sheet_hbond.range_2_PDB_ins_code 
_pdbx_struct_sheet_hbond.range_2_auth_atom_id 
_pdbx_struct_sheet_hbond.range_2_auth_comp_id 
_pdbx_struct_sheet_hbond.range_2_auth_asym_id 
_pdbx_struct_sheet_hbond.range_2_auth_seq_id 
A 1 2 O GLU A 27 ? O GLU A 28 N VAL A 4   ? N VAL A 5   
A 2 3 N LEU A 5  ? N LEU A 6  O THR A 51  ? O THR A 52  
A 3 4 N VAL A 50 ? N VAL A 51 O ILE A 78  ? O ILE A 79  
A 4 5 N SER A 81 ? N SER A 82 O LYS A 103 ? O LYS A 104 
# 
_pdbx_entry_details.entry_id                   4QYW 
_pdbx_entry_details.compound_details           ? 
_pdbx_entry_details.source_details             ? 
_pdbx_entry_details.nonpolymer_details         ? 
_pdbx_entry_details.sequence_details           ? 
_pdbx_entry_details.has_ligand_of_interest     ? 
_pdbx_entry_details.has_protein_modification   Y 
# 
_pdbx_validate_close_contact.id               1 
_pdbx_validate_close_contact.PDB_model_num    1 
_pdbx_validate_close_contact.auth_atom_id_1   OD1 
_pdbx_validate_close_contact.auth_asym_id_1   A 
_pdbx_validate_close_contact.auth_comp_id_1   ASP 
_pdbx_validate_close_contact.auth_seq_id_1    10 
_pdbx_validate_close_contact.PDB_ins_code_1   ? 
_pdbx_validate_close_contact.label_alt_id_1   ? 
_pdbx_validate_close_contact.auth_atom_id_2   O2P 
_pdbx_validate_close_contact.auth_asym_id_2   A 
_pdbx_validate_close_contact.auth_comp_id_2   CYQ 
_pdbx_validate_close_contact.auth_seq_id_2    54 
_pdbx_validate_close_contact.PDB_ins_code_2   ? 
_pdbx_validate_close_contact.label_alt_id_2   A 
_pdbx_validate_close_contact.dist             2.15 
# 
_pdbx_validate_symm_contact.id                1 
_pdbx_validate_symm_contact.PDB_model_num     1 
_pdbx_validate_symm_contact.auth_atom_id_1    O 
_pdbx_validate_symm_contact.auth_asym_id_1    A 
_pdbx_validate_symm_contact.auth_comp_id_1    HOH 
_pdbx_validate_symm_contact.auth_seq_id_1     285 
_pdbx_validate_symm_contact.PDB_ins_code_1    ? 
_pdbx_validate_symm_contact.label_alt_id_1    ? 
_pdbx_validate_symm_contact.site_symmetry_1   1_555 
_pdbx_validate_symm_contact.auth_atom_id_2    O 
_pdbx_validate_symm_contact.auth_asym_id_2    A 
_pdbx_validate_symm_contact.auth_comp_id_2    HOH 
_pdbx_validate_symm_contact.auth_seq_id_2     285 
_pdbx_validate_symm_contact.PDB_ins_code_2    ? 
_pdbx_validate_symm_contact.label_alt_id_2    ? 
_pdbx_validate_symm_contact.site_symmetry_2   2_995 
_pdbx_validate_symm_contact.dist              2.19 
# 
loop_
_pdbx_validate_torsion.id 
_pdbx_validate_torsion.PDB_model_num 
_pdbx_validate_torsion.auth_comp_id 
_pdbx_validate_torsion.auth_asym_id 
_pdbx_validate_torsion.auth_seq_id 
_pdbx_validate_torsion.PDB_ins_code 
_pdbx_validate_torsion.label_alt_id 
_pdbx_validate_torsion.phi 
_pdbx_validate_torsion.psi 
1 1 LYS A 47 ? ? 38.28 66.53  
2 1 GLU A 59 ? ? 64.16 -38.19 
# 
_pdbx_struct_mod_residue.id               1 
_pdbx_struct_mod_residue.label_asym_id    A 
_pdbx_struct_mod_residue.label_comp_id    CYQ 
_pdbx_struct_mod_residue.label_seq_id     53 
_pdbx_struct_mod_residue.auth_asym_id     A 
_pdbx_struct_mod_residue.auth_comp_id     CYQ 
_pdbx_struct_mod_residue.auth_seq_id      54 
_pdbx_struct_mod_residue.PDB_ins_code     ? 
_pdbx_struct_mod_residue.parent_comp_id   CYS 
_pdbx_struct_mod_residue.details          ? 
# 
loop_
_pdbx_struct_special_symmetry.id 
_pdbx_struct_special_symmetry.PDB_model_num 
_pdbx_struct_special_symmetry.auth_asym_id 
_pdbx_struct_special_symmetry.auth_comp_id 
_pdbx_struct_special_symmetry.auth_seq_id 
_pdbx_struct_special_symmetry.PDB_ins_code 
_pdbx_struct_special_symmetry.label_asym_id 
_pdbx_struct_special_symmetry.label_comp_id 
_pdbx_struct_special_symmetry.label_seq_id 
1 1 A HOH 218 ? B HOH . 
2 1 A HOH 269 ? B HOH . 
# 
_pdbx_unobs_or_zero_occ_residues.id               1 
_pdbx_unobs_or_zero_occ_residues.PDB_model_num    1 
_pdbx_unobs_or_zero_occ_residues.polymer_flag     Y 
_pdbx_unobs_or_zero_occ_residues.occupancy_flag   1 
_pdbx_unobs_or_zero_occ_residues.auth_asym_id     A 
_pdbx_unobs_or_zero_occ_residues.auth_comp_id     LYS 
_pdbx_unobs_or_zero_occ_residues.auth_seq_id      120 
_pdbx_unobs_or_zero_occ_residues.PDB_ins_code     ? 
_pdbx_unobs_or_zero_occ_residues.label_asym_id    A 
_pdbx_unobs_or_zero_occ_residues.label_comp_id    LYS 
_pdbx_unobs_or_zero_occ_residues.label_seq_id     119 
# 
loop_
_chem_comp_atom.comp_id 
_chem_comp_atom.atom_id 
_chem_comp_atom.type_symbol 
_chem_comp_atom.pdbx_aromatic_flag 
_chem_comp_atom.pdbx_stereo_config 
_chem_comp_atom.pdbx_ordinal 
ALA N    N N N 1   
ALA CA   C N S 2   
ALA C    C N N 3   
ALA O    O N N 4   
ALA CB   C N N 5   
ALA OXT  O N N 6   
ALA H    H N N 7   
ALA H2   H N N 8   
ALA HA   H N N 9   
ALA HB1  H N N 10  
ALA HB2  H N N 11  
ALA HB3  H N N 12  
ALA HXT  H N N 13  
ARG N    N N N 14  
ARG CA   C N S 15  
ARG C    C N N 16  
ARG O    O N N 17  
ARG CB   C N N 18  
ARG CG   C N N 19  
ARG CD   C N N 20  
ARG NE   N N N 21  
ARG CZ   C N N 22  
ARG NH1  N N N 23  
ARG NH2  N N N 24  
ARG OXT  O N N 25  
ARG H    H N N 26  
ARG H2   H N N 27  
ARG HA   H N N 28  
ARG HB2  H N N 29  
ARG HB3  H N N 30  
ARG HG2  H N N 31  
ARG HG3  H N N 32  
ARG HD2  H N N 33  
ARG HD3  H N N 34  
ARG HE   H N N 35  
ARG HH11 H N N 36  
ARG HH12 H N N 37  
ARG HH21 H N N 38  
ARG HH22 H N N 39  
ARG HXT  H N N 40  
ASN N    N N N 41  
ASN CA   C N S 42  
ASN C    C N N 43  
ASN O    O N N 44  
ASN CB   C N N 45  
ASN CG   C N N 46  
ASN OD1  O N N 47  
ASN ND2  N N N 48  
ASN OXT  O N N 49  
ASN H    H N N 50  
ASN H2   H N N 51  
ASN HA   H N N 52  
ASN HB2  H N N 53  
ASN HB3  H N N 54  
ASN HD21 H N N 55  
ASN HD22 H N N 56  
ASN HXT  H N N 57  
ASP N    N N N 58  
ASP CA   C N S 59  
ASP C    C N N 60  
ASP O    O N N 61  
ASP CB   C N N 62  
ASP CG   C N N 63  
ASP OD1  O N N 64  
ASP OD2  O N N 65  
ASP OXT  O N N 66  
ASP H    H N N 67  
ASP H2   H N N 68  
ASP HA   H N N 69  
ASP HB2  H N N 70  
ASP HB3  H N N 71  
ASP HD2  H N N 72  
ASP HXT  H N N 73  
CYQ N    N N N 74  
CYQ CA   C N R 75  
CYQ CB   C N N 76  
CYQ SG   S N N 77  
CYQ CD   C N N 78  
CYQ C    C N N 79  
CYQ O    O N N 80  
CYQ OXT  O N N 81  
CYQ P    P N N 82  
CYQ O1P  O N N 83  
CYQ O2P  O N N 84  
CYQ O3P  O N N 85  
CYQ H    H N N 86  
CYQ H2   H N N 87  
CYQ HA   H N N 88  
CYQ HB2  H N N 89  
CYQ HB3  H N N 90  
CYQ HD2  H N N 91  
CYQ HD3  H N N 92  
CYQ HXT  H N N 93  
CYQ HOP2 H N N 94  
CYQ HOP3 H N N 95  
CYS N    N N N 96  
CYS CA   C N R 97  
CYS C    C N N 98  
CYS O    O N N 99  
CYS CB   C N N 100 
CYS SG   S N N 101 
CYS OXT  O N N 102 
CYS H    H N N 103 
CYS H2   H N N 104 
CYS HA   H N N 105 
CYS HB2  H N N 106 
CYS HB3  H N N 107 
CYS HG   H N N 108 
CYS HXT  H N N 109 
GLN N    N N N 110 
GLN CA   C N S 111 
GLN C    C N N 112 
GLN O    O N N 113 
GLN CB   C N N 114 
GLN CG   C N N 115 
GLN CD   C N N 116 
GLN OE1  O N N 117 
GLN NE2  N N N 118 
GLN OXT  O N N 119 
GLN H    H N N 120 
GLN H2   H N N 121 
GLN HA   H N N 122 
GLN HB2  H N N 123 
GLN HB3  H N N 124 
GLN HG2  H N N 125 
GLN HG3  H N N 126 
GLN HE21 H N N 127 
GLN HE22 H N N 128 
GLN HXT  H N N 129 
GLU N    N N N 130 
GLU CA   C N S 131 
GLU C    C N N 132 
GLU O    O N N 133 
GLU CB   C N N 134 
GLU CG   C N N 135 
GLU CD   C N N 136 
GLU OE1  O N N 137 
GLU OE2  O N N 138 
GLU OXT  O N N 139 
GLU H    H N N 140 
GLU H2   H N N 141 
GLU HA   H N N 142 
GLU HB2  H N N 143 
GLU HB3  H N N 144 
GLU HG2  H N N 145 
GLU HG3  H N N 146 
GLU HE2  H N N 147 
GLU HXT  H N N 148 
GLY N    N N N 149 
GLY CA   C N N 150 
GLY C    C N N 151 
GLY O    O N N 152 
GLY OXT  O N N 153 
GLY H    H N N 154 
GLY H2   H N N 155 
GLY HA2  H N N 156 
GLY HA3  H N N 157 
GLY HXT  H N N 158 
HOH O    O N N 159 
HOH H1   H N N 160 
HOH H2   H N N 161 
ILE N    N N N 162 
ILE CA   C N S 163 
ILE C    C N N 164 
ILE O    O N N 165 
ILE CB   C N S 166 
ILE CG1  C N N 167 
ILE CG2  C N N 168 
ILE CD1  C N N 169 
ILE OXT  O N N 170 
ILE H    H N N 171 
ILE H2   H N N 172 
ILE HA   H N N 173 
ILE HB   H N N 174 
ILE HG12 H N N 175 
ILE HG13 H N N 176 
ILE HG21 H N N 177 
ILE HG22 H N N 178 
ILE HG23 H N N 179 
ILE HD11 H N N 180 
ILE HD12 H N N 181 
ILE HD13 H N N 182 
ILE HXT  H N N 183 
LEU N    N N N 184 
LEU CA   C N S 185 
LEU C    C N N 186 
LEU O    O N N 187 
LEU CB   C N N 188 
LEU CG   C N N 189 
LEU CD1  C N N 190 
LEU CD2  C N N 191 
LEU OXT  O N N 192 
LEU H    H N N 193 
LEU H2   H N N 194 
LEU HA   H N N 195 
LEU HB2  H N N 196 
LEU HB3  H N N 197 
LEU HG   H N N 198 
LEU HD11 H N N 199 
LEU HD12 H N N 200 
LEU HD13 H N N 201 
LEU HD21 H N N 202 
LEU HD22 H N N 203 
LEU HD23 H N N 204 
LEU HXT  H N N 205 
LYS N    N N N 206 
LYS CA   C N S 207 
LYS C    C N N 208 
LYS O    O N N 209 
LYS CB   C N N 210 
LYS CG   C N N 211 
LYS CD   C N N 212 
LYS CE   C N N 213 
LYS NZ   N N N 214 
LYS OXT  O N N 215 
LYS H    H N N 216 
LYS H2   H N N 217 
LYS HA   H N N 218 
LYS HB2  H N N 219 
LYS HB3  H N N 220 
LYS HG2  H N N 221 
LYS HG3  H N N 222 
LYS HD2  H N N 223 
LYS HD3  H N N 224 
LYS HE2  H N N 225 
LYS HE3  H N N 226 
LYS HZ1  H N N 227 
LYS HZ2  H N N 228 
LYS HZ3  H N N 229 
LYS HXT  H N N 230 
MET N    N N N 231 
MET CA   C N S 232 
MET C    C N N 233 
MET O    O N N 234 
MET CB   C N N 235 
MET CG   C N N 236 
MET SD   S N N 237 
MET CE   C N N 238 
MET OXT  O N N 239 
MET H    H N N 240 
MET H2   H N N 241 
MET HA   H N N 242 
MET HB2  H N N 243 
MET HB3  H N N 244 
MET HG2  H N N 245 
MET HG3  H N N 246 
MET HE1  H N N 247 
MET HE2  H N N 248 
MET HE3  H N N 249 
MET HXT  H N N 250 
PHE N    N N N 251 
PHE CA   C N S 252 
PHE C    C N N 253 
PHE O    O N N 254 
PHE CB   C N N 255 
PHE CG   C Y N 256 
PHE CD1  C Y N 257 
PHE CD2  C Y N 258 
PHE CE1  C Y N 259 
PHE CE2  C Y N 260 
PHE CZ   C Y N 261 
PHE OXT  O N N 262 
PHE H    H N N 263 
PHE H2   H N N 264 
PHE HA   H N N 265 
PHE HB2  H N N 266 
PHE HB3  H N N 267 
PHE HD1  H N N 268 
PHE HD2  H N N 269 
PHE HE1  H N N 270 
PHE HE2  H N N 271 
PHE HZ   H N N 272 
PHE HXT  H N N 273 
PRO N    N N N 274 
PRO CA   C N S 275 
PRO C    C N N 276 
PRO O    O N N 277 
PRO CB   C N N 278 
PRO CG   C N N 279 
PRO CD   C N N 280 
PRO OXT  O N N 281 
PRO H    H N N 282 
PRO HA   H N N 283 
PRO HB2  H N N 284 
PRO HB3  H N N 285 
PRO HG2  H N N 286 
PRO HG3  H N N 287 
PRO HD2  H N N 288 
PRO HD3  H N N 289 
PRO HXT  H N N 290 
SER N    N N N 291 
SER CA   C N S 292 
SER C    C N N 293 
SER O    O N N 294 
SER CB   C N N 295 
SER OG   O N N 296 
SER OXT  O N N 297 
SER H    H N N 298 
SER H2   H N N 299 
SER HA   H N N 300 
SER HB2  H N N 301 
SER HB3  H N N 302 
SER HG   H N N 303 
SER HXT  H N N 304 
THR N    N N N 305 
THR CA   C N S 306 
THR C    C N N 307 
THR O    O N N 308 
THR CB   C N R 309 
THR OG1  O N N 310 
THR CG2  C N N 311 
THR OXT  O N N 312 
THR H    H N N 313 
THR H2   H N N 314 
THR HA   H N N 315 
THR HB   H N N 316 
THR HG1  H N N 317 
THR HG21 H N N 318 
THR HG22 H N N 319 
THR HG23 H N N 320 
THR HXT  H N N 321 
TYR N    N N N 322 
TYR CA   C N S 323 
TYR C    C N N 324 
TYR O    O N N 325 
TYR CB   C N N 326 
TYR CG   C Y N 327 
TYR CD1  C Y N 328 
TYR CD2  C Y N 329 
TYR CE1  C Y N 330 
TYR CE2  C Y N 331 
TYR CZ   C Y N 332 
TYR OH   O N N 333 
TYR OXT  O N N 334 
TYR H    H N N 335 
TYR H2   H N N 336 
TYR HA   H N N 337 
TYR HB2  H N N 338 
TYR HB3  H N N 339 
TYR HD1  H N N 340 
TYR HD2  H N N 341 
TYR HE1  H N N 342 
TYR HE2  H N N 343 
TYR HH   H N N 344 
TYR HXT  H N N 345 
VAL N    N N N 346 
VAL CA   C N S 347 
VAL C    C N N 348 
VAL O    O N N 349 
VAL CB   C N N 350 
VAL CG1  C N N 351 
VAL CG2  C N N 352 
VAL OXT  O N N 353 
VAL H    H N N 354 
VAL H2   H N N 355 
VAL HA   H N N 356 
VAL HB   H N N 357 
VAL HG11 H N N 358 
VAL HG12 H N N 359 
VAL HG13 H N N 360 
VAL HG21 H N N 361 
VAL HG22 H N N 362 
VAL HG23 H N N 363 
VAL HXT  H N N 364 
# 
loop_
_chem_comp_bond.comp_id 
_chem_comp_bond.atom_id_1 
_chem_comp_bond.atom_id_2 
_chem_comp_bond.value_order 
_chem_comp_bond.pdbx_aromatic_flag 
_chem_comp_bond.pdbx_stereo_config 
_chem_comp_bond.pdbx_ordinal 
ALA N   CA   sing N N 1   
ALA N   H    sing N N 2   
ALA N   H2   sing N N 3   
ALA CA  C    sing N N 4   
ALA CA  CB   sing N N 5   
ALA CA  HA   sing N N 6   
ALA C   O    doub N N 7   
ALA C   OXT  sing N N 8   
ALA CB  HB1  sing N N 9   
ALA CB  HB2  sing N N 10  
ALA CB  HB3  sing N N 11  
ALA OXT HXT  sing N N 12  
ARG N   CA   sing N N 13  
ARG N   H    sing N N 14  
ARG N   H2   sing N N 15  
ARG CA  C    sing N N 16  
ARG CA  CB   sing N N 17  
ARG CA  HA   sing N N 18  
ARG C   O    doub N N 19  
ARG C   OXT  sing N N 20  
ARG CB  CG   sing N N 21  
ARG CB  HB2  sing N N 22  
ARG CB  HB3  sing N N 23  
ARG CG  CD   sing N N 24  
ARG CG  HG2  sing N N 25  
ARG CG  HG3  sing N N 26  
ARG CD  NE   sing N N 27  
ARG CD  HD2  sing N N 28  
ARG CD  HD3  sing N N 29  
ARG NE  CZ   sing N N 30  
ARG NE  HE   sing N N 31  
ARG CZ  NH1  sing N N 32  
ARG CZ  NH2  doub N N 33  
ARG NH1 HH11 sing N N 34  
ARG NH1 HH12 sing N N 35  
ARG NH2 HH21 sing N N 36  
ARG NH2 HH22 sing N N 37  
ARG OXT HXT  sing N N 38  
ASN N   CA   sing N N 39  
ASN N   H    sing N N 40  
ASN N   H2   sing N N 41  
ASN CA  C    sing N N 42  
ASN CA  CB   sing N N 43  
ASN CA  HA   sing N N 44  
ASN C   O    doub N N 45  
ASN C   OXT  sing N N 46  
ASN CB  CG   sing N N 47  
ASN CB  HB2  sing N N 48  
ASN CB  HB3  sing N N 49  
ASN CG  OD1  doub N N 50  
ASN CG  ND2  sing N N 51  
ASN ND2 HD21 sing N N 52  
ASN ND2 HD22 sing N N 53  
ASN OXT HXT  sing N N 54  
ASP N   CA   sing N N 55  
ASP N   H    sing N N 56  
ASP N   H2   sing N N 57  
ASP CA  C    sing N N 58  
ASP CA  CB   sing N N 59  
ASP CA  HA   sing N N 60  
ASP C   O    doub N N 61  
ASP C   OXT  sing N N 62  
ASP CB  CG   sing N N 63  
ASP CB  HB2  sing N N 64  
ASP CB  HB3  sing N N 65  
ASP CG  OD1  doub N N 66  
ASP CG  OD2  sing N N 67  
ASP OD2 HD2  sing N N 68  
ASP OXT HXT  sing N N 69  
CYQ N   CA   sing N N 70  
CYQ N   H    sing N N 71  
CYQ N   H2   sing N N 72  
CYQ CA  CB   sing N N 73  
CYQ CA  C    sing N N 74  
CYQ CA  HA   sing N N 75  
CYQ CB  SG   sing N N 76  
CYQ CB  HB2  sing N N 77  
CYQ CB  HB3  sing N N 78  
CYQ SG  CD   sing N N 79  
CYQ CD  P    sing N N 80  
CYQ CD  HD2  sing N N 81  
CYQ CD  HD3  sing N N 82  
CYQ C   O    doub N N 83  
CYQ C   OXT  sing N N 84  
CYQ OXT HXT  sing N N 85  
CYQ P   O1P  doub N N 86  
CYQ P   O2P  sing N N 87  
CYQ P   O3P  sing N N 88  
CYQ O2P HOP2 sing N N 89  
CYQ O3P HOP3 sing N N 90  
CYS N   CA   sing N N 91  
CYS N   H    sing N N 92  
CYS N   H2   sing N N 93  
CYS CA  C    sing N N 94  
CYS CA  CB   sing N N 95  
CYS CA  HA   sing N N 96  
CYS C   O    doub N N 97  
CYS C   OXT  sing N N 98  
CYS CB  SG   sing N N 99  
CYS CB  HB2  sing N N 100 
CYS CB  HB3  sing N N 101 
CYS SG  HG   sing N N 102 
CYS OXT HXT  sing N N 103 
GLN N   CA   sing N N 104 
GLN N   H    sing N N 105 
GLN N   H2   sing N N 106 
GLN CA  C    sing N N 107 
GLN CA  CB   sing N N 108 
GLN CA  HA   sing N N 109 
GLN C   O    doub N N 110 
GLN C   OXT  sing N N 111 
GLN CB  CG   sing N N 112 
GLN CB  HB2  sing N N 113 
GLN CB  HB3  sing N N 114 
GLN CG  CD   sing N N 115 
GLN CG  HG2  sing N N 116 
GLN CG  HG3  sing N N 117 
GLN CD  OE1  doub N N 118 
GLN CD  NE2  sing N N 119 
GLN NE2 HE21 sing N N 120 
GLN NE2 HE22 sing N N 121 
GLN OXT HXT  sing N N 122 
GLU N   CA   sing N N 123 
GLU N   H    sing N N 124 
GLU N   H2   sing N N 125 
GLU CA  C    sing N N 126 
GLU CA  CB   sing N N 127 
GLU CA  HA   sing N N 128 
GLU C   O    doub N N 129 
GLU C   OXT  sing N N 130 
GLU CB  CG   sing N N 131 
GLU CB  HB2  sing N N 132 
GLU CB  HB3  sing N N 133 
GLU CG  CD   sing N N 134 
GLU CG  HG2  sing N N 135 
GLU CG  HG3  sing N N 136 
GLU CD  OE1  doub N N 137 
GLU CD  OE2  sing N N 138 
GLU OE2 HE2  sing N N 139 
GLU OXT HXT  sing N N 140 
GLY N   CA   sing N N 141 
GLY N   H    sing N N 142 
GLY N   H2   sing N N 143 
GLY CA  C    sing N N 144 
GLY CA  HA2  sing N N 145 
GLY CA  HA3  sing N N 146 
GLY C   O    doub N N 147 
GLY C   OXT  sing N N 148 
GLY OXT HXT  sing N N 149 
HOH O   H1   sing N N 150 
HOH O   H2   sing N N 151 
ILE N   CA   sing N N 152 
ILE N   H    sing N N 153 
ILE N   H2   sing N N 154 
ILE CA  C    sing N N 155 
ILE CA  CB   sing N N 156 
ILE CA  HA   sing N N 157 
ILE C   O    doub N N 158 
ILE C   OXT  sing N N 159 
ILE CB  CG1  sing N N 160 
ILE CB  CG2  sing N N 161 
ILE CB  HB   sing N N 162 
ILE CG1 CD1  sing N N 163 
ILE CG1 HG12 sing N N 164 
ILE CG1 HG13 sing N N 165 
ILE CG2 HG21 sing N N 166 
ILE CG2 HG22 sing N N 167 
ILE CG2 HG23 sing N N 168 
ILE CD1 HD11 sing N N 169 
ILE CD1 HD12 sing N N 170 
ILE CD1 HD13 sing N N 171 
ILE OXT HXT  sing N N 172 
LEU N   CA   sing N N 173 
LEU N   H    sing N N 174 
LEU N   H2   sing N N 175 
LEU CA  C    sing N N 176 
LEU CA  CB   sing N N 177 
LEU CA  HA   sing N N 178 
LEU C   O    doub N N 179 
LEU C   OXT  sing N N 180 
LEU CB  CG   sing N N 181 
LEU CB  HB2  sing N N 182 
LEU CB  HB3  sing N N 183 
LEU CG  CD1  sing N N 184 
LEU CG  CD2  sing N N 185 
LEU CG  HG   sing N N 186 
LEU CD1 HD11 sing N N 187 
LEU CD1 HD12 sing N N 188 
LEU CD1 HD13 sing N N 189 
LEU CD2 HD21 sing N N 190 
LEU CD2 HD22 sing N N 191 
LEU CD2 HD23 sing N N 192 
LEU OXT HXT  sing N N 193 
LYS N   CA   sing N N 194 
LYS N   H    sing N N 195 
LYS N   H2   sing N N 196 
LYS CA  C    sing N N 197 
LYS CA  CB   sing N N 198 
LYS CA  HA   sing N N 199 
LYS C   O    doub N N 200 
LYS C   OXT  sing N N 201 
LYS CB  CG   sing N N 202 
LYS CB  HB2  sing N N 203 
LYS CB  HB3  sing N N 204 
LYS CG  CD   sing N N 205 
LYS CG  HG2  sing N N 206 
LYS CG  HG3  sing N N 207 
LYS CD  CE   sing N N 208 
LYS CD  HD2  sing N N 209 
LYS CD  HD3  sing N N 210 
LYS CE  NZ   sing N N 211 
LYS CE  HE2  sing N N 212 
LYS CE  HE3  sing N N 213 
LYS NZ  HZ1  sing N N 214 
LYS NZ  HZ2  sing N N 215 
LYS NZ  HZ3  sing N N 216 
LYS OXT HXT  sing N N 217 
MET N   CA   sing N N 218 
MET N   H    sing N N 219 
MET N   H2   sing N N 220 
MET CA  C    sing N N 221 
MET CA  CB   sing N N 222 
MET CA  HA   sing N N 223 
MET C   O    doub N N 224 
MET C   OXT  sing N N 225 
MET CB  CG   sing N N 226 
MET CB  HB2  sing N N 227 
MET CB  HB3  sing N N 228 
MET CG  SD   sing N N 229 
MET CG  HG2  sing N N 230 
MET CG  HG3  sing N N 231 
MET SD  CE   sing N N 232 
MET CE  HE1  sing N N 233 
MET CE  HE2  sing N N 234 
MET CE  HE3  sing N N 235 
MET OXT HXT  sing N N 236 
PHE N   CA   sing N N 237 
PHE N   H    sing N N 238 
PHE N   H2   sing N N 239 
PHE CA  C    sing N N 240 
PHE CA  CB   sing N N 241 
PHE CA  HA   sing N N 242 
PHE C   O    doub N N 243 
PHE C   OXT  sing N N 244 
PHE CB  CG   sing N N 245 
PHE CB  HB2  sing N N 246 
PHE CB  HB3  sing N N 247 
PHE CG  CD1  doub Y N 248 
PHE CG  CD2  sing Y N 249 
PHE CD1 CE1  sing Y N 250 
PHE CD1 HD1  sing N N 251 
PHE CD2 CE2  doub Y N 252 
PHE CD2 HD2  sing N N 253 
PHE CE1 CZ   doub Y N 254 
PHE CE1 HE1  sing N N 255 
PHE CE2 CZ   sing Y N 256 
PHE CE2 HE2  sing N N 257 
PHE CZ  HZ   sing N N 258 
PHE OXT HXT  sing N N 259 
PRO N   CA   sing N N 260 
PRO N   CD   sing N N 261 
PRO N   H    sing N N 262 
PRO CA  C    sing N N 263 
PRO CA  CB   sing N N 264 
PRO CA  HA   sing N N 265 
PRO C   O    doub N N 266 
PRO C   OXT  sing N N 267 
PRO CB  CG   sing N N 268 
PRO CB  HB2  sing N N 269 
PRO CB  HB3  sing N N 270 
PRO CG  CD   sing N N 271 
PRO CG  HG2  sing N N 272 
PRO CG  HG3  sing N N 273 
PRO CD  HD2  sing N N 274 
PRO CD  HD3  sing N N 275 
PRO OXT HXT  sing N N 276 
SER N   CA   sing N N 277 
SER N   H    sing N N 278 
SER N   H2   sing N N 279 
SER CA  C    sing N N 280 
SER CA  CB   sing N N 281 
SER CA  HA   sing N N 282 
SER C   O    doub N N 283 
SER C   OXT  sing N N 284 
SER CB  OG   sing N N 285 
SER CB  HB2  sing N N 286 
SER CB  HB3  sing N N 287 
SER OG  HG   sing N N 288 
SER OXT HXT  sing N N 289 
THR N   CA   sing N N 290 
THR N   H    sing N N 291 
THR N   H2   sing N N 292 
THR CA  C    sing N N 293 
THR CA  CB   sing N N 294 
THR CA  HA   sing N N 295 
THR C   O    doub N N 296 
THR C   OXT  sing N N 297 
THR CB  OG1  sing N N 298 
THR CB  CG2  sing N N 299 
THR CB  HB   sing N N 300 
THR OG1 HG1  sing N N 301 
THR CG2 HG21 sing N N 302 
THR CG2 HG22 sing N N 303 
THR CG2 HG23 sing N N 304 
THR OXT HXT  sing N N 305 
TYR N   CA   sing N N 306 
TYR N   H    sing N N 307 
TYR N   H2   sing N N 308 
TYR CA  C    sing N N 309 
TYR CA  CB   sing N N 310 
TYR CA  HA   sing N N 311 
TYR C   O    doub N N 312 
TYR C   OXT  sing N N 313 
TYR CB  CG   sing N N 314 
TYR CB  HB2  sing N N 315 
TYR CB  HB3  sing N N 316 
TYR CG  CD1  doub Y N 317 
TYR CG  CD2  sing Y N 318 
TYR CD1 CE1  sing Y N 319 
TYR CD1 HD1  sing N N 320 
TYR CD2 CE2  doub Y N 321 
TYR CD2 HD2  sing N N 322 
TYR CE1 CZ   doub Y N 323 
TYR CE1 HE1  sing N N 324 
TYR CE2 CZ   sing Y N 325 
TYR CE2 HE2  sing N N 326 
TYR CZ  OH   sing N N 327 
TYR OH  HH   sing N N 328 
TYR OXT HXT  sing N N 329 
VAL N   CA   sing N N 330 
VAL N   H    sing N N 331 
VAL N   H2   sing N N 332 
VAL CA  C    sing N N 333 
VAL CA  CB   sing N N 334 
VAL CA  HA   sing N N 335 
VAL C   O    doub N N 336 
VAL C   OXT  sing N N 337 
VAL CB  CG1  sing N N 338 
VAL CB  CG2  sing N N 339 
VAL CB  HB   sing N N 340 
VAL CG1 HG11 sing N N 341 
VAL CG1 HG12 sing N N 342 
VAL CG1 HG13 sing N N 343 
VAL CG2 HG21 sing N N 344 
VAL CG2 HG22 sing N N 345 
VAL CG2 HG23 sing N N 346 
VAL OXT HXT  sing N N 347 
# 
_atom_sites.entry_id                    4QYW 
_atom_sites.fract_transf_matrix[1][1]   -0.00650767 
_atom_sites.fract_transf_matrix[1][2]   -0.00733722 
_atom_sites.fract_transf_matrix[1][3]   -0.01755526 
_atom_sites.fract_transf_matrix[2][1]   0.01097182 
_atom_sites.fract_transf_matrix[2][2]   0.00920093 
_atom_sites.fract_transf_matrix[2][3]   -0.00791274 
_atom_sites.fract_transf_matrix[3][1]   0.02005309 
_atom_sites.fract_transf_matrix[3][2]   -0.02229276 
_atom_sites.fract_transf_matrix[3][3]   0.00188364 
_atom_sites.fract_transf_vector[1]      2.243681 
_atom_sites.fract_transf_vector[2]      2.222461 
_atom_sites.fract_transf_vector[3]      1.236723 
# 
loop_
_atom_type.symbol 
C 
N 
O 
P 
S 
# 
loop_
_atom_site.group_PDB 
_atom_site.id 
_atom_site.type_symbol 
_atom_site.label_atom_id 
_atom_site.label_alt_id 
_atom_site.label_comp_id 
_atom_site.label_asym_id 
_atom_site.label_entity_id 
_atom_site.label_seq_id 
_atom_site.pdbx_PDB_ins_code 
_atom_site.Cartn_x 
_atom_site.Cartn_y 
_atom_site.Cartn_z 
_atom_site.occupancy 
_atom_site.B_iso_or_equiv 
_atom_site.pdbx_formal_charge 
_atom_site.auth_seq_id 
_atom_site.auth_comp_id 
_atom_site.auth_asym_id 
_atom_site.auth_atom_id 
_atom_site.pdbx_PDB_model_num 
ATOM   1   N N   . GLY A 1 1   ? 16.263  1.369   -1.159  1.00 50.48 ? 2   GLY A N   1 
ATOM   2   C CA  . GLY A 1 1   ? 15.388  0.528   -1.959  1.00 42.99 ? 2   GLY A CA  1 
ATOM   3   C C   . GLY A 1 1   ? 14.153  1.278   -2.415  1.00 38.51 ? 2   GLY A C   1 
ATOM   4   O O   . GLY A 1 1   ? 13.566  2.056   -1.658  1.00 42.12 ? 2   GLY A O   1 
ATOM   5   N N   . LYS A 1 2   ? 13.747  1.048   -3.661  1.00 38.39 ? 3   LYS A N   1 
ATOM   6   C CA  . LYS A 1 2   ? 12.632  1.794   -4.222  1.00 35.17 ? 3   LYS A CA  1 
ATOM   7   C C   . LYS A 1 2   ? 11.605  0.909   -4.925  1.00 31.22 ? 3   LYS A C   1 
ATOM   8   O O   . LYS A 1 2   ? 10.864  1.397   -5.782  1.00 33.93 ? 3   LYS A O   1 
ATOM   9   C CB  . LYS A 1 2   ? 13.151  2.853   -5.199  1.00 34.21 ? 3   LYS A CB  1 
ATOM   10  C CG  . LYS A 1 2   ? 13.842  4.039   -4.545  1.00 36.13 ? 3   LYS A CG  1 
ATOM   11  C CD  . LYS A 1 2   ? 14.087  5.146   -5.565  1.00 36.25 ? 3   LYS A CD  1 
ATOM   12  C CE  . LYS A 1 2   ? 14.792  6.352   -4.938  1.00 41.10 ? 3   LYS A CE  1 
ATOM   13  N NZ  . LYS A 1 2   ? 13.909  7.203   -4.077  1.00 38.39 ? 3   LYS A NZ  1 
ATOM   14  N N   . ARG A 1 3   ? 11.536  -0.366  -4.545  1.00 25.65 ? 4   ARG A N   1 
ATOM   15  C CA  . ARG A 1 3   ? 10.560  -1.294  -5.134  1.00 26.32 ? 4   ARG A CA  1 
ATOM   16  C C   . ARG A 1 3   ? 9.231   -1.317  -4.351  1.00 22.79 ? 4   ARG A C   1 
ATOM   17  O O   . ARG A 1 3   ? 9.203   -1.545  -3.139  1.00 23.90 ? 4   ARG A O   1 
ATOM   18  C CB  . ARG A 1 3   ? 11.158  -2.699  -5.238  1.00 29.38 ? 4   ARG A CB  1 
ATOM   19  C CG  . ARG A 1 3   ? 12.240  -2.789  -6.311  1.00 30.28 ? 4   ARG A CG  1 
ATOM   20  C CD  . ARG A 1 3   ? 13.039  -4.083  -6.254  1.00 33.96 ? 4   ARG A CD  1 
ATOM   21  N NE  . ARG A 1 3   ? 12.236  -5.258  -6.575  1.00 32.90 ? 4   ARG A NE  1 
ATOM   22  C CZ  . ARG A 1 3   ? 11.775  -6.124  -5.675  1.00 28.85 ? 4   ARG A CZ  1 
ATOM   23  N NH1 . ARG A 1 3   ? 12.022  -5.943  -4.385  1.00 32.10 ? 4   ARG A NH1 1 
ATOM   24  N NH2 . ARG A 1 3   ? 11.058  -7.162  -6.072  1.00 30.94 ? 4   ARG A NH2 1 
ATOM   25  N N   . VAL A 1 4   ? 8.136   -1.070  -5.064  1.00 23.63 ? 5   VAL A N   1 
ATOM   26  C CA  . VAL A 1 4   ? 6.825   -0.891  -4.436  1.00 23.64 ? 5   VAL A CA  1 
ATOM   27  C C   . VAL A 1 4   ? 5.850   -1.963  -4.897  1.00 21.11 ? 5   VAL A C   1 
ATOM   28  O O   . VAL A 1 4   ? 5.731   -2.223  -6.097  1.00 24.39 ? 5   VAL A O   1 
ATOM   29  C CB  . VAL A 1 4   ? 6.217   0.489   -4.775  1.00 21.47 ? 5   VAL A CB  1 
ATOM   30  C CG1 . VAL A 1 4   ? 4.886   0.704   -4.046  1.00 22.98 ? 5   VAL A CG1 1 
ATOM   31  C CG2 . VAL A 1 4   ? 7.198   1.612   -4.463  1.00 24.18 ? 5   VAL A CG2 1 
ATOM   32  N N   . LEU A 1 5   ? 5.163   -2.586  -3.950  1.00 17.65 ? 6   LEU A N   1 
ATOM   33  C CA  . LEU A 1 5   ? 4.029   -3.448  -4.257  1.00 19.34 ? 6   LEU A CA  1 
ATOM   34  C C   . LEU A 1 5   ? 2.733   -2.672  -4.057  1.00 18.66 ? 6   LEU A C   1 
ATOM   35  O O   . LEU A 1 5   ? 2.454   -2.192  -2.952  1.00 19.22 ? 6   LEU A O   1 
ATOM   36  C CB  . LEU A 1 5   ? 4.031   -4.685  -3.372  1.00 20.71 ? 6   LEU A CB  1 
ATOM   37  C CG  . LEU A 1 5   ? 2.789   -5.575  -3.341  1.00 20.16 ? 6   LEU A CG  1 
ATOM   38  C CD1 . LEU A 1 5   ? 2.515   -6.179  -4.697  1.00 20.91 ? 6   LEU A CD1 1 
ATOM   39  C CD2 . LEU A 1 5   ? 2.963   -6.643  -2.274  1.00 22.66 ? 6   LEU A CD2 1 
ATOM   40  N N   . ILE A 1 6   ? 1.956   -2.546  -5.129  1.00 18.11 ? 7   ILE A N   1 
ATOM   41  C CA  . ILE A 1 6   ? 0.691   -1.795  -5.108  1.00 18.09 ? 7   ILE A CA  1 
ATOM   42  C C   . ILE A 1 6   ? -0.487  -2.744  -4.912  1.00 20.90 ? 7   ILE A C   1 
ATOM   43  O O   . ILE A 1 6   ? -0.672  -3.678  -5.702  1.00 21.71 ? 7   ILE A O   1 
ATOM   44  C CB  . ILE A 1 6   ? 0.486   -1.019  -6.416  1.00 19.60 ? 7   ILE A CB  1 
ATOM   45  C CG1 . ILE A 1 6   ? 1.556   0.048   -6.613  1.00 23.01 ? 7   ILE A CG1 1 
ATOM   46  C CG2 . ILE A 1 6   ? -0.912  -0.400  -6.474  1.00 21.33 ? 7   ILE A CG2 1 
ATOM   47  C CD1 . ILE A 1 6   ? 1.376   0.817   -7.919  1.00 24.15 ? 7   ILE A CD1 1 
ATOM   48  N N   . VAL A 1 7   ? -1.295  -2.502  -3.886  1.00 19.90 ? 8   VAL A N   1 
ATOM   49  C CA  . VAL A 1 7   ? -2.415  -3.387  -3.573  1.00 20.85 ? 8   VAL A CA  1 
ATOM   50  C C   . VAL A 1 7   ? -3.723  -2.593  -3.601  1.00 23.02 ? 8   VAL A C   1 
ATOM   51  O O   . VAL A 1 7   ? -3.915  -1.690  -2.797  1.00 20.77 ? 8   VAL A O   1 
ATOM   52  C CB  . VAL A 1 7   ? -2.270  -4.042  -2.183  1.00 20.37 ? 8   VAL A CB  1 
ATOM   53  C CG1 . VAL A 1 7   ? -3.333  -5.119  -1.983  1.00 23.33 ? 8   VAL A CG1 1 
ATOM   54  C CG2 . VAL A 1 7   ? -0.868  -4.632  -1.991  1.00 21.59 ? 8   VAL A CG2 1 
ATOM   55  N N   . ASP A 1 8   ? -4.609  -2.932  -4.526  1.00 21.64 ? 9   ASP A N   1 
ATOM   56  C CA  . ASP A 1 8   ? -5.870  -2.198  -4.698  1.00 22.39 ? 9   ASP A CA  1 
ATOM   57  C C   . ASP A 1 8   ? -6.767  -3.016  -5.618  1.00 27.90 ? 9   ASP A C   1 
ATOM   58  O O   . ASP A 1 8   ? -6.293  -3.515  -6.629  1.00 26.01 ? 9   ASP A O   1 
ATOM   59  C CB  . ASP A 1 8   ? -5.606  -0.807  -5.286  1.00 22.93 ? 9   ASP A CB  1 
ATOM   60  C CG  . ASP A 1 8   ? -6.799  0.130   -5.151  1.00 26.94 ? 9   ASP A CG  1 
ATOM   61  O OD1 . ASP A 1 8   ? -7.915  -0.244  -5.564  1.00 29.88 ? 9   ASP A OD1 1 
ATOM   62  O OD2 . ASP A 1 8   ? -6.612  1.241   -4.617  1.00 24.18 ? 9   ASP A OD2 1 
ATOM   63  N N   . ASP A 1 9   ? -8.055  -3.148  -5.292  1.00 27.29 ? 10  ASP A N   1 
ATOM   64  C CA  . ASP A 1 9   ? -8.927  -3.992  -6.114  1.00 30.69 ? 10  ASP A CA  1 
ATOM   65  C C   . ASP A 1 9   ? -9.323  -3.313  -7.422  1.00 32.40 ? 10  ASP A C   1 
ATOM   66  O O   . ASP A 1 9   ? -9.746  -3.980  -8.362  1.00 31.29 ? 10  ASP A O   1 
ATOM   67  C CB  . ASP A 1 9   ? -10.179 -4.400  -5.344  1.00 33.66 ? 10  ASP A CB  1 
ATOM   68  C CG  . ASP A 1 9   ? -11.077 -3.232  -5.041  1.00 38.38 ? 10  ASP A CG  1 
ATOM   69  O OD1 . ASP A 1 9   ? -10.899 -2.630  -3.970  1.00 40.53 ? 10  ASP A OD1 1 
ATOM   70  O OD2 . ASP A 1 9   ? -11.956 -2.910  -5.869  1.00 43.36 ? 10  ASP A OD2 1 
ATOM   71  N N   . ALA A 1 10  ? -9.157  -1.998  -7.477  1.00 28.92 ? 11  ALA A N   1 
ATOM   72  C CA  . ALA A 1 10  ? -9.499  -1.206  -8.660  1.00 31.86 ? 11  ALA A CA  1 
ATOM   73  C C   . ALA A 1 10  ? -8.312  -1.025  -9.603  1.00 28.97 ? 11  ALA A C   1 
ATOM   74  O O   . ALA A 1 10  ? -7.304  -0.400  -9.246  1.00 27.77 ? 11  ALA A O   1 
ATOM   75  C CB  . ALA A 1 10  ? -10.043 0.161   -8.238  1.00 26.79 ? 11  ALA A CB  1 
ATOM   76  N N   . ALA A 1 11  ? -8.444  -1.557  -10.814 1.00 27.69 ? 12  ALA A N   1 
ATOM   77  C CA  . ALA A 1 11  ? -7.420  -1.407  -11.838 1.00 27.93 ? 12  ALA A CA  1 
ATOM   78  C C   . ALA A 1 11  ? -7.093  0.062   -12.093 1.00 25.48 ? 12  ALA A C   1 
ATOM   79  O O   . ALA A 1 11  ? -5.923  0.420   -12.240 1.00 27.49 ? 12  ALA A O   1 
ATOM   80  C CB  . ALA A 1 11  ? -7.865  -2.077  -13.122 1.00 31.67 ? 12  ALA A CB  1 
ATOM   81  N N   . PHE A 1 12  ? -8.133  0.893   -12.168 1.00 25.60 ? 13  PHE A N   1 
ATOM   82  C CA  . PHE A 1 12  ? -7.987  2.324   -12.370 1.00 25.44 ? 13  PHE A CA  1 
ATOM   83  C C   . PHE A 1 12  ? -7.023  2.913   -11.350 1.00 26.62 ? 13  PHE A C   1 
ATOM   84  O O   . PHE A 1 12  ? -6.111  3.673   -11.699 1.00 26.94 ? 13  PHE A O   1 
ATOM   85  C CB  . PHE A 1 12  ? -9.369  3.001   -12.275 1.00 28.51 ? 13  PHE A CB  1 
ATOM   86  C CG  . PHE A 1 12  ? -9.338  4.504   -12.341 1.00 28.98 ? 13  PHE A CG  1 
ATOM   87  C CD1 . PHE A 1 12  ? -9.418  5.160   -13.555 1.00 29.59 ? 13  PHE A CD1 1 
ATOM   88  C CD2 . PHE A 1 12  ? -9.274  5.262   -11.179 1.00 29.86 ? 13  PHE A CD2 1 
ATOM   89  C CE1 . PHE A 1 12  ? -9.422  6.550   -13.610 1.00 30.09 ? 13  PHE A CE1 1 
ATOM   90  C CE2 . PHE A 1 12  ? -9.259  6.640   -11.224 1.00 32.21 ? 13  PHE A CE2 1 
ATOM   91  C CZ  . PHE A 1 12  ? -9.337  7.291   -12.446 1.00 30.10 ? 13  PHE A CZ  1 
ATOM   92  N N   . MET A 1 13  ? -7.237  2.563   -10.086 1.00 24.70 ? 14  MET A N   1 
ATOM   93  C CA  . MET A 1 13  ? -6.445  3.129   -9.000  1.00 22.86 ? 14  MET A CA  1 
ATOM   94  C C   . MET A 1 13  ? -5.002  2.629   -9.055  1.00 23.61 ? 14  MET A C   1 
ATOM   95  O O   . MET A 1 13  ? -4.063  3.392   -8.819  1.00 23.58 ? 14  MET A O   1 
ATOM   96  C CB  . MET A 1 13  ? -7.078  2.790   -7.651  1.00 26.04 ? 14  MET A CB  1 
ATOM   97  C CG  . MET A 1 13  ? -8.397  3.536   -7.382  1.00 24.22 ? 14  MET A CG  1 
ATOM   98  S SD  . MET A 1 13  ? -8.164  5.320   -7.260  1.00 27.90 ? 14  MET A SD  1 
ATOM   99  C CE  . MET A 1 13  ? -9.849  5.922   -7.191  1.00 30.41 ? 14  MET A CE  1 
ATOM   100 N N   . ARG A 1 14  ? -4.826  1.358   -9.393  1.00 21.87 ? 15  ARG A N   1 
ATOM   101 C CA  . ARG A 1 14  ? -3.465  0.815   -9.490  1.00 22.66 ? 15  ARG A CA  1 
ATOM   102 C C   . ARG A 1 14  ? -2.705  1.554   -10.591 1.00 23.83 ? 15  ARG A C   1 
ATOM   103 O O   . ARG A 1 14  ? -1.539  1.904   -10.433 1.00 24.07 ? 15  ARG A O   1 
ATOM   104 C CB  . ARG A 1 14  ? -3.481  -0.687  -9.761  1.00 24.83 ? 15  ARG A CB  1 
ATOM   105 C CG  . ARG A 1 14  ? -4.066  -1.503  -8.614  1.00 24.62 ? 15  ARG A CG  1 
ATOM   106 C CD  . ARG A 1 14  ? -3.665  -2.960  -8.688  1.00 25.70 ? 15  ARG A CD  1 
ATOM   107 N NE  . ARG A 1 14  ? -3.985  -3.537  -9.988  1.00 28.82 ? 15  ARG A NE  1 
ATOM   108 C CZ  . ARG A 1 14  ? -5.191  -3.987  -10.324 1.00 24.10 ? 15  ARG A CZ  1 
ATOM   109 N NH1 . ARG A 1 14  ? -6.197  -3.933  -9.456  1.00 27.39 ? 15  ARG A NH1 1 
ATOM   110 N NH2 . ARG A 1 14  ? -5.396  -4.500  -11.532 1.00 29.30 ? 15  ARG A NH2 1 
ATOM   111 N N   . MET A 1 15  ? -3.392  1.829   -11.697 1.00 24.65 ? 16  MET A N   1 
ATOM   112 C CA  . MET A 1 15  ? -2.765  2.484   -12.838 1.00 24.69 ? 16  MET A CA  1 
ATOM   113 C C   . MET A 1 15  ? -2.345  3.919   -12.516 1.00 25.26 ? 16  MET A C   1 
ATOM   114 O O   . MET A 1 15  ? -1.228  4.328   -12.835 1.00 24.59 ? 16  MET A O   1 
ATOM   115 C CB  . MET A 1 15  ? -3.709  2.468   -14.046 1.00 27.71 ? 16  MET A CB  1 
ATOM   116 C CG  . MET A 1 15  ? -3.335  3.459   -15.130 1.00 26.45 ? 16  MET A CG  1 
ATOM   117 S SD  . MET A 1 15  ? -4.399  3.319   -16.580 1.00 36.06 ? 16  MET A SD  1 
ATOM   118 C CE  . MET A 1 15  ? -3.753  1.768   -17.205 1.00 29.73 ? 16  MET A CE  1 
ATOM   119 N N   . MET A 1 16  ? -3.235  4.677   -11.887 1.00 22.46 ? 17  MET A N   1 
ATOM   120 C CA  . MET A 1 16  ? -2.930  6.065   -11.545 1.00 25.02 ? 17  MET A CA  1 
ATOM   121 C C   . MET A 1 16  ? -1.823  6.141   -10.504 1.00 24.99 ? 17  MET A C   1 
ATOM   122 O O   . MET A 1 16  ? -0.953  7.015   -10.560 1.00 25.53 ? 17  MET A O   1 
ATOM   123 C CB  . MET A 1 16  ? -4.184  6.786   -11.053 1.00 28.70 ? 17  MET A CB  1 
ATOM   124 C CG  . MET A 1 16  ? -5.255  6.975   -12.132 1.00 32.21 ? 17  MET A CG  1 
ATOM   125 S SD  . MET A 1 16  ? -4.657  7.917   -13.560 1.00 39.57 ? 17  MET A SD  1 
ATOM   126 C CE  . MET A 1 16  ? -4.273  6.677   -14.744 1.00 33.06 ? 17  MET A CE  1 
ATOM   127 N N   . LEU A 1 17  ? -1.834  5.209   -9.563  1.00 20.59 ? 18  LEU A N   1 
ATOM   128 C CA  . LEU A 1 17  ? -0.816  5.216   -8.521  1.00 22.44 ? 18  LEU A CA  1 
ATOM   129 C C   . LEU A 1 17  ? 0.531   4.823   -9.104  1.00 24.94 ? 18  LEU A C   1 
ATOM   130 O O   . LEU A 1 17  ? 1.548   5.446   -8.786  1.00 24.71 ? 18  LEU A O   1 
ATOM   131 C CB  . LEU A 1 17  ? -1.194  4.279   -7.377  1.00 24.69 ? 18  LEU A CB  1 
ATOM   132 C CG  . LEU A 1 17  ? -0.293  4.351   -6.142  1.00 23.19 ? 18  LEU A CG  1 
ATOM   133 C CD1 . LEU A 1 17  ? -0.200  5.778   -5.587  1.00 24.58 ? 18  LEU A CD1 1 
ATOM   134 C CD2 . LEU A 1 17  ? -0.867  3.408   -5.108  1.00 26.62 ? 18  LEU A CD2 1 
ATOM   135 N N   . LYS A 1 18  ? 0.534   3.799   -9.958  1.00 22.31 ? 19  LYS A N   1 
ATOM   136 C CA  . LYS A 1 18  ? 1.761   3.385   -10.643 1.00 23.20 ? 19  LYS A CA  1 
ATOM   137 C C   . LYS A 1 18  ? 2.376   4.552   -11.418 1.00 29.40 ? 19  LYS A C   1 
ATOM   138 O O   . LYS A 1 18  ? 3.586   4.731   -11.395 1.00 26.06 ? 19  LYS A O   1 
ATOM   139 C CB  . LYS A 1 18  ? 1.505   2.226   -11.592 1.00 25.67 ? 19  LYS A CB  1 
ATOM   140 C CG  . LYS A 1 18  ? 2.757   1.831   -12.391 1.00 29.48 ? 19  LYS A CG  1 
ATOM   141 C CD  . LYS A 1 18  ? 2.558   0.544   -13.167 1.00 30.94 ? 19  LYS A CD  1 
ATOM   142 C CE  . LYS A 1 18  ? 3.866   0.094   -13.805 1.00 36.65 ? 19  LYS A CE  1 
ATOM   143 N NZ  . LYS A 1 18  ? 3.766   -1.288  -14.325 1.00 37.48 ? 19  LYS A NZ  1 
ATOM   144 N N   . ASP A 1 19  ? 1.542   5.353   -12.085 1.00 24.62 ? 20  ASP A N   1 
ATOM   145 C CA  . ASP A 1 19  ? 2.054   6.490   -12.856 1.00 27.03 ? 20  ASP A CA  1 
ATOM   146 C C   . ASP A 1 19  ? 2.786   7.486   -11.957 1.00 27.13 ? 20  ASP A C   1 
ATOM   147 O O   . ASP A 1 19  ? 3.862   7.965   -12.297 1.00 28.22 ? 20  ASP A O   1 
ATOM   148 C CB  . ASP A 1 19  ? 0.924   7.212   -13.602 1.00 27.20 ? 20  ASP A CB  1 
ATOM   149 C CG  . ASP A 1 19  ? 1.450   8.292   -14.535 1.00 28.58 ? 20  ASP A CG  1 
ATOM   150 O OD1 . ASP A 1 19  ? 2.294   7.958   -15.391 1.00 36.22 ? 20  ASP A OD1 1 
ATOM   151 O OD2 . ASP A 1 19  ? 1.053   9.465   -14.379 1.00 30.94 ? 20  ASP A OD2 1 
ATOM   152 N N   . ILE A 1 20  ? 2.194   7.793   -10.811 1.00 24.91 ? 21  ILE A N   1 
ATOM   153 C CA  . ILE A 1 20  ? 2.816   8.676   -9.835  1.00 24.51 ? 21  ILE A CA  1 
ATOM   154 C C   . ILE A 1 20  ? 4.135   8.105   -9.326  1.00 27.32 ? 21  ILE A C   1 
ATOM   155 O O   . ILE A 1 20  ? 5.155   8.796   -9.275  1.00 27.18 ? 21  ILE A O   1 
ATOM   156 C CB  . ILE A 1 20  ? 1.875   8.912   -8.647  1.00 24.59 ? 21  ILE A CB  1 
ATOM   157 C CG1 . ILE A 1 20  ? 0.620   9.655   -9.122  1.00 25.10 ? 21  ILE A CG1 1 
ATOM   158 C CG2 . ILE A 1 20  ? 2.568   9.704   -7.553  1.00 26.32 ? 21  ILE A CG2 1 
ATOM   159 C CD1 . ILE A 1 20  ? -0.349  9.932   -8.031  1.00 26.03 ? 21  ILE A CD1 1 
ATOM   160 N N   . ILE A 1 21  ? 4.101   6.838   -8.942  1.00 24.86 ? 22  ILE A N   1 
ATOM   161 C CA  . ILE A 1 21  ? 5.256   6.187   -8.339  1.00 27.59 ? 22  ILE A CA  1 
ATOM   162 C C   . ILE A 1 21  ? 6.422   6.143   -9.339  1.00 28.86 ? 22  ILE A C   1 
ATOM   163 O O   . ILE A 1 21  ? 7.549   6.493   -8.986  1.00 28.61 ? 22  ILE A O   1 
ATOM   164 C CB  . ILE A 1 21  ? 4.857   4.778   -7.831  1.00 26.27 ? 22  ILE A CB  1 
ATOM   165 C CG1 . ILE A 1 21  ? 4.001   4.918   -6.562  1.00 27.16 ? 22  ILE A CG1 1 
ATOM   166 C CG2 . ILE A 1 21  ? 6.070   3.917   -7.522  1.00 27.01 ? 22  ILE A CG2 1 
ATOM   167 C CD1 . ILE A 1 21  ? 3.324   3.632   -6.112  1.00 27.02 ? 22  ILE A CD1 1 
ATOM   168 N N   . THR A 1 22  ? 6.155   5.769   -10.589 1.00 28.03 ? 23  THR A N   1 
ATOM   169 C CA  . THR A 1 22  ? 7.224   5.717   -11.588 1.00 31.15 ? 23  THR A CA  1 
ATOM   170 C C   . THR A 1 22  ? 7.737   7.114   -11.949 1.00 31.95 ? 23  THR A C   1 
ATOM   171 O O   . THR A 1 22  ? 8.944   7.310   -12.116 1.00 32.65 ? 23  THR A O   1 
ATOM   172 C CB  . THR A 1 22  ? 6.778   5.003   -12.878 1.00 33.56 ? 23  THR A CB  1 
ATOM   173 O OG1 . THR A 1 22  ? 5.716   5.737   -13.492 1.00 35.31 ? 23  THR A OG1 1 
ATOM   174 C CG2 . THR A 1 22  ? 6.284   3.613   -12.558 1.00 29.80 ? 23  THR A CG2 1 
ATOM   175 N N   . LYS A 1 23  ? 6.835   8.085   -12.054 1.00 31.65 ? 24  LYS A N   1 
ATOM   176 C CA  . LYS A 1 23  ? 7.240   9.466   -12.347 1.00 30.39 ? 24  LYS A CA  1 
ATOM   177 C C   . LYS A 1 23  ? 8.128   10.033  -11.246 1.00 33.64 ? 24  LYS A C   1 
ATOM   178 O O   . LYS A 1 23  ? 8.936   10.934  -11.490 1.00 34.86 ? 24  LYS A O   1 
ATOM   179 C CB  . LYS A 1 23  ? 6.013   10.370  -12.545 1.00 30.02 ? 24  LYS A CB  1 
ATOM   180 C CG  . LYS A 1 23  ? 5.537   10.449  -13.992 1.00 34.55 ? 24  LYS A CG  1 
ATOM   181 C CD  . LYS A 1 23  ? 4.159   11.074  -14.119 1.00 30.29 ? 24  LYS A CD  1 
ATOM   182 C CE  . LYS A 1 23  ? 3.740   11.174  -15.583 1.00 34.62 ? 24  LYS A CE  1 
ATOM   183 N NZ  . LYS A 1 23  ? 2.294   11.508  -15.739 1.00 35.15 ? 24  LYS A NZ  1 
ATOM   184 N N   . ALA A 1 24  ? 7.986   9.494   -10.039 1.00 31.99 ? 25  ALA A N   1 
ATOM   185 C CA  . ALA A 1 24  ? 8.791   9.920   -8.899  1.00 32.09 ? 25  ALA A CA  1 
ATOM   186 C C   . ALA A 1 24  ? 10.086  9.111   -8.760  1.00 33.37 ? 25  ALA A C   1 
ATOM   187 O O   . ALA A 1 24  ? 10.799  9.240   -7.761  1.00 34.36 ? 25  ALA A O   1 
ATOM   188 C CB  . ALA A 1 24  ? 7.978   9.822   -7.622  1.00 29.11 ? 25  ALA A CB  1 
ATOM   189 N N   . GLY A 1 25  ? 10.383  8.269   -9.748  1.00 30.23 ? 26  GLY A N   1 
ATOM   190 C CA  . GLY A 1 25  ? 11.657  7.568   -9.781  1.00 34.57 ? 26  GLY A CA  1 
ATOM   191 C C   . GLY A 1 25  ? 11.693  6.306   -8.943  1.00 31.33 ? 26  GLY A C   1 
ATOM   192 O O   . GLY A 1 25  ? 12.764  5.767   -8.659  1.00 32.42 ? 26  GLY A O   1 
ATOM   193 N N   . TYR A 1 26  ? 10.520  5.840   -8.527  1.00 30.93 ? 27  TYR A N   1 
ATOM   194 C CA  . TYR A 1 26  ? 10.417  4.560   -7.846  1.00 29.37 ? 27  TYR A CA  1 
ATOM   195 C C   . TYR A 1 26  ? 10.049  3.499   -8.866  1.00 29.15 ? 27  TYR A C   1 
ATOM   196 O O   . TYR A 1 26  ? 9.703   3.820   -10.001 1.00 29.56 ? 27  TYR A O   1 
ATOM   197 C CB  . TYR A 1 26  ? 9.383   4.606   -6.717  1.00 27.80 ? 27  TYR A CB  1 
ATOM   198 C CG  . TYR A 1 26  ? 9.846   5.333   -5.476  1.00 27.55 ? 27  TYR A CG  1 
ATOM   199 C CD1 . TYR A 1 26  ? 9.923   6.723   -5.450  1.00 30.71 ? 27  TYR A CD1 1 
ATOM   200 C CD2 . TYR A 1 26  ? 10.184  4.632   -4.324  1.00 31.24 ? 27  TYR A CD2 1 
ATOM   201 C CE1 . TYR A 1 26  ? 10.345  7.393   -4.322  1.00 31.88 ? 27  TYR A CE1 1 
ATOM   202 C CE2 . TYR A 1 26  ? 10.605  5.292   -3.187  1.00 31.36 ? 27  TYR A CE2 1 
ATOM   203 C CZ  . TYR A 1 26  ? 10.681  6.676   -3.193  1.00 32.01 ? 27  TYR A CZ  1 
ATOM   204 O OH  . TYR A 1 26  ? 11.102  7.345   -2.071  1.00 36.27 ? 27  TYR A OH  1 
ATOM   205 N N   . GLU A 1 27  ? 10.126  2.239   -8.450  1.00 26.45 ? 28  GLU A N   1 
ATOM   206 C CA  . GLU A 1 27  ? 9.838   1.105   -9.309  1.00 30.90 ? 28  GLU A CA  1 
ATOM   207 C C   . GLU A 1 27  ? 8.660   0.315   -8.750  1.00 28.72 ? 28  GLU A C   1 
ATOM   208 O O   . GLU A 1 27  ? 8.616   0.032   -7.550  1.00 30.46 ? 28  GLU A O   1 
ATOM   209 C CB  . GLU A 1 27  ? 11.082  0.215   -9.434  1.00 32.52 ? 28  GLU A CB  1 
ATOM   210 C CG  . GLU A 1 27  ? 10.853  -1.111  -10.137 1.00 37.17 ? 28  GLU A CG  1 
ATOM   211 C CD  . GLU A 1 27  ? 12.091  -1.997  -10.131 1.00 41.03 ? 28  GLU A CD  1 
ATOM   212 O OE1 . GLU A 1 27  ? 11.955  -3.207  -10.396 1.00 46.60 ? 28  GLU A OE1 1 
ATOM   213 O OE2 . GLU A 1 27  ? 13.199  -1.488  -9.854  1.00 42.47 ? 28  GLU A OE2 1 
ATOM   214 N N   . VAL A 1 28  ? 7.701   -0.035  -9.599  1.00 29.01 ? 29  VAL A N   1 
ATOM   215 C CA  . VAL A 1 28  ? 6.616   -0.907  -9.159  1.00 28.94 ? 29  VAL A CA  1 
ATOM   216 C C   . VAL A 1 28  ? 7.034   -2.359  -9.365  1.00 30.22 ? 29  VAL A C   1 
ATOM   217 O O   . VAL A 1 28  ? 7.196   -2.825  -10.498 1.00 33.20 ? 29  VAL A O   1 
ATOM   218 C CB  . VAL A 1 28  ? 5.288   -0.601  -9.892  1.00 28.68 ? 29  VAL A CB  1 
ATOM   219 C CG1 . VAL A 1 28  ? 4.244   -1.652  -9.577  1.00 27.59 ? 29  VAL A CG1 1 
ATOM   220 C CG2 . VAL A 1 28  ? 4.780   0.788   -9.497  1.00 30.13 ? 29  VAL A CG2 1 
ATOM   221 N N   . ALA A 1 29  ? 7.217   -3.070  -8.257  1.00 25.98 ? 30  ALA A N   1 
ATOM   222 C CA  . ALA A 1 29  ? 7.687   -4.452  -8.295  1.00 26.35 ? 30  ALA A CA  1 
ATOM   223 C C   . ALA A 1 29  ? 6.565   -5.440  -8.604  1.00 25.22 ? 30  ALA A C   1 
ATOM   224 O O   . ALA A 1 29  ? 6.813   -6.521  -9.141  1.00 31.87 ? 30  ALA A O   1 
ATOM   225 C CB  . ALA A 1 29  ? 8.358   -4.808  -6.982  1.00 27.99 ? 30  ALA A CB  1 
ATOM   226 N N   . GLY A 1 30  ? 5.329   -5.064  -8.282  1.00 24.27 ? 31  GLY A N   1 
ATOM   227 C CA  . GLY A 1 30  ? 4.204   -5.945  -8.488  1.00 24.29 ? 31  GLY A CA  1 
ATOM   228 C C   . GLY A 1 30  ? 2.908   -5.273  -8.113  1.00 22.97 ? 31  GLY A C   1 
ATOM   229 O O   . GLY A 1 30  ? 2.906   -4.184  -7.540  1.00 22.45 ? 31  GLY A O   1 
ATOM   230 N N   . GLU A 1 31  ? 1.819   -5.955  -8.434  1.00 24.25 ? 32  GLU A N   1 
ATOM   231 C CA  . GLU A 1 31  ? 0.466   -5.480  -8.211  1.00 25.98 ? 32  GLU A CA  1 
ATOM   232 C C   . GLU A 1 31  ? -0.348  -6.609  -7.608  1.00 25.21 ? 32  GLU A C   1 
ATOM   233 O O   . GLU A 1 31  ? -0.170  -7.768  -7.984  1.00 29.86 ? 32  GLU A O   1 
ATOM   234 C CB  . GLU A 1 31  ? -0.164  -5.028  -9.522  1.00 24.70 ? 32  GLU A CB  1 
ATOM   235 C CG  . GLU A 1 31  ? 0.270   -3.659  -10.019 1.00 27.79 ? 32  GLU A CG  1 
ATOM   236 C CD  . GLU A 1 31  ? -0.374  -3.308  -11.363 1.00 32.76 ? 32  GLU A CD  1 
ATOM   237 O OE1 . GLU A 1 31  ? -1.619  -3.175  -11.420 1.00 36.43 ? 32  GLU A OE1 1 
ATOM   238 O OE2 . GLU A 1 31  ? 0.362   -3.186  -12.369 1.00 35.18 ? 32  GLU A OE2 1 
ATOM   239 N N   . ALA A 1 32  ? -1.246  -6.282  -6.691  1.00 22.50 ? 33  ALA A N   1 
ATOM   240 C CA  . ALA A 1 32  ? -2.167  -7.266  -6.123  1.00 25.43 ? 33  ALA A CA  1 
ATOM   241 C C   . ALA A 1 32  ? -3.557  -6.651  -6.089  1.00 26.56 ? 33  ALA A C   1 
ATOM   242 O O   . ALA A 1 32  ? -3.683  -5.431  -5.987  1.00 23.87 ? 33  ALA A O   1 
ATOM   243 C CB  . ALA A 1 32  ? -1.735  -7.680  -4.736  1.00 24.47 ? 33  ALA A CB  1 
ATOM   244 N N   . THR A 1 33  ? -4.596  -7.485  -6.169  1.00 27.46 ? 34  THR A N   1 
ATOM   245 C CA  . THR A 1 33  ? -5.972  -6.971  -6.274  1.00 29.19 ? 34  THR A CA  1 
ATOM   246 C C   . THR A 1 33  ? -6.829  -7.268  -5.047  1.00 32.04 ? 34  THR A C   1 
ATOM   247 O O   . THR A 1 33  ? -7.989  -6.862  -4.979  1.00 31.51 ? 34  THR A O   1 
ATOM   248 C CB  . THR A 1 33  ? -6.689  -7.543  -7.518  1.00 30.61 ? 34  THR A CB  1 
ATOM   249 O OG1 . THR A 1 33  ? -6.945  -8.940  -7.316  1.00 34.59 ? 34  THR A OG1 1 
ATOM   250 C CG2 . THR A 1 33  ? -5.835  -7.348  -8.764  1.00 34.39 ? 34  THR A CG2 1 
ATOM   251 N N   . ASN A 1 34  ? -6.265  -7.991  -4.087  1.00 28.46 ? 35  ASN A N   1 
ATOM   252 C CA  . ASN A 1 34  ? -6.914  -8.203  -2.799  1.00 32.56 ? 35  ASN A CA  1 
ATOM   253 C C   . ASN A 1 34  ? -5.859  -8.567  -1.771  1.00 33.38 ? 35  ASN A C   1 
ATOM   254 O O   . ASN A 1 34  ? -4.678  -8.696  -2.110  1.00 30.94 ? 35  ASN A O   1 
ATOM   255 C CB  . ASN A 1 34  ? -7.995  -9.291  -2.877  1.00 38.09 ? 35  ASN A CB  1 
ATOM   256 C CG  . ASN A 1 34  ? -7.447  -10.639 -3.315  1.00 39.29 ? 35  ASN A CG  1 
ATOM   257 O OD1 . ASN A 1 34  ? -6.652  -11.263 -2.610  1.00 40.13 ? 35  ASN A OD1 1 
ATOM   258 N ND2 . ASN A 1 34  ? -7.881  -11.100 -4.483  1.00 42.34 ? 35  ASN A ND2 1 
ATOM   259 N N   . GLY A 1 35  ? -6.289  -8.737  -0.526  1.00 33.63 ? 36  GLY A N   1 
ATOM   260 C CA  . GLY A 1 35  ? -5.373  -8.984  0.571   1.00 34.57 ? 36  GLY A CA  1 
ATOM   261 C C   . GLY A 1 35  ? -4.610  -10.282 0.434   1.00 32.16 ? 36  GLY A C   1 
ATOM   262 O O   . GLY A 1 35  ? -3.424  -10.358 0.762   1.00 31.13 ? 36  GLY A O   1 
ATOM   263 N N   . ARG A 1 36  ? -5.284  -11.313 -0.058  1.00 32.76 ? 37  ARG A N   1 
ATOM   264 C CA  . ARG A 1 36  ? -4.652  -12.625 -0.178  1.00 32.00 ? 37  ARG A CA  1 
ATOM   265 C C   . ARG A 1 36  ? -3.497  -12.591 -1.177  1.00 31.42 ? 37  ARG A C   1 
ATOM   266 O O   . ARG A 1 36  ? -2.402  -13.091 -0.890  1.00 31.47 ? 37  ARG A O   1 
ATOM   267 C CB  . ARG A 1 36  ? -5.686  -13.677 -0.581  1.00 40.55 ? 37  ARG A CB  1 
ATOM   268 C CG  . ARG A 1 36  ? -5.104  -15.038 -0.877  1.00 44.08 ? 37  ARG A CG  1 
ATOM   269 C CD  . ARG A 1 36  ? -6.134  -15.936 -1.533  1.00 49.81 ? 37  ARG A CD  1 
ATOM   270 N NE  . ARG A 1 36  ? -6.642  -15.350 -2.771  1.00 52.82 ? 37  ARG A NE  1 
ATOM   271 C CZ  . ARG A 1 36  ? -6.144  -15.604 -3.975  1.00 55.10 ? 37  ARG A CZ  1 
ATOM   272 N NH1 . ARG A 1 36  ? -5.118  -16.435 -4.109  1.00 55.63 ? 37  ARG A NH1 1 
ATOM   273 N NH2 . ARG A 1 36  ? -6.667  -15.023 -5.047  1.00 55.88 ? 37  ARG A NH2 1 
ATOM   274 N N   . GLU A 1 37  ? -3.728  -11.990 -2.339  1.00 32.50 ? 38  GLU A N   1 
ATOM   275 C CA  . GLU A 1 37  ? -2.679  -11.826 -3.331  1.00 27.85 ? 38  GLU A CA  1 
ATOM   276 C C   . GLU A 1 37  ? -1.564  -10.886 -2.842  1.00 28.03 ? 38  GLU A C   1 
ATOM   277 O O   . GLU A 1 37  ? -0.410  -11.009 -3.247  1.00 29.33 ? 38  GLU A O   1 
ATOM   278 C CB  . GLU A 1 37  ? -3.263  -11.312 -4.647  1.00 35.80 ? 38  GLU A CB  1 
ATOM   279 C CG  . GLU A 1 37  ? -2.352  -11.557 -5.834  1.00 36.06 ? 38  GLU A CG  1 
ATOM   280 C CD  . GLU A 1 37  ? -2.924  -11.049 -7.140  1.00 37.05 ? 38  GLU A CD  1 
ATOM   281 O OE1 . GLU A 1 37  ? -3.850  -10.207 -7.117  1.00 34.44 ? 38  GLU A OE1 1 
ATOM   282 O OE2 . GLU A 1 37  ? -2.452  -11.512 -8.199  1.00 44.50 ? 38  GLU A OE2 1 
ATOM   283 N N   . ALA A 1 38  ? -1.912  -9.949  -1.971  1.00 26.92 ? 39  ALA A N   1 
ATOM   284 C CA  . ALA A 1 38  ? -0.930  -9.028  -1.408  1.00 24.84 ? 39  ALA A CA  1 
ATOM   285 C C   . ALA A 1 38  ? 0.104   -9.782  -0.599  1.00 26.58 ? 39  ALA A C   1 
ATOM   286 O O   . ALA A 1 38  ? 1.302   -9.524  -0.706  1.00 26.09 ? 39  ALA A O   1 
ATOM   287 C CB  . ALA A 1 38  ? -1.614  -7.976  -0.538  1.00 26.62 ? 39  ALA A CB  1 
ATOM   288 N N   . VAL A 1 39  ? -0.378  -10.710 0.218   1.00 27.94 ? 40  VAL A N   1 
ATOM   289 C CA  . VAL A 1 39  ? 0.486   -11.492 1.088   1.00 28.28 ? 40  VAL A CA  1 
ATOM   290 C C   . VAL A 1 39  ? 1.380   -12.413 0.257   1.00 28.73 ? 40  VAL A C   1 
ATOM   291 O O   . VAL A 1 39  ? 2.579   -12.521 0.505   1.00 27.00 ? 40  VAL A O   1 
ATOM   292 C CB  . VAL A 1 39  ? -0.341  -12.313 2.097   1.00 29.51 ? 40  VAL A CB  1 
ATOM   293 C CG1 . VAL A 1 39  ? 0.522   -13.349 2.787   1.00 31.83 ? 40  VAL A CG1 1 
ATOM   294 C CG2 . VAL A 1 39  ? -0.995  -11.391 3.116   1.00 31.95 ? 40  VAL A CG2 1 
ATOM   295 N N   . GLU A 1 40  ? 0.800   -13.045 -0.755  1.00 27.97 ? 41  GLU A N   1 
ATOM   296 C CA  . GLU A 1 40  ? 1.572   -13.937 -1.610  1.00 30.61 ? 41  GLU A CA  1 
ATOM   297 C C   . GLU A 1 40  ? 2.653   -13.180 -2.376  1.00 26.57 ? 41  GLU A C   1 
ATOM   298 O O   . GLU A 1 40  ? 3.798   -13.635 -2.481  1.00 28.13 ? 41  GLU A O   1 
ATOM   299 C CB  . GLU A 1 40  ? 0.652   -14.670 -2.587  1.00 29.97 ? 41  GLU A CB  1 
ATOM   300 C CG  . GLU A 1 40  ? -0.087  -15.855 -1.970  1.00 38.82 ? 41  GLU A CG  1 
ATOM   301 C CD  . GLU A 1 40  ? 0.745   -16.609 -0.939  1.00 40.61 ? 41  GLU A CD  1 
ATOM   302 O OE1 . GLU A 1 40  ? 1.586   -17.447 -1.337  1.00 44.25 ? 41  GLU A OE1 1 
ATOM   303 O OE2 . GLU A 1 40  ? 0.547   -16.372 0.276   1.00 43.29 ? 41  GLU A OE2 1 
ATOM   304 N N   . LYS A 1 41  ? 2.295   -12.010 -2.900  1.00 26.06 ? 42  LYS A N   1 
ATOM   305 C CA  . LYS A 1 41  ? 3.251   -11.252 -3.689  1.00 26.43 ? 42  LYS A CA  1 
ATOM   306 C C   . LYS A 1 41  ? 4.321   -10.631 -2.799  1.00 24.49 ? 42  LYS A C   1 
ATOM   307 O O   . LYS A 1 41  ? 5.456   -10.437 -3.242  1.00 24.00 ? 42  LYS A O   1 
ATOM   308 C CB  . LYS A 1 41  ? 2.542   -10.180 -4.515  1.00 28.27 ? 42  LYS A CB  1 
ATOM   309 C CG  . LYS A 1 41  ? 1.625   -10.766 -5.568  1.00 34.85 ? 42  LYS A CG  1 
ATOM   310 C CD  . LYS A 1 41  ? 1.966   -10.268 -6.953  1.00 37.16 ? 42  LYS A CD  1 
ATOM   311 C CE  . LYS A 1 41  ? 0.963   -10.792 -7.963  1.00 34.77 ? 42  LYS A CE  1 
ATOM   312 N NZ  . LYS A 1 41  ? 1.150   -10.153 -9.291  1.00 39.35 ? 42  LYS A NZ  1 
ATOM   313 N N   . TYR A 1 42  ? 3.973   -10.334 -1.547  1.00 26.39 ? 43  TYR A N   1 
ATOM   314 C CA  . TYR A 1 42  ? 4.972   -9.817  -0.616  1.00 20.68 ? 43  TYR A CA  1 
ATOM   315 C C   . TYR A 1 42  ? 6.074   -10.852 -0.406  1.00 25.20 ? 43  TYR A C   1 
ATOM   316 O O   . TYR A 1 42  ? 7.261   -10.525 -0.483  1.00 22.98 ? 43  TYR A O   1 
ATOM   317 C CB  . TYR A 1 42  ? 4.354   -9.433  0.739   1.00 23.62 ? 43  TYR A CB  1 
ATOM   318 C CG  . TYR A 1 42  ? 5.308   -8.618  1.575   1.00 23.11 ? 43  TYR A CG  1 
ATOM   319 C CD1 . TYR A 1 42  ? 6.213   -9.219  2.436   1.00 23.60 ? 43  TYR A CD1 1 
ATOM   320 C CD2 . TYR A 1 42  ? 5.335   -7.236  1.470   1.00 23.84 ? 43  TYR A CD2 1 
ATOM   321 C CE1 . TYR A 1 42  ? 7.106   -8.459  3.183   1.00 22.86 ? 43  TYR A CE1 1 
ATOM   322 C CE2 . TYR A 1 42  ? 6.227   -6.483  2.209   1.00 21.51 ? 43  TYR A CE2 1 
ATOM   323 C CZ  . TYR A 1 42  ? 7.112   -7.096  3.056   1.00 24.18 ? 43  TYR A CZ  1 
ATOM   324 O OH  . TYR A 1 42  ? 7.987   -6.325  3.782   1.00 25.53 ? 43  TYR A OH  1 
ATOM   325 N N   . LYS A 1 43  ? 5.668   -12.091 -0.144  1.00 23.91 ? 44  LYS A N   1 
ATOM   326 C CA  . LYS A 1 43  ? 6.622   -13.189 0.028   1.00 23.91 ? 44  LYS A CA  1 
ATOM   327 C C   . LYS A 1 43  ? 7.441   -13.413 -1.225  1.00 27.20 ? 44  LYS A C   1 
ATOM   328 O O   . LYS A 1 43  ? 8.639   -13.739 -1.150  1.00 25.82 ? 44  LYS A O   1 
ATOM   329 C CB  . LYS A 1 43  ? 5.900   -14.486 0.389   1.00 27.75 ? 44  LYS A CB  1 
ATOM   330 C CG  . LYS A 1 43  ? 5.382   -14.563 1.812   1.00 31.04 ? 44  LYS A CG  1 
ATOM   331 C CD  . LYS A 1 43  ? 4.547   -15.827 1.971   1.00 35.56 ? 44  LYS A CD  1 
ATOM   332 C CE  . LYS A 1 43  ? 4.167   -16.093 3.410   1.00 42.08 ? 44  LYS A CE  1 
ATOM   333 N NZ  . LYS A 1 43  ? 3.398   -17.369 3.530   1.00 47.90 ? 44  LYS A NZ  1 
ATOM   334 N N   . GLU A 1 44  ? 6.793   -13.269 -2.380  1.00 24.75 ? 45  GLU A N   1 
ATOM   335 C CA  . GLU A 1 44  ? 7.450   -13.544 -3.654  1.00 26.52 ? 45  GLU A CA  1 
ATOM   336 C C   . GLU A 1 44  ? 8.480   -12.477 -3.982  1.00 26.47 ? 45  GLU A C   1 
ATOM   337 O O   . GLU A 1 44  ? 9.576   -12.764 -4.458  1.00 29.54 ? 45  GLU A O   1 
ATOM   338 C CB  . GLU A 1 44  ? 6.428   -13.630 -4.798  1.00 31.23 ? 45  GLU A CB  1 
ATOM   339 C CG  . GLU A 1 44  ? 7.082   -13.835 -6.175  1.00 35.57 ? 45  GLU A CG  1 
ATOM   340 C CD  . GLU A 1 44  ? 6.243   -13.362 -7.362  1.00 38.21 ? 45  GLU A CD  1 
ATOM   341 O OE1 . GLU A 1 44  ? 5.036   -13.061 -7.196  1.00 39.38 ? 45  GLU A OE1 1 
ATOM   342 O OE2 . GLU A 1 44  ? 6.806   -13.289 -8.481  1.00 38.64 ? 45  GLU A OE2 1 
ATOM   343 N N   . LEU A 1 45  ? 8.109   -11.226 -3.730  1.00 24.09 ? 46  LEU A N   1 
ATOM   344 C CA  . LEU A 1 45  ? 8.847   -10.107 -4.265  1.00 23.75 ? 46  LEU A CA  1 
ATOM   345 C C   . LEU A 1 45  ? 9.767   -9.421  -3.277  1.00 23.94 ? 46  LEU A C   1 
ATOM   346 O O   . LEU A 1 45  ? 10.690  -8.718  -3.689  1.00 28.25 ? 46  LEU A O   1 
ATOM   347 C CB  . LEU A 1 45  ? 7.854   -9.074  -4.814  1.00 22.89 ? 46  LEU A CB  1 
ATOM   348 C CG  . LEU A 1 45  ? 6.932   -9.530  -5.937  1.00 26.85 ? 46  LEU A CG  1 
ATOM   349 C CD1 . LEU A 1 45  ? 5.900   -8.440  -6.205  1.00 28.64 ? 46  LEU A CD1 1 
ATOM   350 C CD2 . LEU A 1 45  ? 7.747   -9.821  -7.193  1.00 31.27 ? 46  LEU A CD2 1 
ATOM   351 N N   . LYS A 1 46  ? 9.488   -9.603  -1.986  1.00 25.77 ? 47  LYS A N   1 
ATOM   352 C CA  . LYS A 1 46  ? 10.087  -8.808  -0.905  1.00 26.92 ? 47  LYS A CA  1 
ATOM   353 C C   . LYS A 1 46  ? 10.255  -7.328  -1.273  1.00 24.94 ? 47  LYS A C   1 
ATOM   354 O O   . LYS A 1 46  ? 11.371  -6.823  -1.390  1.00 26.56 ? 47  LYS A O   1 
ATOM   355 C CB  . LYS A 1 46  ? 11.443  -9.398  -0.487  1.00 26.75 ? 47  LYS A CB  1 
ATOM   356 C CG  . LYS A 1 46  ? 11.998  -8.809  0.817   1.00 33.18 ? 47  LYS A CG  1 
ATOM   357 C CD  . LYS A 1 46  ? 13.202  -9.589  1.329   1.00 37.08 ? 47  LYS A CD  1 
ATOM   358 C CE  . LYS A 1 46  ? 13.760  -8.967  2.595   1.00 45.15 ? 47  LYS A CE  1 
ATOM   359 N NZ  . LYS A 1 46  ? 14.659  -9.901  3.323   1.00 43.53 ? 47  LYS A NZ  1 
ATOM   360 N N   . PRO A 1 47  ? 9.136   -6.611  -1.450  1.00 24.10 ? 48  PRO A N   1 
ATOM   361 C CA  . PRO A 1 47  ? 9.212   -5.205  -1.849  1.00 25.95 ? 48  PRO A CA  1 
ATOM   362 C C   . PRO A 1 47  ? 9.743   -4.310  -0.730  1.00 23.61 ? 48  PRO A C   1 
ATOM   363 O O   . PRO A 1 47  ? 9.644   -4.674  0.438   1.00 26.26 ? 48  PRO A O   1 
ATOM   364 C CB  . PRO A 1 47  ? 7.754   -4.860  -2.168  1.00 21.47 ? 48  PRO A CB  1 
ATOM   365 C CG  . PRO A 1 47  ? 6.976   -5.754  -1.222  1.00 21.33 ? 48  PRO A CG  1 
ATOM   366 C CD  . PRO A 1 47  ? 7.763   -7.038  -1.123  1.00 24.23 ? 48  PRO A CD  1 
ATOM   367 N N   . ASP A 1 48  ? 10.268  -3.140  -1.070  1.00 23.06 ? 49  ASP A N   1 
ATOM   368 C CA  . ASP A 1 48  ? 10.710  -2.209  -0.039  1.00 26.11 ? 49  ASP A CA  1 
ATOM   369 C C   . ASP A 1 48  ? 9.514   -1.529  0.622   1.00 25.94 ? 49  ASP A C   1 
ATOM   370 O O   . ASP A 1 48  ? 9.523   -1.235  1.819   1.00 25.88 ? 49  ASP A O   1 
ATOM   371 C CB  . ASP A 1 48  ? 11.668  -1.172  -0.630  1.00 28.31 ? 49  ASP A CB  1 
ATOM   372 C CG  . ASP A 1 48  ? 12.906  -1.814  -1.240  1.00 30.96 ? 49  ASP A CG  1 
ATOM   373 O OD1 . ASP A 1 48  ? 13.758  -2.296  -0.461  1.00 34.42 ? 49  ASP A OD1 1 
ATOM   374 O OD2 . ASP A 1 48  ? 13.012  -1.865  -2.485  1.00 30.09 ? 49  ASP A OD2 1 
ATOM   375 N N   . ILE A 1 49  ? 8.475   -1.298  -0.171  1.00 23.19 ? 50  ILE A N   1 
ATOM   376 C CA  . ILE A 1 49  ? 7.314   -0.531  0.254   1.00 22.55 ? 50  ILE A CA  1 
ATOM   377 C C   . ILE A 1 49  ? 6.058   -1.202  -0.292  1.00 17.95 ? 50  ILE A C   1 
ATOM   378 O O   . ILE A 1 49  ? 6.067   -1.733  -1.409  1.00 20.92 ? 50  ILE A O   1 
ATOM   379 C CB  . ILE A 1 49  ? 7.402   0.929   -0.250  1.00 21.44 ? 50  ILE A CB  1 
ATOM   380 C CG1 . ILE A 1 49  ? 8.666   1.599   0.311   1.00 24.99 ? 50  ILE A CG1 1 
ATOM   381 C CG2 . ILE A 1 49  ? 6.126   1.729   0.088   1.00 23.70 ? 50  ILE A CG2 1 
ATOM   382 C CD1 . ILE A 1 49  ? 9.044   2.895   -0.393  1.00 31.28 ? 50  ILE A CD1 1 
ATOM   383 N N   . VAL A 1 50  ? 5.005   -1.239  0.519   1.00 19.10 ? 51  VAL A N   1 
ATOM   384 C CA  . VAL A 1 50  ? 3.691   -1.704  0.067   1.00 18.68 ? 51  VAL A CA  1 
ATOM   385 C C   . VAL A 1 50  ? 2.685   -0.572  0.166   1.00 20.47 ? 51  VAL A C   1 
ATOM   386 O O   . VAL A 1 50  ? 2.658   0.116   1.172   1.00 21.16 ? 51  VAL A O   1 
ATOM   387 C CB  . VAL A 1 50  ? 3.191   -2.883  0.918   1.00 20.45 ? 51  VAL A CB  1 
ATOM   388 C CG1 . VAL A 1 50  ? 1.827   -3.382  0.442   1.00 22.99 ? 51  VAL A CG1 1 
ATOM   389 C CG2 . VAL A 1 50  ? 4.212   -4.006  0.915   1.00 21.78 ? 51  VAL A CG2 1 
ATOM   390 N N   . THR A 1 51  ? 1.867   -0.373  -0.863  1.00 18.36 ? 52  THR A N   1 
ATOM   391 C CA  . THR A 1 51  ? 0.706   0.510   -0.708  1.00 17.21 ? 52  THR A CA  1 
ATOM   392 C C   . THR A 1 51  ? -0.528  -0.381  -0.621  1.00 20.34 ? 52  THR A C   1 
ATOM   393 O O   . THR A 1 51  ? -0.677  -1.332  -1.383  1.00 22.94 ? 52  THR A O   1 
ATOM   394 C CB  . THR A 1 51  ? 0.576   1.565   -1.851  1.00 20.46 ? 52  THR A CB  1 
ATOM   395 O OG1 . THR A 1 51  ? 0.375   0.921   -3.118  1.00 23.65 ? 52  THR A OG1 1 
ATOM   396 C CG2 . THR A 1 51  ? 1.833   2.429   -1.908  1.00 20.09 ? 52  THR A CG2 1 
ATOM   397 N N   . MET A 1 52  ? -1.404  -0.082  0.332   1.00 22.97 ? 53  MET A N   1 
ATOM   398 C CA  . MET A 1 52  ? -2.439  -1.032  0.722   1.00 24.16 ? 53  MET A CA  1 
ATOM   399 C C   . MET A 1 52  ? -3.792  -0.351  0.818   1.00 21.51 ? 53  MET A C   1 
ATOM   400 O O   . MET A 1 52  ? -3.997  0.458   1.719   1.00 22.54 ? 53  MET A O   1 
ATOM   401 C CB  . MET A 1 52  ? -2.098  -1.667  2.072   1.00 26.93 ? 53  MET A CB  1 
ATOM   402 C CG  . MET A 1 52  ? -3.106  -2.699  2.561   1.00 29.18 ? 53  MET A CG  1 
ATOM   403 S SD  . MET A 1 52  ? -2.967  -4.281  1.703   1.00 30.95 ? 53  MET A SD  1 
ATOM   404 C CE  . MET A 1 52  ? -1.436  -4.891  2.403   1.00 28.14 ? 53  MET A CE  1 
HETATM 405 N N   . CYQ A 1 53  ? -4.701  -0.670  -0.099  1.00 21.70 ? 54  CYQ A N   1 
HETATM 406 C CA  . CYQ A 1 53  ? -6.049  -0.139  -0.032  1.00 27.03 ? 54  CYQ A CA  1 
HETATM 407 C CB  . CYQ A 1 53  ? -6.877  -0.516  -1.261  1.00 29.70 ? 54  CYQ A CB  1 
HETATM 408 S SG  . CYQ A 1 53  ? -8.587  -0.092  -1.186  1.00 36.79 ? 54  CYQ A SG  1 
HETATM 409 C CD  A CYQ A 1 53  ? -9.081  -0.508  -2.792  0.53 34.39 ? 54  CYQ A CD  1 
HETATM 410 C CD  B CYQ A 1 53  ? -8.593  1.585   -0.749  0.47 31.42 ? 54  CYQ A CD  1 
HETATM 411 C C   . CYQ A 1 53  ? -6.752  -0.771  1.171   1.00 29.85 ? 54  CYQ A C   1 
HETATM 412 O O   . CYQ A 1 53  ? -6.580  -1.933  1.499   1.00 28.48 ? 54  CYQ A O   1 
HETATM 413 P P   A CYQ A 1 53  ? -10.468 0.224   -3.280  0.53 43.49 ? 54  CYQ A P   1 
HETATM 414 P P   B CYQ A 1 53  ? -10.116 2.103   -0.408  0.47 40.83 ? 54  CYQ A P   1 
HETATM 415 O O1P A CYQ A 1 53  ? -10.588 0.607   -4.683  0.53 32.42 ? 54  CYQ A O1P 1 
HETATM 416 O O1P B CYQ A 1 53  ? -10.444 3.491   -0.709  0.47 36.88 ? 54  CYQ A O1P 1 
HETATM 417 O O2P A CYQ A 1 53  ? -11.621 -0.857  -2.997  0.53 38.60 1 54  CYQ A O2P 1 
HETATM 418 O O2P B CYQ A 1 53  ? -11.177 1.196   -1.205  0.47 40.33 1 54  CYQ A O2P 1 
HETATM 419 O O3P A CYQ A 1 53  ? -10.966 1.270   -2.179  0.53 39.87 1 54  CYQ A O3P 1 
HETATM 420 O O3P B CYQ A 1 53  ? -10.479 1.554   1.048   0.47 38.33 1 54  CYQ A O3P 1 
ATOM   421 N N   . ILE A 1 54  ? -7.579  0.010   1.865   1.00 28.31 ? 55  ILE A N   1 
ATOM   422 C CA  . ILE A 1 54  ? -8.321  -0.550  3.001   1.00 33.49 ? 55  ILE A CA  1 
ATOM   423 C C   . ILE A 1 54  ? -9.470  -1.463  2.575   1.00 38.34 ? 55  ILE A C   1 
ATOM   424 O O   . ILE A 1 54  ? -9.570  -2.611  3.025   1.00 41.78 ? 55  ILE A O   1 
ATOM   425 C CB  . ILE A 1 54  ? -8.895  0.552   3.905   1.00 38.67 ? 55  ILE A CB  1 
ATOM   426 C CG1 . ILE A 1 54  ? -7.763  1.408   4.459   1.00 37.27 ? 55  ILE A CG1 1 
ATOM   427 C CG2 . ILE A 1 54  ? -9.723  -0.062  5.027   1.00 41.68 ? 55  ILE A CG2 1 
ATOM   428 C CD1 . ILE A 1 54  ? -8.063  2.066   5.775   1.00 35.23 ? 55  ILE A CD1 1 
ATOM   429 N N   . THR A 1 55  ? -10.319 -0.949  1.694   1.00 39.50 ? 56  THR A N   1 
ATOM   430 C CA  . THR A 1 55  ? -11.530 -1.641  1.253   1.00 40.11 ? 56  THR A CA  1 
ATOM   431 C C   . THR A 1 55  ? -11.268 -2.634  0.123   1.00 40.57 ? 56  THR A C   1 
ATOM   432 O O   . THR A 1 55  ? -11.116 -2.230  -1.031  1.00 42.73 ? 56  THR A O   1 
ATOM   433 C CB  . THR A 1 55  ? -12.583 -0.630  0.776   1.00 43.43 ? 56  THR A CB  1 
ATOM   434 O OG1 . THR A 1 55  ? -12.850 0.312   1.824   1.00 46.35 ? 56  THR A OG1 1 
ATOM   435 C CG2 . THR A 1 55  ? -13.873 -1.338  0.372   1.00 45.92 ? 56  THR A CG2 1 
ATOM   436 N N   . MET A 1 56  ? -11.231 -3.927  0.445   1.00 40.34 ? 57  MET A N   1 
ATOM   437 C CA  . MET A 1 56  ? -10.925 -4.958  -0.552  1.00 42.12 ? 57  MET A CA  1 
ATOM   438 C C   . MET A 1 56  ? -11.621 -6.296  -0.294  1.00 43.16 ? 57  MET A C   1 
ATOM   439 O O   . MET A 1 56  ? -11.837 -6.679  0.855   1.00 40.09 ? 57  MET A O   1 
ATOM   440 C CB  . MET A 1 56  ? -9.418  -5.196  -0.623  1.00 39.13 ? 57  MET A CB  1 
ATOM   441 C CG  . MET A 1 56  ? -8.636  -4.103  -1.312  1.00 35.68 ? 57  MET A CG  1 
ATOM   442 S SD  . MET A 1 56  ? -6.933  -4.614  -1.507  1.00 35.10 ? 57  MET A SD  1 
ATOM   443 C CE  . MET A 1 56  ? -6.488  -5.045  0.181   1.00 33.87 ? 57  MET A CE  1 
ATOM   444 N N   . PRO A 1 57  ? -11.956 -7.022  -1.374  1.00 45.64 ? 58  PRO A N   1 
ATOM   445 C CA  . PRO A 1 57  ? -12.654 -8.309  -1.265  1.00 46.64 ? 58  PRO A CA  1 
ATOM   446 C C   . PRO A 1 57  ? -11.730 -9.461  -0.887  1.00 48.25 ? 58  PRO A C   1 
ATOM   447 O O   . PRO A 1 57  ? -10.509 -9.306  -0.935  1.00 46.78 ? 58  PRO A O   1 
ATOM   448 C CB  . PRO A 1 57  ? -13.225 -8.512  -2.672  1.00 48.87 ? 58  PRO A CB  1 
ATOM   449 C CG  . PRO A 1 57  ? -12.257 -7.816  -3.558  1.00 46.75 ? 58  PRO A CG  1 
ATOM   450 C CD  . PRO A 1 57  ? -11.765 -6.620  -2.781  1.00 44.58 ? 58  PRO A CD  1 
ATOM   451 N N   . GLU A 1 58  ? -12.323 -10.588 -0.494  1.00 49.28 ? 59  GLU A N   1 
ATOM   452 C CA  . GLU A 1 58  ? -11.606 -11.817 -0.129  1.00 50.38 ? 59  GLU A CA  1 
ATOM   453 C C   . GLU A 1 58  ? -10.717 -11.661 1.111   1.00 50.51 ? 59  GLU A C   1 
ATOM   454 O O   . GLU A 1 58  ? -10.620 -12.576 1.925   1.00 49.83 ? 59  GLU A O   1 
ATOM   455 C CB  . GLU A 1 58  ? -10.772 -12.321 -1.311  1.00 51.03 ? 59  GLU A CB  1 
ATOM   456 C CG  . GLU A 1 58  ? -10.559 -13.830 -1.309  1.00 54.82 ? 59  GLU A CG  1 
ATOM   457 C CD  . GLU A 1 58  ? -9.843  -14.325 -2.553  1.00 57.62 ? 59  GLU A CD  1 
ATOM   458 O OE1 . GLU A 1 58  ? -9.341  -13.481 -3.329  1.00 55.71 ? 59  GLU A OE1 1 
ATOM   459 O OE2 . GLU A 1 58  ? -9.784  -15.558 -2.756  1.00 59.74 ? 59  GLU A OE2 1 
ATOM   460 N N   . MET A 1 59  ? -10.070 -10.507 1.242   1.00 49.47 ? 60  MET A N   1 
ATOM   461 C CA  . MET A 1 59  ? -9.303  -10.157 2.434   1.00 45.48 ? 60  MET A CA  1 
ATOM   462 C C   . MET A 1 59  ? -9.131  -8.648  2.462   1.00 44.72 ? 60  MET A C   1 
ATOM   463 O O   . MET A 1 59  ? -8.608  -8.067  1.510   1.00 41.93 ? 60  MET A O   1 
ATOM   464 C CB  . MET A 1 59  ? -7.938  -10.841 2.439   1.00 44.52 ? 60  MET A CB  1 
ATOM   465 C CG  . MET A 1 59  ? -7.183  -10.690 3.746   1.00 43.62 ? 60  MET A CG  1 
ATOM   466 S SD  . MET A 1 59  ? -5.567  -11.496 3.729   1.00 52.66 ? 60  MET A SD  1 
ATOM   467 C CE  . MET A 1 59  ? -5.240  -11.548 5.480   1.00 41.82 ? 60  MET A CE  1 
ATOM   468 N N   . ASN A 1 60  ? -9.575  -8.004  3.536   1.00 44.33 ? 61  ASN A N   1 
ATOM   469 C CA  . ASN A 1 60  ? -9.488  -6.553  3.597   1.00 43.54 ? 61  ASN A CA  1 
ATOM   470 C C   . ASN A 1 60  ? -8.073  -6.112  3.961   1.00 38.24 ? 61  ASN A C   1 
ATOM   471 O O   . ASN A 1 60  ? -7.209  -6.941  4.281   1.00 40.07 ? 61  ASN A O   1 
ATOM   472 C CB  . ASN A 1 60  ? -10.508 -5.980  4.589   1.00 43.15 ? 61  ASN A CB  1 
ATOM   473 C CG  . ASN A 1 60  ? -10.217 -6.377  6.022   1.00 45.01 ? 61  ASN A CG  1 
ATOM   474 O OD1 . ASN A 1 60  ? -9.429  -7.288  6.274   1.00 46.43 ? 61  ASN A OD1 1 
ATOM   475 N ND2 . ASN A 1 60  ? -10.857 -5.702  6.967   1.00 47.69 ? 61  ASN A ND2 1 
ATOM   476 N N   . GLY A 1 61  ? -7.849  -4.806  3.904   1.00 37.42 ? 62  GLY A N   1 
ATOM   477 C CA  . GLY A 1 61  ? -6.527  -4.243  4.072   1.00 35.72 ? 62  GLY A CA  1 
ATOM   478 C C   . GLY A 1 61  ? -5.930  -4.388  5.456   1.00 32.89 ? 62  GLY A C   1 
ATOM   479 O O   . GLY A 1 61  ? -4.717  -4.550  5.584   1.00 32.19 ? 62  GLY A O   1 
ATOM   480 N N   . ILE A 1 62  ? -6.753  -4.315  6.497   1.00 31.98 ? 63  ILE A N   1 
ATOM   481 C CA  . ILE A 1 62  ? -6.216  -4.355  7.851   1.00 31.36 ? 63  ILE A CA  1 
ATOM   482 C C   . ILE A 1 62  ? -5.717  -5.769  8.159   1.00 30.69 ? 63  ILE A C   1 
ATOM   483 O O   . ILE A 1 62  ? -4.661  -5.937  8.767   1.00 29.78 ? 63  ILE A O   1 
ATOM   484 C CB  . ILE A 1 62  ? -7.252  -3.888  8.896   1.00 33.21 ? 63  ILE A CB  1 
ATOM   485 C CG1 . ILE A 1 62  ? -7.625  -2.432  8.617   1.00 34.57 ? 63  ILE A CG1 1 
ATOM   486 C CG2 . ILE A 1 62  ? -6.672  -3.985  10.299  1.00 31.39 ? 63  ILE A CG2 1 
ATOM   487 C CD1 . ILE A 1 62  ? -8.859  -1.949  9.341   1.00 34.33 ? 63  ILE A CD1 1 
ATOM   488 N N   . ASP A 1 63  ? -6.458  -6.775  7.706   1.00 32.88 ? 64  ASP A N   1 
ATOM   489 C CA  . ASP A 1 63  ? -6.061  -8.170  7.894   1.00 34.18 ? 64  ASP A CA  1 
ATOM   490 C C   . ASP A 1 63  ? -4.791  -8.487  7.111   1.00 30.89 ? 64  ASP A C   1 
ATOM   491 O O   . ASP A 1 63  ? -3.938  -9.245  7.577   1.00 28.48 ? 64  ASP A O   1 
ATOM   492 C CB  . ASP A 1 63  ? -7.187  -9.117  7.471   1.00 37.71 ? 64  ASP A CB  1 
ATOM   493 C CG  . ASP A 1 63  ? -8.341  -9.130  8.455   1.00 41.79 ? 64  ASP A CG  1 
ATOM   494 O OD1 . ASP A 1 63  ? -8.096  -8.935  9.663   1.00 44.34 ? 64  ASP A OD1 1 
ATOM   495 O OD2 . ASP A 1 63  ? -9.494  -9.351  8.024   1.00 46.89 ? 64  ASP A OD2 1 
ATOM   496 N N   . ALA A 1 64  ? -4.664  -7.912  5.920   1.00 30.23 ? 65  ALA A N   1 
ATOM   497 C CA  . ALA A 1 64  ? -3.465  -8.120  5.117   1.00 27.89 ? 65  ALA A CA  1 
ATOM   498 C C   . ALA A 1 64  ? -2.262  -7.435  5.762   1.00 27.22 ? 65  ALA A C   1 
ATOM   499 O O   . ALA A 1 64  ? -1.156  -7.979  5.776   1.00 26.27 ? 65  ALA A O   1 
ATOM   500 C CB  . ALA A 1 64  ? -3.675  -7.619  3.697   1.00 30.41 ? 65  ALA A CB  1 
ATOM   501 N N   . ILE A 1 65  ? -2.475  -6.237  6.306   1.00 24.68 ? 66  ILE A N   1 
ATOM   502 C CA  . ILE A 1 65  ? -1.411  -5.562  7.048   1.00 22.63 ? 66  ILE A CA  1 
ATOM   503 C C   . ILE A 1 65  ? -0.941  -6.421  8.217   1.00 24.68 ? 66  ILE A C   1 
ATOM   504 O O   . ILE A 1 65  ? 0.268   -6.604  8.423   1.00 25.34 ? 66  ILE A O   1 
ATOM   505 C CB  . ILE A 1 65  ? -1.878  -4.173  7.564   1.00 24.10 ? 66  ILE A CB  1 
ATOM   506 C CG1 . ILE A 1 65  ? -1.974  -3.194  6.389   1.00 24.50 ? 66  ILE A CG1 1 
ATOM   507 C CG2 . ILE A 1 65  ? -0.912  -3.636  8.613   1.00 25.64 ? 66  ILE A CG2 1 
ATOM   508 C CD1 . ILE A 1 65  ? -2.713  -1.879  6.696   1.00 21.79 ? 66  ILE A CD1 1 
ATOM   509 N N   . LYS A 1 66  ? -1.888  -6.977  8.965   1.00 26.15 ? 67  LYS A N   1 
ATOM   510 C CA  . LYS A 1 66  ? -1.523  -7.818  10.105  1.00 26.26 ? 67  LYS A CA  1 
ATOM   511 C C   . LYS A 1 66  ? -0.701  -9.049  9.670   1.00 26.23 ? 67  LYS A C   1 
ATOM   512 O O   . LYS A 1 66  ? 0.288   -9.397  10.316  1.00 27.21 ? 67  LYS A O   1 
ATOM   513 C CB  . LYS A 1 66  ? -2.770  -8.259  10.863  1.00 29.40 ? 67  LYS A CB  1 
ATOM   514 C CG  . LYS A 1 66  ? -3.423  -7.152  11.667  1.00 30.55 ? 67  LYS A CG  1 
ATOM   515 C CD  . LYS A 1 66  ? -4.819  -7.561  12.111  1.00 35.73 ? 67  LYS A CD  1 
ATOM   516 C CE  . LYS A 1 66  ? -5.087  -7.088  13.529  1.00 42.23 ? 67  LYS A CE  1 
ATOM   517 N NZ  . LYS A 1 66  ? -5.209  -5.611  13.591  1.00 38.87 ? 67  LYS A NZ  1 
ATOM   518 N N   . GLU A 1 67  ? -1.109  -9.686  8.573   1.00 25.88 ? 68  GLU A N   1 
ATOM   519 C CA  . GLU A 1 67  ? -0.372  -10.820 8.009   1.00 26.53 ? 68  GLU A CA  1 
ATOM   520 C C   . GLU A 1 67  ? 1.044   -10.443 7.571   1.00 27.96 ? 68  GLU A C   1 
ATOM   521 O O   . GLU A 1 67  ? 2.002   -11.150 7.865   1.00 27.74 ? 68  GLU A O   1 
ATOM   522 C CB  . GLU A 1 67  ? -1.120  -11.408 6.812   1.00 30.87 ? 68  GLU A CB  1 
ATOM   523 C CG  . GLU A 1 67  ? -2.355  -12.190 7.174   1.00 33.64 ? 68  GLU A CG  1 
ATOM   524 C CD  . GLU A 1 67  ? -2.095  -13.274 8.191   1.00 39.19 ? 68  GLU A CD  1 
ATOM   525 O OE1 . GLU A 1 67  ? -1.027  -13.918 8.126   1.00 42.28 ? 68  GLU A OE1 1 
ATOM   526 O OE2 . GLU A 1 67  ? -2.965  -13.475 9.063   1.00 45.59 ? 68  GLU A OE2 1 
ATOM   527 N N   . ILE A 1 68  ? 1.176   -9.337  6.845   1.00 25.09 ? 69  ILE A N   1 
ATOM   528 C CA  . ILE A 1 68  ? 2.484   -8.925  6.350   1.00 24.41 ? 69  ILE A CA  1 
ATOM   529 C C   . ILE A 1 68  ? 3.409   -8.527  7.506   1.00 25.90 ? 69  ILE A C   1 
ATOM   530 O O   . ILE A 1 68  ? 4.602   -8.834  7.480   1.00 26.38 ? 69  ILE A O   1 
ATOM   531 C CB  . ILE A 1 68  ? 2.349   -7.780  5.325   1.00 21.89 ? 69  ILE A CB  1 
ATOM   532 C CG1 . ILE A 1 68  ? 1.805   -8.315  3.992   1.00 27.16 ? 69  ILE A CG1 1 
ATOM   533 C CG2 . ILE A 1 68  ? 3.667   -7.066  5.096   1.00 23.34 ? 69  ILE A CG2 1 
ATOM   534 C CD1 . ILE A 1 68  ? 1.246   -7.223  3.088   1.00 24.17 ? 69  ILE A CD1 1 
ATOM   535 N N   . MET A 1 69  ? 2.862   -7.886  8.541   1.00 24.63 ? 70  MET A N   1 
ATOM   536 C CA  . MET A 1 69  ? 3.675   -7.502  9.695   1.00 24.03 ? 70  MET A CA  1 
ATOM   537 C C   . MET A 1 69  ? 4.192   -8.730  10.458  1.00 28.32 ? 70  MET A C   1 
ATOM   538 O O   . MET A 1 69  ? 5.293   -8.707  11.003  1.00 29.35 ? 70  MET A O   1 
ATOM   539 C CB  . MET A 1 69  ? 2.886   -6.591  10.642  1.00 27.18 ? 70  MET A CB  1 
ATOM   540 C CG  . MET A 1 69  ? 2.533   -5.243  10.041  1.00 27.26 ? 70  MET A CG  1 
ATOM   541 S SD  . MET A 1 69  ? 3.930   -4.319  9.382   1.00 28.99 ? 70  MET A SD  1 
ATOM   542 C CE  . MET A 1 69  ? 4.866   -3.960  10.858  1.00 30.62 ? 70  MET A CE  1 
ATOM   543 N N   . LYS A 1 70  ? 3.400   -9.796  10.493  1.00 26.31 ? 71  LYS A N   1 
ATOM   544 C CA  . LYS A 1 70  ? 3.859   -11.057 11.093  1.00 30.58 ? 71  LYS A CA  1 
ATOM   545 C C   . LYS A 1 70  ? 4.988   -11.673 10.265  1.00 30.73 ? 71  LYS A C   1 
ATOM   546 O O   . LYS A 1 70  ? 6.001   -12.137 10.802  1.00 33.40 ? 71  LYS A O   1 
ATOM   547 C CB  . LYS A 1 70  ? 2.698   -12.048 11.218  1.00 32.47 ? 71  LYS A CB  1 
ATOM   548 C CG  . LYS A 1 70  ? 2.006   -12.035 12.571  1.00 37.33 ? 71  LYS A CG  1 
ATOM   549 C CD  . LYS A 1 70  ? 2.931   -12.535 13.677  1.00 41.25 ? 71  LYS A CD  1 
ATOM   550 C CE  . LYS A 1 70  ? 3.272   -14.018 13.514  1.00 46.21 ? 71  LYS A CE  1 
ATOM   551 N NZ  . LYS A 1 70  ? 4.149   -14.549 14.608  1.00 50.33 ? 71  LYS A NZ  1 
ATOM   552 N N   . ILE A 1 71  ? 4.795   -11.687 8.952   1.00 28.12 ? 72  ILE A N   1 
ATOM   553 C CA  . ILE A 1 71  ? 5.775   -12.214 8.019   1.00 27.83 ? 72  ILE A CA  1 
ATOM   554 C C   . ILE A 1 71  ? 7.080   -11.407 8.051   1.00 27.56 ? 72  ILE A C   1 
ATOM   555 O O   . ILE A 1 71  ? 8.191   -11.964 8.061   1.00 29.19 ? 72  ILE A O   1 
ATOM   556 C CB  . ILE A 1 71  ? 5.202   -12.214 6.597   1.00 28.71 ? 72  ILE A CB  1 
ATOM   557 C CG1 . ILE A 1 71  ? 4.066   -13.227 6.491   1.00 29.90 ? 72  ILE A CG1 1 
ATOM   558 C CG2 . ILE A 1 71  ? 6.269   -12.536 5.590   1.00 30.41 ? 72  ILE A CG2 1 
ATOM   559 C CD1 . ILE A 1 71  ? 3.216   -13.030 5.262   1.00 31.06 ? 72  ILE A CD1 1 
ATOM   560 N N   . ASP A 1 72  ? 6.930   -10.089 8.077   1.00 25.22 ? 73  ASP A N   1 
ATOM   561 C CA  . ASP A 1 72  ? 8.054   -9.161  8.046   1.00 24.85 ? 73  ASP A CA  1 
ATOM   562 C C   . ASP A 1 72  ? 7.773   -8.016  9.005   1.00 25.55 ? 73  ASP A C   1 
ATOM   563 O O   . ASP A 1 72  ? 7.133   -7.032  8.635   1.00 23.99 ? 73  ASP A O   1 
ATOM   564 C CB  . ASP A 1 72  ? 8.288   -8.629  6.627   1.00 25.00 ? 73  ASP A CB  1 
ATOM   565 C CG  . ASP A 1 72  ? 9.485   -7.697  6.529   1.00 25.32 ? 73  ASP A CG  1 
ATOM   566 O OD1 . ASP A 1 72  ? 10.223  -7.531  7.532   1.00 26.11 ? 73  ASP A OD1 1 
ATOM   567 O OD2 . ASP A 1 72  ? 9.700   -7.134  5.433   1.00 28.87 ? 73  ASP A OD2 1 
ATOM   568 N N   . PRO A 1 73  ? 8.249   -8.133  10.247  1.00 25.41 ? 74  PRO A N   1 
ATOM   569 C CA  . PRO A 1 73  ? 8.040   -7.062  11.225  1.00 26.52 ? 74  PRO A CA  1 
ATOM   570 C C   . PRO A 1 73  ? 8.665   -5.732  10.815  1.00 27.30 ? 74  PRO A C   1 
ATOM   571 O O   . PRO A 1 73  ? 8.305   -4.698  11.389  1.00 29.31 ? 74  PRO A O   1 
ATOM   572 C CB  . PRO A 1 73  ? 8.710   -7.610  12.490  1.00 28.06 ? 74  PRO A CB  1 
ATOM   573 C CG  . PRO A 1 73  ? 8.699   -9.092  12.308  1.00 29.31 ? 74  PRO A CG  1 
ATOM   574 C CD  . PRO A 1 73  ? 8.914   -9.304  10.845  1.00 26.95 ? 74  PRO A CD  1 
ATOM   575 N N   . ASN A 1 74  ? 9.563   -5.757  9.831   1.00 23.69 ? 75  ASN A N   1 
ATOM   576 C CA  . ASN A 1 74  ? 10.173  -4.543  9.291   1.00 26.80 ? 75  ASN A CA  1 
ATOM   577 C C   . ASN A 1 74  ? 9.504   -4.003  8.022   1.00 25.50 ? 75  ASN A C   1 
ATOM   578 O O   . ASN A 1 74  ? 10.042  -3.107  7.376   1.00 25.50 ? 75  ASN A O   1 
ATOM   579 C CB  . ASN A 1 74  ? 11.646  -4.781  8.993   1.00 26.76 ? 75  ASN A CB  1 
ATOM   580 C CG  . ASN A 1 74  ? 12.399  -5.336  10.192  1.00 29.79 ? 75  ASN A CG  1 
ATOM   581 O OD1 . ASN A 1 74  ? 12.993  -6.415  10.126  1.00 32.81 ? 75  ASN A OD1 1 
ATOM   582 N ND2 . ASN A 1 74  ? 12.358  -4.608  11.297  1.00 25.10 ? 75  ASN A ND2 1 
ATOM   583 N N   . ALA A 1 75  ? 8.352   -4.560  7.655   1.00 24.58 ? 76  ALA A N   1 
ATOM   584 C CA  . ALA A 1 75  ? 7.611   -4.090  6.472   1.00 23.39 ? 76  ALA A CA  1 
ATOM   585 C C   . ALA A 1 75  ? 7.305   -2.597  6.530   1.00 24.03 ? 76  ALA A C   1 
ATOM   586 O O   . ALA A 1 75  ? 7.085   -2.036  7.606   1.00 24.40 ? 76  ALA A O   1 
ATOM   587 C CB  . ALA A 1 75  ? 6.311   -4.872  6.310   1.00 24.37 ? 76  ALA A CB  1 
ATOM   588 N N   . LYS A 1 76  ? 7.284   -1.953  5.366   1.00 22.90 ? 77  LYS A N   1 
ATOM   589 C CA  . LYS A 1 76  ? 6.919   -0.547  5.285   1.00 20.66 ? 77  LYS A CA  1 
ATOM   590 C C   . LYS A 1 76  ? 5.642   -0.400  4.461   1.00 20.39 ? 77  LYS A C   1 
ATOM   591 O O   . LYS A 1 76  ? 5.665   -0.527  3.235   1.00 21.39 ? 77  LYS A O   1 
ATOM   592 C CB  . LYS A 1 76  ? 8.048   0.285   4.666   1.00 22.42 ? 77  LYS A CB  1 
ATOM   593 C CG  . LYS A 1 76  ? 9.347   0.293   5.473   1.00 25.04 ? 77  LYS A CG  1 
ATOM   594 C CD  . LYS A 1 76  ? 10.516  0.718   4.600   1.00 32.51 ? 77  LYS A CD  1 
ATOM   595 C CE  . LYS A 1 76  ? 11.846  0.588   5.324   1.00 35.45 ? 77  LYS A CE  1 
ATOM   596 N NZ  . LYS A 1 76  ? 11.886  1.541   6.457   1.00 38.26 ? 77  LYS A NZ  1 
ATOM   597 N N   . ILE A 1 77  ? 4.524   -0.134  5.134   1.00 19.53 ? 78  ILE A N   1 
ATOM   598 C CA  . ILE A 1 77  ? 3.225   -0.134  4.471   1.00 19.11 ? 78  ILE A CA  1 
ATOM   599 C C   . ILE A 1 77  ? 2.595   1.258   4.519   1.00 19.85 ? 78  ILE A C   1 
ATOM   600 O O   . ILE A 1 77  ? 2.471   1.864   5.596   1.00 22.00 ? 78  ILE A O   1 
ATOM   601 C CB  . ILE A 1 77  ? 2.244   -1.163  5.113   1.00 18.33 ? 78  ILE A CB  1 
ATOM   602 C CG1 . ILE A 1 77  ? 2.869   -2.577  5.152   1.00 20.16 ? 78  ILE A CG1 1 
ATOM   603 C CG2 . ILE A 1 77  ? 0.892   -1.158  4.375   1.00 21.45 ? 78  ILE A CG2 1 
ATOM   604 C CD1 . ILE A 1 77  ? 2.025   -3.603  5.953   1.00 21.11 ? 78  ILE A CD1 1 
ATOM   605 N N   . ILE A 1 78  ? 2.211   1.770   3.358   1.00 17.91 ? 79  ILE A N   1 
ATOM   606 C CA  . ILE A 1 78  ? 1.443   3.009   3.280   1.00 17.67 ? 79  ILE A CA  1 
ATOM   607 C C   . ILE A 1 78  ? 0.006   2.638   2.963   1.00 20.17 ? 79  ILE A C   1 
ATOM   608 O O   . ILE A 1 78  ? -0.257  1.959   1.976   1.00 19.81 ? 79  ILE A O   1 
ATOM   609 C CB  . ILE A 1 78  ? 1.994   3.969   2.201   1.00 17.55 ? 79  ILE A CB  1 
ATOM   610 C CG1 . ILE A 1 78  ? 3.451   4.333   2.507   1.00 20.98 ? 79  ILE A CG1 1 
ATOM   611 C CG2 . ILE A 1 78  ? 1.130   5.237   2.067   1.00 19.15 ? 79  ILE A CG2 1 
ATOM   612 C CD1 . ILE A 1 78  ? 4.165   4.980   1.334   1.00 24.20 ? 79  ILE A CD1 1 
ATOM   613 N N   . VAL A 1 79  ? -0.938  3.081   3.793   1.00 21.28 ? 80  VAL A N   1 
ATOM   614 C CA  . VAL A 1 79  ? -2.339  2.730   3.559   1.00 22.46 ? 80  VAL A CA  1 
ATOM   615 C C   . VAL A 1 79  ? -2.970  3.730   2.585   1.00 19.66 ? 80  VAL A C   1 
ATOM   616 O O   . VAL A 1 79  ? -2.622  4.910   2.587   1.00 21.70 ? 80  VAL A O   1 
ATOM   617 C CB  . VAL A 1 79  ? -3.136  2.645   4.891   1.00 28.93 ? 80  VAL A CB  1 
ATOM   618 C CG1 . VAL A 1 79  ? -2.766  3.749   5.807   1.00 28.56 ? 80  VAL A CG1 1 
ATOM   619 C CG2 . VAL A 1 79  ? -4.624  2.657   4.648   1.00 28.96 ? 80  VAL A CG2 1 
ATOM   620 N N   . ALA A 1 80  ? -3.817  3.214   1.699   1.00 22.71 ? 81  ALA A N   1 
ATOM   621 C CA  . ALA A 1 80  ? -4.572  4.011   0.739   1.00 27.71 ? 81  ALA A CA  1 
ATOM   622 C C   . ALA A 1 80  ? -6.052  3.936   1.091   1.00 27.38 ? 81  ALA A C   1 
ATOM   623 O O   . ALA A 1 80  ? -6.544  2.877   1.484   1.00 25.74 ? 81  ALA A O   1 
ATOM   624 C CB  . ALA A 1 80  ? -4.341  3.509   -0.678  1.00 30.22 ? 81  ALA A CB  1 
ATOM   625 N N   . SER A 1 81  ? -6.754  5.053   0.956   1.00 27.79 ? 82  SER A N   1 
ATOM   626 C CA  . SER A 1 81  ? -8.190  5.056   1.200   1.00 33.77 ? 82  SER A CA  1 
ATOM   627 C C   . SER A 1 81  ? -8.869  6.245   0.553   1.00 32.98 ? 82  SER A C   1 
ATOM   628 O O   . SER A 1 81  ? -8.220  7.220   0.184   1.00 32.17 ? 82  SER A O   1 
ATOM   629 C CB  . SER A 1 81  ? -8.476  5.078   2.700   1.00 32.99 ? 82  SER A CB  1 
ATOM   630 O OG  . SER A 1 81  ? -8.081  6.319   3.254   1.00 37.09 ? 82  SER A OG  1 
ATOM   631 N N   . ALA A 1 82  ? -10.188 6.167   0.440   1.00 36.98 ? 83  ALA A N   1 
ATOM   632 C CA  . ALA A 1 82  ? -10.993 7.331   0.101   1.00 39.15 ? 83  ALA A CA  1 
ATOM   633 C C   . ALA A 1 82  ? -11.280 8.123   1.374   1.00 36.37 ? 83  ALA A C   1 
ATOM   634 O O   . ALA A 1 82  ? -11.129 7.596   2.479   1.00 34.17 ? 83  ALA A O   1 
ATOM   635 C CB  . ALA A 1 82  ? -12.287 6.912   -0.577  1.00 37.01 ? 83  ALA A CB  1 
ATOM   636 N N   . MET A 1 83  ? -11.695 9.380   1.237   1.00 34.66 ? 84  MET A N   1 
ATOM   637 C CA  . MET A 1 83  ? -12.018 10.164  2.422   1.00 32.67 ? 84  MET A CA  1 
ATOM   638 C C   . MET A 1 83  ? -13.252 9.577   3.100   1.00 32.00 ? 84  MET A C   1 
ATOM   639 O O   . MET A 1 83  ? -14.119 8.985   2.444   1.00 33.17 ? 84  MET A O   1 
ATOM   640 C CB  . MET A 1 83  ? -12.226 11.644  2.077   1.00 36.01 ? 84  MET A CB  1 
ATOM   641 C CG  . MET A 1 83  ? -13.389 11.942  1.169   1.00 39.79 ? 84  MET A CG  1 
ATOM   642 S SD  . MET A 1 83  ? -12.908 13.259  0.035   1.00 43.82 ? 84  MET A SD  1 
ATOM   643 C CE  . MET A 1 83  ? -11.423 12.477  -0.607  1.00 38.44 ? 84  MET A CE  1 
ATOM   644 N N   . GLY A 1 84  ? -13.298 9.711   4.419   1.00 29.81 ? 85  GLY A N   1 
ATOM   645 C CA  . GLY A 1 84  ? -14.386 9.164   5.202   1.00 28.59 ? 85  GLY A CA  1 
ATOM   646 C C   . GLY A 1 84  ? -13.981 7.878   5.904   1.00 30.54 ? 85  GLY A C   1 
ATOM   647 O O   . GLY A 1 84  ? -14.714 7.369   6.749   1.00 31.86 ? 85  GLY A O   1 
ATOM   648 N N   . GLN A 1 85  ? -12.813 7.352   5.561   1.00 26.48 ? 86  GLN A N   1 
ATOM   649 C CA  . GLN A 1 85  ? -12.342 6.116   6.187   1.00 28.79 ? 86  GLN A CA  1 
ATOM   650 C C   . GLN A 1 85  ? -11.268 6.329   7.267   1.00 29.06 ? 86  GLN A C   1 
ATOM   651 O O   . GLN A 1 85  ? -10.494 5.426   7.561   1.00 24.59 ? 86  GLN A O   1 
ATOM   652 C CB  . GLN A 1 85  ? -11.820 5.154   5.114   1.00 30.21 ? 86  GLN A CB  1 
ATOM   653 C CG  . GLN A 1 85  ? -12.857 4.759   4.080   1.00 30.34 ? 86  GLN A CG  1 
ATOM   654 C CD  . GLN A 1 85  ? -12.385 3.652   3.154   1.00 38.65 ? 86  GLN A CD  1 
ATOM   655 O OE1 . GLN A 1 85  ? -11.541 3.870   2.279   1.00 37.10 ? 86  GLN A OE1 1 
ATOM   656 N NE2 . GLN A 1 85  ? -12.919 2.450   3.350   1.00 42.16 ? 86  GLN A NE2 1 
ATOM   657 N N   . GLN A 1 86  ? -11.243 7.505   7.885   1.00 27.28 ? 87  GLN A N   1 
ATOM   658 C CA  . GLN A 1 86  ? -10.249 7.837   8.916   1.00 26.12 ? 87  GLN A CA  1 
ATOM   659 C C   . GLN A 1 86  ? -10.132 6.816   10.058  1.00 28.11 ? 87  GLN A C   1 
ATOM   660 O O   . GLN A 1 86  ? -9.020  6.461   10.475  1.00 24.70 ? 87  GLN A O   1 
ATOM   661 C CB  . GLN A 1 86  ? -10.557 9.221   9.514   1.00 31.91 ? 87  GLN A CB  1 
ATOM   662 C CG  . GLN A 1 86  ? -10.405 10.401  8.555   1.00 33.16 ? 87  GLN A CG  1 
ATOM   663 C CD  . GLN A 1 86  ? -11.705 10.753  7.844   1.00 32.86 ? 87  GLN A CD  1 
ATOM   664 O OE1 . GLN A 1 86  ? -12.562 9.894   7.644   1.00 30.85 ? 87  GLN A OE1 1 
ATOM   665 N NE2 . GLN A 1 86  ? -11.863 12.026  7.474   1.00 33.08 ? 87  GLN A NE2 1 
ATOM   666 N N   . ALA A 1 87  ? -11.262 6.325   10.563  1.00 27.91 ? 88  ALA A N   1 
ATOM   667 C CA  . ALA A 1 87  ? -11.227 5.379   11.674  1.00 28.06 ? 88  ALA A CA  1 
ATOM   668 C C   . ALA A 1 87  ? -10.566 4.066   11.256  1.00 26.82 ? 88  ALA A C   1 
ATOM   669 O O   . ALA A 1 87  ? -9.826  3.456   12.032  1.00 27.55 ? 88  ALA A O   1 
ATOM   670 C CB  . ALA A 1 87  ? -12.634 5.119   12.206  1.00 30.48 ? 88  ALA A CB  1 
ATOM   671 N N   . MET A 1 88  ? -10.838 3.643   10.024  1.00 28.37 ? 89  MET A N   1 
ATOM   672 C CA  . MET A 1 88  ? -10.211 2.445   9.488   1.00 26.18 ? 89  MET A CA  1 
ATOM   673 C C   . MET A 1 88  ? -8.714  2.673   9.277   1.00 24.03 ? 89  MET A C   1 
ATOM   674 O O   . MET A 1 88  ? -7.909  1.785   9.543   1.00 24.46 ? 89  MET A O   1 
ATOM   675 C CB  . MET A 1 88  ? -10.873 2.014   8.177   1.00 26.84 ? 89  MET A CB  1 
ATOM   676 C CG  . MET A 1 88  ? -12.363 1.750   8.279   1.00 34.44 ? 89  MET A CG  1 
ATOM   677 S SD  . MET A 1 88  ? -13.007 0.738   6.927   1.00 43.65 ? 89  MET A SD  1 
ATOM   678 C CE  . MET A 1 88  ? -12.282 -0.853  7.321   1.00 43.56 ? 89  MET A CE  1 
ATOM   679 N N   . VAL A 1 89  ? -8.340  3.877   8.828   1.00 22.10 ? 90  VAL A N   1 
ATOM   680 C CA  . VAL A 1 89  ? -6.923  4.188   8.622   1.00 22.33 ? 90  VAL A CA  1 
ATOM   681 C C   . VAL A 1 89  ? -6.151  4.155   9.951   1.00 22.94 ? 90  VAL A C   1 
ATOM   682 O O   . VAL A 1 89  ? -5.036  3.605   10.035  1.00 23.87 ? 90  VAL A O   1 
ATOM   683 C CB  . VAL A 1 89  ? -6.751  5.555   7.925   1.00 25.42 ? 90  VAL A CB  1 
ATOM   684 C CG1 . VAL A 1 89  ? -5.297  5.949   7.870   1.00 27.82 ? 90  VAL A CG1 1 
ATOM   685 C CG2 . VAL A 1 89  ? -7.332  5.494   6.518   1.00 26.96 ? 90  VAL A CG2 1 
ATOM   686 N N   . ILE A 1 90  ? -6.756  4.707   11.003  1.00 22.41 ? 91  ILE A N   1 
ATOM   687 C CA  . ILE A 1 90  ? -6.172  4.656   12.333  1.00 24.14 ? 91  ILE A CA  1 
ATOM   688 C C   . ILE A 1 90  ? -5.951  3.203   12.779  1.00 24.63 ? 91  ILE A C   1 
ATOM   689 O O   . ILE A 1 90  ? -4.919  2.882   13.346  1.00 27.25 ? 91  ILE A O   1 
ATOM   690 C CB  . ILE A 1 90  ? -7.064  5.377   13.352  1.00 26.40 ? 91  ILE A CB  1 
ATOM   691 C CG1 . ILE A 1 90  ? -7.119  6.871   13.019  1.00 30.74 ? 91  ILE A CG1 1 
ATOM   692 C CG2 . ILE A 1 90  ? -6.534  5.171   14.755  1.00 28.56 ? 91  ILE A CG2 1 
ATOM   693 C CD1 . ILE A 1 90  ? -8.227  7.624   13.708  1.00 33.83 ? 91  ILE A CD1 1 
ATOM   694 N N   . GLU A 1 91  ? -6.929  2.340   12.520  1.00 24.33 ? 92  GLU A N   1 
ATOM   695 C CA  . GLU A 1 91  ? -6.812  0.929   12.888  1.00 25.51 ? 92  GLU A CA  1 
ATOM   696 C C   . GLU A 1 91  ? -5.649  0.288   12.129  1.00 27.56 ? 92  GLU A C   1 
ATOM   697 O O   . GLU A 1 91  ? -4.877  -0.496  12.690  1.00 24.62 ? 92  GLU A O   1 
ATOM   698 C CB  . GLU A 1 91  ? -8.124  0.183   12.612  1.00 28.80 ? 92  GLU A CB  1 
ATOM   699 C CG  . GLU A 1 91  ? -8.181  -1.247  13.168  1.00 33.53 ? 92  GLU A CG  1 
ATOM   700 C CD  . GLU A 1 91  ? -9.567  -1.869  13.044  1.00 34.69 ? 92  GLU A CD  1 
ATOM   701 O OE1 . GLU A 1 91  ? -10.538 -1.127  12.782  1.00 35.28 ? 92  GLU A OE1 1 
ATOM   702 O OE2 . GLU A 1 91  ? -9.690  -3.103  13.203  1.00 38.38 ? 92  GLU A OE2 1 
ATOM   703 N N   . ALA A 1 92  ? -5.515  0.631   10.853  1.00 25.87 ? 93  ALA A N   1 
ATOM   704 C CA  . ALA A 1 92  ? -4.438  0.086   10.033  1.00 23.77 ? 93  ALA A CA  1 
ATOM   705 C C   . ALA A 1 92  ? -3.073  0.560   10.533  1.00 24.32 ? 93  ALA A C   1 
ATOM   706 O O   . ALA A 1 92  ? -2.105  -0.220  10.552  1.00 27.56 ? 93  ALA A O   1 
ATOM   707 C CB  . ALA A 1 92  ? -4.641  0.471   8.580   1.00 22.55 ? 93  ALA A CB  1 
ATOM   708 N N   . ILE A 1 93  ? -3.002  1.821   10.967  1.00 25.58 ? 94  ILE A N   1 
ATOM   709 C CA  . ILE A 1 93  ? -1.770  2.386   11.516  1.00 23.18 ? 94  ILE A CA  1 
ATOM   710 C C   . ILE A 1 93  ? -1.364  1.661   12.812  1.00 25.03 ? 94  ILE A C   1 
ATOM   711 O O   . ILE A 1 93  ? -0.194  1.306   13.014  1.00 26.35 ? 94  ILE A O   1 
ATOM   712 C CB  . ILE A 1 93  ? -1.911  3.910   11.754  1.00 22.46 ? 94  ILE A CB  1 
ATOM   713 C CG1 . ILE A 1 93  ? -1.960  4.604   10.388  1.00 23.81 ? 94  ILE A CG1 1 
ATOM   714 C CG2 . ILE A 1 93  ? -0.718  4.429   12.547  1.00 24.80 ? 94  ILE A CG2 1 
ATOM   715 C CD1 . ILE A 1 93  ? -2.200  6.085   10.373  1.00 28.85 ? 94  ILE A CD1 1 
ATOM   716 N N   . LYS A 1 94  ? -2.344  1.398   13.669  1.00 24.10 ? 95  LYS A N   1 
ATOM   717 C CA  . LYS A 1 94  ? -2.080  0.698   14.915  1.00 28.02 ? 95  LYS A CA  1 
ATOM   718 C C   . LYS A 1 94  ? -1.616  -0.735  14.654  1.00 28.66 ? 95  LYS A C   1 
ATOM   719 O O   . LYS A 1 94  ? -0.910  -1.318  15.467  1.00 32.42 ? 95  LYS A O   1 
ATOM   720 C CB  . LYS A 1 94  ? -3.320  0.720   15.813  1.00 28.79 ? 95  LYS A CB  1 
ATOM   721 C CG  . LYS A 1 94  ? -3.458  2.046   16.546  1.00 31.08 ? 95  LYS A CG  1 
ATOM   722 C CD  . LYS A 1 94  ? -4.837  2.251   17.133  1.00 32.92 ? 95  LYS A CD  1 
ATOM   723 C CE  . LYS A 1 94  ? -4.887  3.574   17.877  1.00 32.35 ? 95  LYS A CE  1 
ATOM   724 N NZ  . LYS A 1 94  ? -3.719  3.737   18.786  1.00 37.00 ? 95  LYS A NZ  1 
ATOM   725 N N   . ALA A 1 95  ? -2.015  -1.282  13.509  1.00 24.55 ? 96  ALA A N   1 
ATOM   726 C CA  . ALA A 1 95  ? -1.638  -2.648  13.130  1.00 24.76 ? 96  ALA A CA  1 
ATOM   727 C C   . ALA A 1 95  ? -0.271  -2.670  12.459  1.00 28.74 ? 96  ALA A C   1 
ATOM   728 O O   . ALA A 1 95  ? 0.256   -3.743  12.146  1.00 29.00 ? 96  ALA A O   1 
ATOM   729 C CB  . ALA A 1 95  ? -2.693  -3.251  12.215  1.00 27.26 ? 96  ALA A CB  1 
ATOM   730 N N   . GLY A 1 96  ? 0.310   -1.494  12.238  1.00 27.13 ? 97  GLY A N   1 
ATOM   731 C CA  . GLY A 1 96  ? 1.664   -1.423  11.717  1.00 27.42 ? 97  GLY A CA  1 
ATOM   732 C C   . GLY A 1 96  ? 1.983   -0.505  10.542  1.00 26.59 ? 97  GLY A C   1 
ATOM   733 O O   . GLY A 1 96  ? 3.159   -0.302  10.233  1.00 26.25 ? 97  GLY A O   1 
ATOM   734 N N   . ALA A 1 97  ? 0.965   0.042   9.877   1.00 24.49 ? 98  ALA A N   1 
ATOM   735 C CA  . ALA A 1 97  ? 1.206   0.923   8.732   1.00 23.23 ? 98  ALA A CA  1 
ATOM   736 C C   . ALA A 1 97  ? 1.941   2.189   9.175   1.00 24.51 ? 98  ALA A C   1 
ATOM   737 O O   . ALA A 1 97  ? 1.762   2.662   10.311  1.00 26.44 ? 98  ALA A O   1 
ATOM   738 C CB  . ALA A 1 97  ? -0.107  1.272   8.038   1.00 24.04 ? 98  ALA A CB  1 
ATOM   739 N N   . LYS A 1 98  ? 2.770   2.736   8.291   1.00 21.29 ? 99  LYS A N   1 
ATOM   740 C CA  . LYS A 1 98  ? 3.641   3.853   8.647   1.00 23.76 ? 99  LYS A CA  1 
ATOM   741 C C   . LYS A 1 98  ? 3.136   5.220   8.182   1.00 22.69 ? 99  LYS A C   1 
ATOM   742 O O   . LYS A 1 98  ? 3.557   6.245   8.710   1.00 27.12 ? 99  LYS A O   1 
ATOM   743 C CB  . LYS A 1 98  ? 5.043   3.618   8.090   1.00 26.31 ? 99  LYS A CB  1 
ATOM   744 C CG  . LYS A 1 98  ? 5.747   2.426   8.731   1.00 33.74 ? 99  LYS A CG  1 
ATOM   745 C CD  . LYS A 1 98  ? 7.238   2.650   8.860   1.00 33.51 ? 99  LYS A CD  1 
ATOM   746 C CE  . LYS A 1 98  ? 7.932   1.454   9.491   1.00 34.97 ? 99  LYS A CE  1 
ATOM   747 N NZ  . LYS A 1 98  ? 7.141   0.853   10.601  1.00 36.96 ? 99  LYS A NZ  1 
ATOM   748 N N   . ASP A 1 99  ? 2.255   5.239   7.189   1.00 21.10 ? 100 ASP A N   1 
ATOM   749 C CA  . ASP A 1 99  ? 1.718   6.506   6.677   1.00 21.46 ? 100 ASP A CA  1 
ATOM   750 C C   . ASP A 1 99  ? 0.449   6.228   5.888   1.00 22.56 ? 100 ASP A C   1 
ATOM   751 O O   . ASP A 1 99  ? 0.029   5.068   5.769   1.00 19.23 ? 100 ASP A O   1 
ATOM   752 C CB  . ASP A 1 99  ? 2.758   7.214   5.794   1.00 24.52 ? 100 ASP A CB  1 
ATOM   753 C CG  . ASP A 1 99  ? 2.553   8.729   5.703   1.00 26.54 ? 100 ASP A CG  1 
ATOM   754 O OD1 . ASP A 1 99  ? 1.438   9.230   5.951   1.00 27.72 ? 100 ASP A OD1 1 
ATOM   755 O OD2 . ASP A 1 99  ? 3.522   9.431   5.346   1.00 33.35 ? 100 ASP A OD2 1 
ATOM   756 N N   . PHE A 1 100 ? -0.169  7.282   5.359   1.00 22.90 ? 101 PHE A N   1 
ATOM   757 C CA  . PHE A 1 100 ? -1.327  7.092   4.503   1.00 22.79 ? 101 PHE A CA  1 
ATOM   758 C C   . PHE A 1 100 ? -1.473  8.132   3.404   1.00 22.40 ? 101 PHE A C   1 
ATOM   759 O O   . PHE A 1 100 ? -0.980  9.257   3.508   1.00 25.94 ? 101 PHE A O   1 
ATOM   760 C CB  . PHE A 1 100 ? -2.609  7.046   5.341   1.00 25.81 ? 101 PHE A CB  1 
ATOM   761 C CG  . PHE A 1 100 ? -3.116  8.380   5.771   1.00 28.28 ? 101 PHE A CG  1 
ATOM   762 C CD1 . PHE A 1 100 ? -2.582  9.018   6.879   1.00 31.10 ? 101 PHE A CD1 1 
ATOM   763 C CD2 . PHE A 1 100 ? -4.151  8.980   5.090   1.00 27.67 ? 101 PHE A CD2 1 
ATOM   764 C CE1 . PHE A 1 100 ? -3.072  10.258  7.284   1.00 28.63 ? 101 PHE A CE1 1 
ATOM   765 C CE2 . PHE A 1 100 ? -4.649  10.214  5.489   1.00 29.26 ? 101 PHE A CE2 1 
ATOM   766 C CZ  . PHE A 1 100 ? -4.098  10.855  6.586   1.00 32.23 ? 101 PHE A CZ  1 
ATOM   767 N N   . ILE A 1 101 ? -2.144  7.708   2.337   1.00 22.41 ? 102 ILE A N   1 
ATOM   768 C CA  . ILE A 1 101 ? -2.457  8.569   1.208   1.00 25.00 ? 102 ILE A CA  1 
ATOM   769 C C   . ILE A 1 101 ? -3.942  8.429   0.903   1.00 24.30 ? 102 ILE A C   1 
ATOM   770 O O   . ILE A 1 101 ? -4.538  7.376   1.101   1.00 23.69 ? 102 ILE A O   1 
ATOM   771 C CB  . ILE A 1 101 ? -1.596  8.227   -0.035  1.00 25.21 ? 102 ILE A CB  1 
ATOM   772 C CG1 . ILE A 1 101 ? -1.793  6.771   -0.482  1.00 25.45 ? 102 ILE A CG1 1 
ATOM   773 C CG2 . ILE A 1 101 ? -0.119  8.483   0.264   1.00 25.44 ? 102 ILE A CG2 1 
ATOM   774 C CD1 . ILE A 1 101 ? -0.883  6.326   -1.660  1.00 25.86 ? 102 ILE A CD1 1 
ATOM   775 N N   . VAL A 1 102 ? -4.563  9.508   0.459   1.00 25.38 ? 103 VAL A N   1 
ATOM   776 C CA  . VAL A 1 102 ? -6.003  9.486   0.265   1.00 27.43 ? 103 VAL A CA  1 
ATOM   777 C C   . VAL A 1 102 ? -6.339  9.650   -1.213  1.00 26.60 ? 103 VAL A C   1 
ATOM   778 O O   . VAL A 1 102 ? -5.631  10.339  -1.946  1.00 30.50 ? 103 VAL A O   1 
ATOM   779 C CB  . VAL A 1 102 ? -6.682  10.577  1.122   1.00 30.88 ? 103 VAL A CB  1 
ATOM   780 C CG1 . VAL A 1 102 ? -6.159  11.941  0.740   1.00 32.15 ? 103 VAL A CG1 1 
ATOM   781 C CG2 . VAL A 1 102 ? -8.212  10.512  1.005   1.00 31.90 ? 103 VAL A CG2 1 
ATOM   782 N N   . LYS A 1 103 ? -7.390  8.962   -1.645  1.00 25.32 ? 104 LYS A N   1 
ATOM   783 C CA  . LYS A 1 103 ? -7.884  9.060   -3.007  1.00 25.99 ? 104 LYS A CA  1 
ATOM   784 C C   . LYS A 1 103 ? -8.877  10.210  -3.090  1.00 27.27 ? 104 LYS A C   1 
ATOM   785 O O   . LYS A 1 103 ? -9.583  10.464  -2.117  1.00 31.06 ? 104 LYS A O   1 
ATOM   786 C CB  . LYS A 1 103 ? -8.562  7.773   -3.432  1.00 28.44 ? 104 LYS A CB  1 
ATOM   787 C CG  . LYS A 1 103 ? -7.666  6.558   -3.410  1.00 29.35 ? 104 LYS A CG  1 
ATOM   788 C CD  . LYS A 1 103 ? -8.502  5.326   -3.633  1.00 33.81 ? 104 LYS A CD  1 
ATOM   789 C CE  . LYS A 1 103 ? -7.693  4.081   -3.395  1.00 33.34 ? 104 LYS A CE  1 
ATOM   790 N NZ  . LYS A 1 103 ? -8.551  2.876   -3.576  1.00 33.27 ? 104 LYS A NZ  1 
ATOM   791 N N   . PRO A 1 104 ? -8.920  10.920  -4.229  1.00 25.84 ? 105 PRO A N   1 
ATOM   792 C CA  . PRO A 1 104 ? -8.034  10.790  -5.392  1.00 27.89 ? 105 PRO A CA  1 
ATOM   793 C C   . PRO A 1 104 ? -6.603  11.238  -5.075  1.00 24.58 ? 105 PRO A C   1 
ATOM   794 O O   . PRO A 1 104 ? -6.386  12.187  -4.318  1.00 26.07 ? 105 PRO A O   1 
ATOM   795 C CB  . PRO A 1 104 ? -8.696  11.700  -6.441  1.00 28.38 ? 105 PRO A CB  1 
ATOM   796 C CG  . PRO A 1 104 ? -9.430  12.706  -5.628  1.00 26.20 ? 105 PRO A CG  1 
ATOM   797 C CD  . PRO A 1 104 ? -9.953  11.954  -4.443  1.00 26.96 ? 105 PRO A CD  1 
ATOM   798 N N   . PHE A 1 105 ? -5.634  10.515  -5.628  1.00 24.68 ? 106 PHE A N   1 
ATOM   799 C CA  . PHE A 1 105 ? -4.238  10.698  -5.262  1.00 24.38 ? 106 PHE A CA  1 
ATOM   800 C C   . PHE A 1 105 ? -3.729  12.089  -5.608  1.00 29.73 ? 106 PHE A C   1 
ATOM   801 O O   . PHE A 1 105 ? -3.981  12.600  -6.703  1.00 30.65 ? 106 PHE A O   1 
ATOM   802 C CB  . PHE A 1 105 ? -3.349  9.652   -5.954  1.00 23.59 ? 106 PHE A CB  1 
ATOM   803 C CG  . PHE A 1 105 ? -3.714  8.230   -5.646  1.00 24.71 ? 106 PHE A CG  1 
ATOM   804 C CD1 . PHE A 1 105 ? -3.663  7.749   -4.346  1.00 26.78 ? 106 PHE A CD1 1 
ATOM   805 C CD2 . PHE A 1 105 ? -4.079  7.363   -6.663  1.00 25.70 ? 106 PHE A CD2 1 
ATOM   806 C CE1 . PHE A 1 105 ? -3.999  6.426   -4.068  1.00 27.08 ? 106 PHE A CE1 1 
ATOM   807 C CE2 . PHE A 1 105 ? -4.406  6.049   -6.394  1.00 27.03 ? 106 PHE A CE2 1 
ATOM   808 C CZ  . PHE A 1 105 ? -4.367  5.584   -5.094  1.00 29.21 ? 106 PHE A CZ  1 
ATOM   809 N N   . GLN A 1 106 ? -3.039  12.703  -4.656  1.00 30.52 ? 107 GLN A N   1 
ATOM   810 C CA  . GLN A 1 106 ? -2.324  13.951  -4.886  1.00 31.43 ? 107 GLN A CA  1 
ATOM   811 C C   . GLN A 1 106 ? -0.843  13.591  -5.017  1.00 30.43 ? 107 GLN A C   1 
ATOM   812 O O   . GLN A 1 106 ? -0.218  13.198  -4.037  1.00 31.82 ? 107 GLN A O   1 
ATOM   813 C CB  . GLN A 1 106 ? -2.546  14.944  -3.740  1.00 33.41 ? 107 GLN A CB  1 
ATOM   814 C CG  . GLN A 1 106 ? -3.995  15.076  -3.281  1.00 39.52 ? 107 GLN A CG  1 
ATOM   815 C CD  . GLN A 1 106 ? -4.221  16.287  -2.391  1.00 46.32 ? 107 GLN A CD  1 
ATOM   816 O OE1 . GLN A 1 106 ? -3.337  16.691  -1.634  1.00 51.15 ? 107 GLN A OE1 1 
ATOM   817 N NE2 . GLN A 1 106 ? -5.409  16.878  -2.484  1.00 50.27 ? 107 GLN A NE2 1 
ATOM   818 N N   . PRO A 1 107 ? -0.288  13.706  -6.235  1.00 30.22 ? 108 PRO A N   1 
ATOM   819 C CA  . PRO A 1 107 ? 1.086   13.265  -6.530  1.00 31.33 ? 108 PRO A CA  1 
ATOM   820 C C   . PRO A 1 107 ? 2.129   13.775  -5.534  1.00 31.98 ? 108 PRO A C   1 
ATOM   821 O O   . PRO A 1 107 ? 2.954   12.994  -5.082  1.00 35.91 ? 108 PRO A O   1 
ATOM   822 C CB  . PRO A 1 107 ? 1.335   13.840  -7.923  1.00 32.28 ? 108 PRO A CB  1 
ATOM   823 C CG  . PRO A 1 107 ? -0.019  13.852  -8.547  1.00 34.80 ? 108 PRO A CG  1 
ATOM   824 C CD  . PRO A 1 107 ? -0.956  14.245  -7.433  1.00 32.15 ? 108 PRO A CD  1 
ATOM   825 N N   . SER A 1 108 ? 2.080   15.055  -5.183  1.00 35.72 ? 109 SER A N   1 
ATOM   826 C CA  . SER A 1 108 ? 3.040   15.611  -4.232  1.00 36.96 ? 109 SER A CA  1 
ATOM   827 C C   . SER A 1 108 ? 3.003   14.876  -2.892  1.00 35.87 ? 109 SER A C   1 
ATOM   828 O O   . SER A 1 108 ? 4.046   14.595  -2.303  1.00 36.20 ? 109 SER A O   1 
ATOM   829 C CB  . SER A 1 108 ? 2.780   17.104  -4.018  1.00 37.57 ? 109 SER A CB  1 
ATOM   830 O OG  . SER A 1 108 ? 1.832   17.312  -2.985  1.00 41.57 ? 109 SER A OG  1 
ATOM   831 N N   . ARG A 1 109 ? 1.799   14.554  -2.423  1.00 36.15 ? 110 ARG A N   1 
ATOM   832 C CA  . ARG A 1 109 ? 1.635   13.849  -1.155  1.00 34.34 ? 110 ARG A CA  1 
ATOM   833 C C   . ARG A 1 109 ? 2.125   12.395  -1.212  1.00 31.68 ? 110 ARG A C   1 
ATOM   834 O O   . ARG A 1 109 ? 2.776   11.909  -0.288  1.00 34.75 ? 110 ARG A O   1 
ATOM   835 C CB  . ARG A 1 109 ? 0.171   13.897  -0.721  1.00 37.19 ? 110 ARG A CB  1 
ATOM   836 C CG  . ARG A 1 109 ? -0.317  15.297  -0.400  1.00 40.00 ? 110 ARG A CG  1 
ATOM   837 C CD  . ARG A 1 109 ? 0.470   15.913  0.757   1.00 43.86 ? 110 ARG A CD  1 
ATOM   838 N NE  . ARG A 1 109 ? 0.300   17.364  0.825   1.00 50.52 ? 110 ARG A NE  1 
ATOM   839 C CZ  . ARG A 1 109 ? 1.152   18.242  0.302   1.00 48.83 ? 110 ARG A CZ  1 
ATOM   840 N NH1 . ARG A 1 109 ? 2.240   17.818  -0.329  1.00 47.96 ? 110 ARG A NH1 1 
ATOM   841 N NH2 . ARG A 1 109 ? 0.917   19.546  0.406   1.00 53.92 ? 110 ARG A NH2 1 
ATOM   842 N N   . VAL A 1 110 ? 1.818   11.707  -2.304  1.00 32.08 ? 111 VAL A N   1 
ATOM   843 C CA  . VAL A 1 110 ? 2.273   10.340  -2.487  1.00 28.58 ? 111 VAL A CA  1 
ATOM   844 C C   . VAL A 1 110 ? 3.794   10.290  -2.501  1.00 31.87 ? 111 VAL A C   1 
ATOM   845 O O   . VAL A 1 110 ? 4.400   9.431   -1.858  1.00 29.90 ? 111 VAL A O   1 
ATOM   846 C CB  . VAL A 1 110 ? 1.706   9.732   -3.793  1.00 30.14 ? 111 VAL A CB  1 
ATOM   847 C CG1 . VAL A 1 110 ? 2.268   8.326   -4.036  1.00 27.38 ? 111 VAL A CG1 1 
ATOM   848 C CG2 . VAL A 1 110 ? 0.182   9.712   -3.742  1.00 28.68 ? 111 VAL A CG2 1 
ATOM   849 N N   . VAL A 1 111 ? 4.409   11.223  -3.224  1.00 30.56 ? 112 VAL A N   1 
ATOM   850 C CA  . VAL A 1 111 ? 5.863   11.294  -3.300  1.00 34.06 ? 112 VAL A CA  1 
ATOM   851 C C   . VAL A 1 111 ? 6.456   11.490  -1.904  1.00 34.67 ? 112 VAL A C   1 
ATOM   852 O O   . VAL A 1 111 ? 7.432   10.835  -1.532  1.00 33.89 ? 112 VAL A O   1 
ATOM   853 C CB  . VAL A 1 111 ? 6.322   12.430  -4.239  1.00 33.90 ? 112 VAL A CB  1 
ATOM   854 C CG1 . VAL A 1 111 ? 7.807   12.669  -4.099  1.00 35.36 ? 112 VAL A CG1 1 
ATOM   855 C CG2 . VAL A 1 111 ? 5.970   12.092  -5.676  1.00 34.24 ? 112 VAL A CG2 1 
ATOM   856 N N   . GLU A 1 112 ? 5.835   12.370  -1.129  1.00 35.63 ? 113 GLU A N   1 
ATOM   857 C CA  . GLU A 1 112 ? 6.275   12.648  0.229   1.00 38.32 ? 113 GLU A CA  1 
ATOM   858 C C   . GLU A 1 112 ? 6.214   11.412  1.127   1.00 36.00 ? 113 GLU A C   1 
ATOM   859 O O   . GLU A 1 112 ? 7.124   11.173  1.920   1.00 35.37 ? 113 GLU A O   1 
ATOM   860 C CB  . GLU A 1 112 ? 5.431   13.770  0.835   1.00 37.01 ? 113 GLU A CB  1 
ATOM   861 C CG  . GLU A 1 112 ? 5.912   14.236  2.194   1.00 41.23 ? 113 GLU A CG  1 
ATOM   862 C CD  . GLU A 1 112 ? 4.947   15.216  2.844   1.00 44.35 ? 113 GLU A CD  1 
ATOM   863 O OE1 . GLU A 1 112 ? 4.020   15.689  2.152   1.00 47.80 ? 113 GLU A OE1 1 
ATOM   864 O OE2 . GLU A 1 112 ? 5.112   15.506  4.049   1.00 53.15 ? 113 GLU A OE2 1 
ATOM   865 N N   . ALA A 1 113 ? 5.132   10.645  1.010   1.00 31.19 ? 114 ALA A N   1 
ATOM   866 C CA  . ALA A 1 113 ? 4.978   9.410   1.772   1.00 33.36 ? 114 ALA A CA  1 
ATOM   867 C C   . ALA A 1 113 ? 6.053   8.389   1.406   1.00 31.13 ? 114 ALA A C   1 
ATOM   868 O O   . ALA A 1 113 ? 6.603   7.726   2.278   1.00 28.67 ? 114 ALA A O   1 
ATOM   869 C CB  . ALA A 1 113 ? 3.590   8.813   1.550   1.00 29.82 ? 114 ALA A CB  1 
ATOM   870 N N   . LEU A 1 114 ? 6.335   8.259   0.111   1.00 31.63 ? 115 LEU A N   1 
ATOM   871 C CA  . LEU A 1 114 ? 7.349   7.323   -0.361  1.00 30.61 ? 115 LEU A CA  1 
ATOM   872 C C   . LEU A 1 114 ? 8.718   7.691   0.197   1.00 33.67 ? 115 LEU A C   1 
ATOM   873 O O   . LEU A 1 114 ? 9.432   6.836   0.719   1.00 30.49 ? 115 LEU A O   1 
ATOM   874 C CB  . LEU A 1 114 ? 7.397   7.289   -1.888  1.00 28.59 ? 115 LEU A CB  1 
ATOM   875 C CG  . LEU A 1 114 ? 6.181   6.651   -2.560  1.00 30.85 ? 115 LEU A CG  1 
ATOM   876 C CD1 . LEU A 1 114 ? 6.189   6.946   -4.061  1.00 31.53 ? 115 LEU A CD1 1 
ATOM   877 C CD2 . LEU A 1 114 ? 6.126   5.149   -2.294  1.00 27.93 ? 115 LEU A CD2 1 
ATOM   878 N N   . ASN A 1 115 ? 9.079   8.965   0.091   1.00 33.82 ? 116 ASN A N   1 
ATOM   879 C CA  . ASN A 1 115 ? 10.359  9.424   0.619   1.00 33.77 ? 116 ASN A CA  1 
ATOM   880 C C   . ASN A 1 115 ? 10.439  9.259   2.129   1.00 36.22 ? 116 ASN A C   1 
ATOM   881 O O   . ASN A 1 115 ? 11.447  8.786   2.650   1.00 37.62 ? 116 ASN A O   1 
ATOM   882 C CB  . ASN A 1 115 ? 10.612  10.880  0.229   1.00 37.01 ? 116 ASN A CB  1 
ATOM   883 C CG  . ASN A 1 115 ? 10.754  11.061  -1.266  1.00 35.18 ? 116 ASN A CG  1 
ATOM   884 O OD1 . ASN A 1 115 ? 11.064  10.112  -1.989  1.00 36.69 ? 116 ASN A OD1 1 
ATOM   885 N ND2 . ASN A 1 115 ? 10.535  12.285  -1.743  1.00 40.95 ? 116 ASN A ND2 1 
ATOM   886 N N   . LYS A 1 116 ? 9.373   9.628   2.829   1.00 34.28 ? 117 LYS A N   1 
ATOM   887 C CA  . LYS A 1 116 ? 9.340   9.528   4.289   1.00 38.36 ? 117 LYS A CA  1 
ATOM   888 C C   . LYS A 1 116 ? 9.549   8.100   4.780   1.00 39.19 ? 117 LYS A C   1 
ATOM   889 O O   . LYS A 1 116 ? 10.375  7.855   5.658   1.00 40.86 ? 117 LYS A O   1 
ATOM   890 C CB  . LYS A 1 116 ? 8.018   10.063  4.832   1.00 40.76 ? 117 LYS A CB  1 
ATOM   891 C CG  . LYS A 1 116 ? 8.145   11.390  5.554   1.00 46.65 ? 117 LYS A CG  1 
ATOM   892 C CD  . LYS A 1 116 ? 8.385   11.191  7.040   1.00 47.85 ? 117 LYS A CD  1 
ATOM   893 C CE  . LYS A 1 116 ? 7.242   10.431  7.694   1.00 49.55 ? 117 LYS A CE  1 
ATOM   894 N NZ  . LYS A 1 116 ? 7.402   10.377  9.178   1.00 52.52 ? 117 LYS A NZ  1 
ATOM   895 N N   . VAL A 1 117 ? 8.813   7.156   4.204   1.00 36.98 ? 118 VAL A N   1 
ATOM   896 C CA  . VAL A 1 117 ? 8.862   5.777   4.672   1.00 38.57 ? 118 VAL A CA  1 
ATOM   897 C C   . VAL A 1 117 ? 10.171  5.093   4.268   1.00 36.97 ? 118 VAL A C   1 
ATOM   898 O O   . VAL A 1 117 ? 10.548  4.063   4.831   1.00 41.33 ? 118 VAL A O   1 
ATOM   899 C CB  . VAL A 1 117 ? 7.653   4.970   4.145   1.00 37.25 ? 118 VAL A CB  1 
ATOM   900 C CG1 . VAL A 1 117 ? 7.906   4.474   2.720   1.00 36.79 ? 118 VAL A CG1 1 
ATOM   901 C CG2 . VAL A 1 117 ? 7.360   3.810   5.069   1.00 34.83 ? 118 VAL A CG2 1 
ATOM   902 N N   . SER A 1 118 ? 10.872  5.684   3.305   1.00 36.89 ? 119 SER A N   1 
ATOM   903 C CA  . SER A 1 118 ? 12.125  5.123   2.808   1.00 41.43 ? 119 SER A CA  1 
ATOM   904 C C   . SER A 1 118 ? 13.283  5.419   3.756   1.00 45.45 ? 119 SER A C   1 
ATOM   905 O O   . SER A 1 118 ? 13.833  6.521   3.749   1.00 50.24 ? 119 SER A O   1 
ATOM   906 C CB  . SER A 1 118 ? 12.443  5.673   1.415   1.00 41.45 ? 119 SER A CB  1 
ATOM   907 O OG  . SER A 1 118 ? 11.587  5.116   0.438   1.00 37.67 ? 119 SER A OG  1 
HETATM 908 O O   . HOH B 2 .   ? 4.617   -0.637  7.858   1.00 22.73 ? 201 HOH A O   1 
HETATM 909 O O   . HOH B 2 .   ? 2.511   -8.267  -10.176 1.00 27.94 ? 202 HOH A O   1 
HETATM 910 O O   . HOH B 2 .   ? 0.462   -8.590  12.845  1.00 30.07 ? 203 HOH A O   1 
HETATM 911 O O   . HOH B 2 .   ? -2.387  0.842   -3.107  1.00 22.52 ? 204 HOH A O   1 
HETATM 912 O O   . HOH B 2 .   ? 7.917   -3.533  3.138   1.00 27.32 ? 205 HOH A O   1 
HETATM 913 O O   . HOH B 2 .   ? -5.349  -2.334  14.791  1.00 31.44 ? 206 HOH A O   1 
HETATM 914 O O   . HOH B 2 .   ? -2.792  11.232  -2.185  1.00 31.91 ? 207 HOH A O   1 
HETATM 915 O O   . HOH B 2 .   ? 8.868   11.829  -14.644 1.00 32.85 ? 208 HOH A O   1 
HETATM 916 O O   . HOH B 2 .   ? 4.835   11.711  -9.513  1.00 34.15 ? 209 HOH A O   1 
HETATM 917 O O   . HOH B 2 .   ? -1.549  9.627   -11.823 1.00 33.94 ? 210 HOH A O   1 
HETATM 918 O O   . HOH B 2 .   ? -6.906  8.524   -7.628  1.00 32.88 ? 211 HOH A O   1 
HETATM 919 O O   . HOH B 2 .   ? -14.047 7.191   9.516   1.00 34.43 ? 212 HOH A O   1 
HETATM 920 O O   . HOH B 2 .   ? -3.458  -3.697  16.080  1.00 35.96 ? 213 HOH A O   1 
HETATM 921 O O   . HOH B 2 .   ? -2.710  12.044  0.518   1.00 32.49 ? 214 HOH A O   1 
HETATM 922 O O   . HOH B 2 .   ? 11.360  12.145  -10.755 1.00 40.28 ? 215 HOH A O   1 
HETATM 923 O O   . HOH B 2 .   ? 1.428   11.868  6.301   1.00 34.35 ? 216 HOH A O   1 
HETATM 924 O O   . HOH B 2 .   ? 9.151   -7.195  -10.370 1.00 34.26 ? 217 HOH A O   1 
HETATM 925 O O   . HOH B 2 .   ? -7.216  -0.979  16.965  0.50 37.46 ? 218 HOH A O   1 
HETATM 926 O O   . HOH B 2 .   ? -10.253 3.560   14.739  1.00 35.37 ? 219 HOH A O   1 
HETATM 927 O O   . HOH B 2 .   ? 2.844   2.704   12.860  1.00 37.95 ? 220 HOH A O   1 
HETATM 928 O O   . HOH B 2 .   ? 4.519   11.709  9.825   1.00 36.35 ? 221 HOH A O   1 
HETATM 929 O O   . HOH B 2 .   ? -8.402  -5.264  -10.523 1.00 36.30 ? 222 HOH A O   1 
HETATM 930 O O   . HOH B 2 .   ? 14.848  -0.395  -5.616  1.00 37.84 ? 223 HOH A O   1 
HETATM 931 O O   . HOH B 2 .   ? 10.914  -0.443  8.637   1.00 34.15 ? 224 HOH A O   1 
HETATM 932 O O   . HOH B 2 .   ? 7.776   -2.052  10.191  1.00 32.52 ? 225 HOH A O   1 
HETATM 933 O O   . HOH B 2 .   ? -9.610  8.997   -8.206  1.00 34.56 ? 226 HOH A O   1 
HETATM 934 O O   . HOH B 2 .   ? 12.389  -8.316  8.266   1.00 33.78 ? 227 HOH A O   1 
HETATM 935 O O   . HOH B 2 .   ? 0.520   3.167   -14.805 1.00 33.22 ? 228 HOH A O   1 
HETATM 936 O O   . HOH B 2 .   ? 7.970   0.944   -12.275 1.00 39.90 ? 229 HOH A O   1 
HETATM 937 O O   . HOH B 2 .   ? 12.051  -6.038  5.190   1.00 36.55 ? 230 HOH A O   1 
HETATM 938 O O   . HOH B 2 .   ? -15.520 6.514   2.414   1.00 37.35 ? 231 HOH A O   1 
HETATM 939 O O   . HOH B 2 .   ? 11.695  -2.178  3.533   1.00 34.14 ? 232 HOH A O   1 
HETATM 940 O O   . HOH B 2 .   ? -9.347  13.971  7.725   1.00 38.48 ? 233 HOH A O   1 
HETATM 941 O O   . HOH B 2 .   ? -1.644  -16.107 9.524   1.00 40.57 ? 234 HOH A O   1 
HETATM 942 O O   . HOH B 2 .   ? -10.573 -3.512  -11.450 1.00 35.92 ? 235 HOH A O   1 
HETATM 943 O O   . HOH B 2 .   ? -0.946  -0.739  -13.250 1.00 36.48 ? 236 HOH A O   1 
HETATM 944 O O   . HOH B 2 .   ? 5.424   -8.875  -10.274 1.00 35.48 ? 237 HOH A O   1 
HETATM 945 O O   . HOH B 2 .   ? 11.202  3.902   -12.245 1.00 40.95 ? 238 HOH A O   1 
HETATM 946 O O   . HOH B 2 .   ? -4.450  2.398   -3.959  1.00 32.40 ? 239 HOH A O   1 
HETATM 947 O O   . HOH B 2 .   ? -4.581  -11.047 9.987   1.00 37.65 ? 240 HOH A O   1 
HETATM 948 O O   . HOH B 2 .   ? -9.745  8.288   4.892   1.00 35.21 ? 241 HOH A O   1 
HETATM 949 O O   . HOH B 2 .   ? -11.975 8.315   -9.456  1.00 42.80 ? 242 HOH A O   1 
HETATM 950 O O   . HOH B 2 .   ? 4.845   -8.629  13.765  1.00 39.24 ? 243 HOH A O   1 
HETATM 951 O O   . HOH B 2 .   ? -13.153 -8.640  2.387   1.00 49.21 ? 244 HOH A O   1 
HETATM 952 O O   . HOH B 2 .   ? 5.370   -4.731  -12.089 1.00 37.52 ? 245 HOH A O   1 
HETATM 953 O O   . HOH B 2 .   ? 11.981  -5.070  2.112   1.00 37.11 ? 246 HOH A O   1 
HETATM 954 O O   . HOH B 2 .   ? 7.427   -4.380  13.784  1.00 40.85 ? 247 HOH A O   1 
HETATM 955 O O   . HOH B 2 .   ? 13.857  6.788   -1.304  1.00 39.84 ? 248 HOH A O   1 
HETATM 956 O O   . HOH B 2 .   ? 4.786   2.537   -15.644 1.00 42.94 ? 249 HOH A O   1 
HETATM 957 O O   . HOH B 2 .   ? 11.413  -10.055 -7.906  1.00 42.24 ? 250 HOH A O   1 
HETATM 958 O O   . HOH B 2 .   ? -7.850  -4.317  14.110  1.00 39.99 ? 251 HOH A O   1 
HETATM 959 O O   . HOH B 2 .   ? -0.278  -6.098  13.333  1.00 31.31 ? 252 HOH A O   1 
HETATM 960 O O   . HOH B 2 .   ? 0.589   17.235  -6.512  1.00 40.07 ? 253 HOH A O   1 
HETATM 961 O O   . HOH B 2 .   ? 4.426   11.664  4.492   1.00 39.15 ? 254 HOH A O   1 
HETATM 962 O O   . HOH B 2 .   ? 16.075  6.238   5.244   1.00 54.41 ? 255 HOH A O   1 
HETATM 963 O O   . HOH B 2 .   ? 2.645   4.348   -15.938 1.00 38.32 ? 256 HOH A O   1 
HETATM 964 O O   . HOH B 2 .   ? -7.005  -10.920 11.153  1.00 45.52 ? 257 HOH A O   1 
HETATM 965 O O   . HOH B 2 .   ? 13.456  9.064   -6.296  1.00 39.78 ? 258 HOH A O   1 
HETATM 966 O O   . HOH B 2 .   ? 9.904   1.724   -13.907 1.00 43.64 ? 259 HOH A O   1 
HETATM 967 O O   . HOH B 2 .   ? 3.198   -4.209  -12.168 1.00 38.00 ? 260 HOH A O   1 
HETATM 968 O O   . HOH B 2 .   ? 13.822  -4.715  -3.174  1.00 36.84 ? 261 HOH A O   1 
HETATM 969 O O   . HOH B 2 .   ? 1.345   -14.076 8.839   1.00 36.04 ? 262 HOH A O   1 
HETATM 970 O O   . HOH B 2 .   ? 2.640   -9.358  14.513  1.00 36.91 ? 263 HOH A O   1 
HETATM 971 O O   . HOH B 2 .   ? -2.687  11.921  -10.930 1.00 39.94 ? 264 HOH A O   1 
HETATM 972 O O   . HOH B 2 .   ? -11.778 8.600   -3.925  1.00 38.84 ? 265 HOH A O   1 
HETATM 973 O O   . HOH B 2 .   ? -9.925  14.083  9.990   1.00 39.79 ? 266 HOH A O   1 
HETATM 974 O O   . HOH B 2 .   ? 2.462   12.017  -11.420 1.00 39.08 ? 267 HOH A O   1 
HETATM 975 O O   . HOH B 2 .   ? -10.767 6.129   15.565  1.00 37.95 ? 268 HOH A O   1 
HETATM 976 O O   . HOH B 2 .   ? -13.179 5.650   16.405  0.50 38.95 ? 269 HOH A O   1 
HETATM 977 O O   . HOH B 2 .   ? 6.449   -2.143  -13.290 1.00 40.28 ? 270 HOH A O   1 
HETATM 978 O O   . HOH B 2 .   ? -8.896  11.296  5.099   1.00 43.76 ? 271 HOH A O   1 
HETATM 979 O O   . HOH B 2 .   ? 4.639   -10.590 -9.123  1.00 37.83 ? 272 HOH A O   1 
HETATM 980 O O   . HOH B 2 .   ? 13.493  -9.602  -5.704  1.00 42.53 ? 273 HOH A O   1 
HETATM 981 O O   . HOH B 2 .   ? 13.565  -1.539  2.467   1.00 41.65 ? 274 HOH A O   1 
HETATM 982 O O   . HOH B 2 .   ? 9.186   13.379  2.395   1.00 40.92 ? 275 HOH A O   1 
HETATM 983 O O   . HOH B 2 .   ? -5.138  -15.245 8.419   1.00 40.67 ? 276 HOH A O   1 
HETATM 984 O O   . HOH B 2 .   ? 2.748   4.914   -18.466 1.00 38.84 ? 277 HOH A O   1 
HETATM 985 O O   . HOH B 2 .   ? -0.632  0.525   -15.759 1.00 37.78 ? 278 HOH A O   1 
HETATM 986 O O   . HOH B 2 .   ? 10.424  -12.619 -6.859  1.00 35.35 ? 279 HOH A O   1 
HETATM 987 O O   . HOH B 2 .   ? 5.906   -2.070  14.025  1.00 39.97 ? 280 HOH A O   1 
HETATM 988 O O   . HOH B 2 .   ? -11.605 9.193   -6.228  1.00 36.16 ? 281 HOH A O   1 
HETATM 989 O O   . HOH B 2 .   ? 15.759  2.308   1.539   1.00 52.34 ? 282 HOH A O   1 
HETATM 990 O O   . HOH B 2 .   ? 13.553  -5.150  -0.066  1.00 38.93 ? 283 HOH A O   1 
HETATM 991 O O   . HOH B 2 .   ? -1.860  -5.624  15.389  1.00 37.36 ? 284 HOH A O   1 
HETATM 992 O O   . HOH B 2 .   ? 4.819   -15.568 17.412  1.00 53.83 ? 285 HOH A O   1 
HETATM 993 O O   . HOH B 2 .   ? -6.782  13.420  -2.131  1.00 35.52 ? 286 HOH A O   1 
HETATM 994 O O   . HOH B 2 .   ? -7.143  -5.807  16.194  1.00 41.32 ? 287 HOH A O   1 
HETATM 995 O O   . HOH B 2 .   ? 6.980   -14.597 10.415  1.00 35.70 ? 288 HOH A O   1 
# 
